data_7L31
#
_entry.id   7L31
#
_cell.length_a   1.00
_cell.length_b   1.00
_cell.length_c   1.00
_cell.angle_alpha   90.00
_cell.angle_beta   90.00
_cell.angle_gamma   90.00
#
_symmetry.space_group_name_H-M   'P 1'
#
loop_
_entity.id
_entity.type
_entity.pdbx_description
1 polymer 'Glycine receptor subunit alpha-2'
2 polymer 'Glycine receptor subunit beta,Green fluorescent protein'
3 non-polymer 2-acetamido-2-deoxy-beta-D-glucopyranose
4 non-polymer STRYCHNINE
#
loop_
_entity_poly.entity_id
_entity_poly.type
_entity_poly.pdbx_seq_one_letter_code
_entity_poly.pdbx_strand_id
1 'polypeptide(L)'
;KDHDSRSGKQPSQTLSPSDFLDKLMGRTSGYDARIRPNFKGPPVNVTCNIFINSFGSVTETTMDYRVNIFLRQQWNDSRL
AYSEYPDDSLDLDPSMLDSIWKPDLFFANEKGANFHDVTTDNKLLRISKNGKVLYSIRLTLTLSCPMDLKNFPMDVQTCT
MQLESFGYTMNDLIFEWLSDGPVQVAEGLTLPQFILKEEKELGYCTKHYNTGKFTCIEVKFHLERQMGYYLIQMYIPSLL
IVILSWVSFWINMDAAPARVALGITTVLTMTTQSSGSRASLPKVSYVKAIDIWMAVCLLFVFAALLEYAAVNFVSRGSSG
KKFVDRAKRIDTISRAAFPLAFLIFNIFYWITYKIIRHEDVHKK
;
A,B,C,D
2 'polypeptide(L)'
;GVAMPGAEDDVVAALEVLFQGPKSSKKGKGKKKQYLCPSQQSAEDLARVPANSTSNILNRLLVSYDPRIRPNFKGIPVDV
VVNIFINSFGSIQETTMDYRVNIFLRQKWNDPRLKLPSDFRGSDALTVDPTMYKCLWKPDLFFANEKSANFHDVTQENIL
LFIFRDGDVLVSMRLSITLSCPLDLTLFPMDTQRCKMQLESFGYTTDDLRFIWQSGDPVQLEKIALPQFDIKKEDIEYGN
CTKYYKGTGYYTCVEVIFTLRRQVGFYMMGVYAPTLLIVVLSWLSFWINPDASAARVPLGIFSVLSLASECTTLAAELPK
VSYVKALDVWLIACLLFGFASLVEYAVVQVMLNGGSSAAAVSKGEELFTGVVPILVELDGDVNGHKFSVSGEGEGDATYG
KLTLKFICTTGKLPVPWPTLVTTLTYGVQCFSRYPDHMKQHDFFKSAMPEGYVQERTIFFKDDGNYKTRAEVKFEGDTLV
NRIELKGIDFKEDGNILGHKLEYNYNSHNVYIMADKQKNGIKVNFKIRHNIEDGSVQLADHYQQNTPIGDGPVLLPDNHY
LSTQSKLSKDPNEKRDHMVLLEFVTAAGITLGMDELYKSGSGSGVGETRCKKVCTSKSDLRSNDFSIVGSLPRDFELSNY
DCYGKPIEVNNGLGKSQAKNNKKPPPAKPVIPTAAKRIDLYARALFPFCFLFFNVIYWSIYL
;
E
#
loop_
_chem_comp.id
_chem_comp.type
_chem_comp.name
_chem_comp.formula
NAG D-saccharide, beta linking 2-acetamido-2-deoxy-beta-D-glucopyranose 'C8 H15 N O6'
SY9 non-polymer STRYCHNINE 'C21 H22 N2 O2'
#
# COMPACT_ATOMS: atom_id res chain seq x y z
N LEU A 15 -23.36 37.55 -31.91
CA LEU A 15 -23.28 38.51 -30.81
C LEU A 15 -22.47 37.92 -29.66
N SER A 16 -23.13 37.15 -28.81
CA SER A 16 -22.46 36.48 -27.72
C SER A 16 -21.51 35.41 -28.25
N PRO A 17 -20.42 35.11 -27.53
CA PRO A 17 -19.48 34.09 -28.02
C PRO A 17 -20.08 32.70 -28.13
N SER A 18 -21.04 32.35 -27.28
CA SER A 18 -21.72 31.07 -27.41
C SER A 18 -22.58 30.99 -28.67
N ASP A 19 -22.99 32.13 -29.21
CA ASP A 19 -23.69 32.17 -30.49
C ASP A 19 -22.73 32.26 -31.67
N PHE A 20 -21.65 33.03 -31.52
CA PHE A 20 -20.70 33.17 -32.63
C PHE A 20 -19.92 31.89 -32.88
N LEU A 21 -19.57 31.15 -31.83
CA LEU A 21 -18.90 29.88 -32.04
C LEU A 21 -19.81 28.87 -32.71
N ASP A 22 -21.11 28.90 -32.40
CA ASP A 22 -22.05 28.05 -33.11
C ASP A 22 -22.23 28.49 -34.55
N LYS A 23 -22.08 29.79 -34.82
CA LYS A 23 -22.08 30.24 -36.21
C LYS A 23 -20.80 29.83 -36.93
N LEU A 24 -19.71 29.66 -36.20
CA LEU A 24 -18.40 29.40 -36.79
C LEU A 24 -18.12 27.91 -37.02
N MET A 25 -18.57 27.03 -36.12
CA MET A 25 -18.19 25.62 -36.19
C MET A 25 -19.39 24.71 -35.97
N GLY A 26 -20.59 25.29 -35.97
CA GLY A 26 -21.80 24.53 -35.72
C GLY A 26 -22.21 23.68 -36.91
N ARG A 27 -23.47 23.22 -36.86
CA ARG A 27 -23.99 22.39 -37.95
C ARG A 27 -24.22 23.21 -39.21
N THR A 28 -24.39 24.52 -39.07
CA THR A 28 -24.58 25.38 -40.23
C THR A 28 -23.28 25.55 -41.00
N SER A 29 -22.24 26.03 -40.33
CA SER A 29 -20.95 26.22 -40.98
C SER A 29 -20.29 24.87 -41.25
N GLY A 30 -19.42 24.85 -42.25
CA GLY A 30 -18.76 23.62 -42.63
C GLY A 30 -17.48 23.37 -41.85
N TYR A 31 -17.57 22.54 -40.81
CA TYR A 31 -16.40 22.22 -39.99
C TYR A 31 -16.50 20.76 -39.57
N ASP A 32 -15.87 19.89 -40.35
CA ASP A 32 -15.80 18.47 -39.98
C ASP A 32 -14.81 18.34 -38.83
N ALA A 33 -15.31 17.98 -37.65
CA ALA A 33 -14.53 18.04 -36.43
C ALA A 33 -13.41 17.01 -36.39
N ARG A 34 -13.55 15.89 -37.09
CA ARG A 34 -12.55 14.83 -37.06
C ARG A 34 -11.73 14.77 -38.35
N ILE A 35 -11.58 15.89 -39.04
CA ILE A 35 -10.71 16.02 -40.20
C ILE A 35 -9.66 17.07 -39.87
N ARG A 36 -8.39 16.71 -40.04
CA ARG A 36 -7.29 17.58 -39.67
C ARG A 36 -7.28 18.84 -40.55
N PRO A 37 -6.75 19.94 -40.05
CA PRO A 37 -6.61 21.13 -40.89
C PRO A 37 -5.62 20.91 -42.02
N ASN A 38 -5.81 21.69 -43.09
CA ASN A 38 -5.02 21.59 -44.32
C ASN A 38 -5.05 20.15 -44.86
N PHE A 39 -6.26 19.64 -45.04
CA PHE A 39 -6.44 18.27 -45.51
C PHE A 39 -5.97 18.14 -46.95
N LYS A 40 -5.41 16.96 -47.26
CA LYS A 40 -4.76 16.67 -48.55
C LYS A 40 -3.67 17.68 -48.86
N GLY A 41 -2.93 18.08 -47.83
CA GLY A 41 -1.92 19.10 -47.97
C GLY A 41 -0.79 18.96 -46.98
N PRO A 42 -0.18 20.08 -46.61
CA PRO A 42 0.95 20.05 -45.67
C PRO A 42 0.51 19.65 -44.27
N PRO A 43 1.42 19.11 -43.46
CA PRO A 43 1.03 18.69 -42.11
C PRO A 43 0.94 19.84 -41.14
N VAL A 44 0.07 19.67 -40.14
CA VAL A 44 -0.13 20.70 -39.12
C VAL A 44 1.04 20.66 -38.13
N ASN A 45 1.57 21.83 -37.80
CA ASN A 45 2.69 21.96 -36.86
C ASN A 45 2.13 22.27 -35.48
N VAL A 46 2.18 21.29 -34.59
CA VAL A 46 1.72 21.47 -33.22
C VAL A 46 2.91 21.88 -32.36
N THR A 47 2.87 23.12 -31.87
CA THR A 47 3.91 23.64 -30.99
C THR A 47 3.52 23.32 -29.56
N CYS A 48 4.28 22.42 -28.94
CA CYS A 48 3.91 21.81 -27.67
C CYS A 48 4.91 22.17 -26.59
N ASN A 49 4.41 22.45 -25.38
CA ASN A 49 5.27 22.60 -24.23
C ASN A 49 4.52 22.16 -22.98
N ILE A 50 5.29 21.85 -21.93
CA ILE A 50 4.72 21.39 -20.68
C ILE A 50 5.14 22.34 -19.57
N PHE A 51 4.63 22.09 -18.36
CA PHE A 51 5.01 22.87 -17.18
C PHE A 51 4.76 21.97 -15.98
N ILE A 52 5.82 21.39 -15.43
CA ILE A 52 5.65 20.38 -14.39
C ILE A 52 5.44 21.07 -13.05
N ASN A 53 4.35 20.74 -12.37
CA ASN A 53 4.07 21.27 -11.04
C ASN A 53 4.72 20.42 -9.97
N SER A 54 4.38 19.14 -9.93
CA SER A 54 4.92 18.21 -8.95
C SER A 54 5.74 17.14 -9.64
N PHE A 55 6.59 16.49 -8.86
CA PHE A 55 7.46 15.42 -9.36
C PHE A 55 7.84 14.59 -8.15
N GLY A 56 7.33 13.37 -8.07
CA GLY A 56 7.59 12.58 -6.89
C GLY A 56 7.22 11.13 -7.10
N SER A 57 7.36 10.36 -6.01
CA SER A 57 7.06 8.93 -5.98
C SER A 57 7.85 8.16 -7.03
N VAL A 58 9.14 8.51 -7.18
CA VAL A 58 10.04 7.78 -8.06
C VAL A 58 10.43 6.50 -7.34
N THR A 59 9.74 5.40 -7.64
CA THR A 59 9.92 4.15 -6.91
C THR A 59 10.77 3.18 -7.71
N GLU A 60 11.50 2.34 -7.00
CA GLU A 60 12.34 1.30 -7.58
C GLU A 60 11.68 -0.07 -7.53
N THR A 61 10.40 -0.14 -7.14
CA THR A 61 9.67 -1.38 -7.12
C THR A 61 8.75 -1.56 -8.32
N THR A 62 8.33 -0.48 -8.97
CA THR A 62 7.54 -0.56 -10.18
C THR A 62 8.16 0.22 -11.34
N MET A 63 9.28 0.91 -11.10
CA MET A 63 10.07 1.60 -12.14
C MET A 63 9.27 2.69 -12.83
N ASP A 64 8.65 3.55 -12.04
CA ASP A 64 7.85 4.63 -12.60
C ASP A 64 7.77 5.79 -11.63
N TYR A 65 7.81 7.00 -12.17
CA TYR A 65 7.60 8.21 -11.39
C TYR A 65 6.25 8.81 -11.72
N ARG A 66 5.78 9.70 -10.84
CA ARG A 66 4.49 10.35 -11.03
C ARG A 66 4.72 11.84 -11.18
N VAL A 67 4.22 12.39 -12.29
CA VAL A 67 4.38 13.81 -12.59
C VAL A 67 2.99 14.41 -12.69
N ASN A 68 2.90 15.73 -12.52
CA ASN A 68 1.62 16.44 -12.57
C ASN A 68 1.85 17.73 -13.36
N ILE A 69 1.42 17.75 -14.61
CA ILE A 69 1.85 18.78 -15.55
C ILE A 69 0.67 19.64 -15.99
N PHE A 70 0.99 20.85 -16.40
CA PHE A 70 0.20 21.60 -17.36
C PHE A 70 0.75 21.28 -18.74
N LEU A 71 -0.13 21.21 -19.73
CA LEU A 71 0.29 20.82 -21.07
C LEU A 71 -0.38 21.77 -22.07
N ARG A 72 0.41 22.66 -22.66
CA ARG A 72 -0.10 23.59 -23.67
C ARG A 72 0.35 23.15 -25.05
N GLN A 73 -0.59 23.04 -25.97
CA GLN A 73 -0.28 22.77 -27.36
C GLN A 73 -1.09 23.71 -28.23
N GLN A 74 -0.41 24.38 -29.16
CA GLN A 74 -1.01 25.46 -29.94
C GLN A 74 -0.69 25.29 -31.40
N TRP A 75 -1.73 25.17 -32.22
CA TRP A 75 -1.57 24.98 -33.65
C TRP A 75 -2.36 26.06 -34.37
N ASN A 76 -2.41 25.97 -35.70
CA ASN A 76 -3.13 26.94 -36.50
C ASN A 76 -4.02 26.22 -37.52
N ASP A 77 -5.15 26.83 -37.85
CA ASP A 77 -6.04 26.33 -38.87
C ASP A 77 -6.82 27.48 -39.47
N SER A 78 -6.82 27.57 -40.80
CA SER A 78 -7.53 28.64 -41.47
C SER A 78 -9.04 28.47 -41.43
N ARG A 79 -9.54 27.30 -41.03
CA ARG A 79 -10.97 27.05 -40.99
C ARG A 79 -11.66 27.69 -39.80
N LEU A 80 -10.93 28.40 -38.94
CA LEU A 80 -11.51 29.09 -37.79
C LEU A 80 -11.17 30.58 -37.79
N ALA A 81 -10.73 31.11 -38.93
CA ALA A 81 -10.45 32.54 -39.01
C ALA A 81 -11.74 33.33 -39.04
N TYR A 82 -11.79 34.41 -38.28
CA TYR A 82 -12.99 35.23 -38.16
C TYR A 82 -12.61 36.69 -38.01
N SER A 83 -13.46 37.57 -38.54
CA SER A 83 -13.28 39.01 -38.40
C SER A 83 -14.61 39.71 -38.17
N GLU A 84 -15.46 39.14 -37.32
CA GLU A 84 -16.79 39.70 -37.11
C GLU A 84 -16.80 40.78 -36.03
N TYR A 85 -16.43 40.43 -34.81
CA TYR A 85 -16.49 41.36 -33.70
C TYR A 85 -15.20 41.27 -32.90
N PRO A 86 -14.73 42.40 -32.29
CA PRO A 86 -13.30 42.52 -31.96
C PRO A 86 -12.80 41.70 -30.77
N ASP A 87 -13.57 40.74 -30.27
CA ASP A 87 -13.03 39.82 -29.28
C ASP A 87 -11.98 38.94 -29.93
N ASP A 88 -10.71 39.23 -29.63
CA ASP A 88 -9.59 38.57 -30.28
C ASP A 88 -9.21 37.23 -29.63
N SER A 89 -10.06 36.69 -28.75
CA SER A 89 -9.81 35.39 -28.15
C SER A 89 -11.16 34.81 -27.72
N LEU A 90 -11.69 33.90 -28.53
CA LEU A 90 -12.94 33.22 -28.19
C LEU A 90 -12.63 32.10 -27.21
N ASP A 91 -12.87 32.34 -25.93
CA ASP A 91 -12.63 31.33 -24.90
C ASP A 91 -13.71 30.28 -25.00
N LEU A 92 -13.45 29.21 -25.75
CA LEU A 92 -14.41 28.12 -25.85
C LEU A 92 -14.40 27.31 -24.56
N ASP A 93 -15.59 27.04 -24.05
CA ASP A 93 -15.75 26.27 -22.82
C ASP A 93 -15.46 24.79 -23.08
N PRO A 94 -14.99 24.06 -22.08
CA PRO A 94 -14.75 22.62 -22.24
C PRO A 94 -16.01 21.77 -22.28
N SER A 95 -17.20 22.37 -22.30
CA SER A 95 -18.41 21.57 -22.48
C SER A 95 -18.57 21.13 -23.92
N MET A 96 -18.56 22.07 -24.86
CA MET A 96 -18.58 21.75 -26.28
C MET A 96 -17.17 21.71 -26.86
N LEU A 97 -16.35 20.87 -26.24
CA LEU A 97 -14.97 20.69 -26.68
C LEU A 97 -14.83 19.63 -27.75
N ASP A 98 -15.83 18.77 -27.93
CA ASP A 98 -15.78 17.69 -28.92
C ASP A 98 -16.19 18.14 -30.31
N SER A 99 -16.26 19.45 -30.57
CA SER A 99 -16.60 19.97 -31.88
C SER A 99 -15.44 20.70 -32.53
N ILE A 100 -14.22 20.51 -32.03
CA ILE A 100 -13.03 21.14 -32.57
C ILE A 100 -11.96 20.07 -32.71
N TRP A 101 -11.30 20.03 -33.88
CA TRP A 101 -10.18 19.12 -34.07
C TRP A 101 -9.06 19.45 -33.10
N LYS A 102 -8.69 18.46 -32.30
CA LYS A 102 -7.55 18.54 -31.40
C LYS A 102 -6.61 17.37 -31.66
N PRO A 103 -5.30 17.57 -31.56
CA PRO A 103 -4.36 16.50 -31.94
C PRO A 103 -4.38 15.36 -30.94
N ASP A 104 -4.56 14.16 -31.45
CA ASP A 104 -4.65 12.96 -30.61
C ASP A 104 -3.26 12.60 -30.12
N LEU A 105 -2.80 13.28 -29.08
CA LEU A 105 -1.52 13.05 -28.45
C LEU A 105 -1.67 12.01 -27.37
N PHE A 106 -0.62 11.20 -27.18
CA PHE A 106 -0.61 10.26 -26.07
C PHE A 106 0.84 10.03 -25.66
N PHE A 107 1.02 9.73 -24.38
CA PHE A 107 2.34 9.60 -23.79
C PHE A 107 2.81 8.16 -23.93
N ALA A 108 3.87 7.96 -24.70
CA ALA A 108 4.29 6.62 -25.12
C ALA A 108 4.91 5.79 -24.03
N ASN A 109 4.98 6.20 -22.77
CA ASN A 109 5.53 5.33 -21.74
C ASN A 109 4.77 5.39 -20.43
N GLU A 110 3.54 5.92 -20.43
CA GLU A 110 2.79 6.04 -19.19
C GLU A 110 2.33 4.69 -18.69
N LYS A 111 1.93 4.65 -17.42
CA LYS A 111 1.34 3.46 -16.82
C LYS A 111 -0.02 3.77 -16.21
N GLY A 112 -0.62 4.88 -16.62
CA GLY A 112 -1.90 5.32 -16.07
C GLY A 112 -1.87 6.81 -15.82
N ALA A 113 -2.84 7.53 -16.38
CA ALA A 113 -2.82 8.99 -16.29
C ALA A 113 -4.23 9.51 -16.44
N ASN A 114 -4.53 10.58 -15.72
CA ASN A 114 -5.89 11.10 -15.65
C ASN A 114 -5.90 12.62 -15.73
N PHE A 115 -7.09 13.17 -15.92
CA PHE A 115 -7.31 14.60 -15.96
C PHE A 115 -7.59 15.11 -14.55
N HIS A 116 -7.88 16.40 -14.44
CA HIS A 116 -8.35 17.00 -13.20
C HIS A 116 -9.67 17.69 -13.47
N ASP A 117 -10.65 17.46 -12.61
CA ASP A 117 -11.99 17.99 -12.80
C ASP A 117 -12.53 18.58 -11.50
N VAL A 118 -11.73 19.42 -10.84
CA VAL A 118 -12.14 20.03 -9.59
C VAL A 118 -12.80 21.40 -9.87
N THR A 119 -14.07 21.50 -9.47
CA THR A 119 -14.91 22.70 -9.47
C THR A 119 -15.30 23.15 -10.88
N THR A 120 -14.63 22.59 -11.90
CA THR A 120 -14.77 22.88 -13.31
C THR A 120 -13.78 21.94 -13.98
N ASP A 121 -14.04 21.49 -15.22
CA ASP A 121 -13.03 20.77 -15.96
C ASP A 121 -11.80 21.65 -16.18
N ASN A 122 -10.63 21.10 -15.94
CA ASN A 122 -9.39 21.86 -16.02
C ASN A 122 -8.79 21.83 -17.42
N LYS A 123 -9.60 22.19 -18.41
CA LYS A 123 -9.15 22.34 -19.78
C LYS A 123 -9.37 23.78 -20.22
N LEU A 124 -8.76 24.14 -21.34
CA LEU A 124 -8.92 25.46 -21.91
C LEU A 124 -8.63 25.38 -23.39
N LEU A 125 -9.47 26.03 -24.20
CA LEU A 125 -9.33 26.01 -25.66
C LEU A 125 -9.65 27.41 -26.18
N ARG A 126 -8.62 28.20 -26.41
CA ARG A 126 -8.78 29.60 -26.82
C ARG A 126 -8.40 29.75 -28.29
N ILE A 127 -9.34 30.26 -29.09
CA ILE A 127 -9.10 30.49 -30.51
C ILE A 127 -8.70 31.95 -30.70
N SER A 128 -7.56 32.16 -31.34
CA SER A 128 -7.08 33.51 -31.60
C SER A 128 -7.72 34.05 -32.88
N LYS A 129 -7.22 35.19 -33.36
CA LYS A 129 -7.84 35.85 -34.51
C LYS A 129 -7.53 35.15 -35.81
N ASN A 130 -6.27 34.79 -36.03
CA ASN A 130 -5.83 34.14 -37.26
C ASN A 130 -5.95 32.62 -37.19
N GLY A 131 -6.79 32.10 -36.30
CA GLY A 131 -6.89 30.67 -36.12
C GLY A 131 -5.82 30.06 -35.27
N LYS A 132 -4.99 30.87 -34.60
CA LYS A 132 -3.90 30.35 -33.78
C LYS A 132 -4.51 29.80 -32.49
N VAL A 133 -5.01 28.58 -32.60
CA VAL A 133 -5.77 27.97 -31.52
C VAL A 133 -4.81 27.38 -30.50
N LEU A 134 -5.12 27.59 -29.22
CA LEU A 134 -4.29 27.17 -28.09
C LEU A 134 -5.12 26.26 -27.20
N TYR A 135 -4.49 25.21 -26.66
CA TYR A 135 -5.20 24.18 -25.91
C TYR A 135 -4.34 23.82 -24.70
N SER A 136 -4.85 24.11 -23.50
CA SER A 136 -4.12 23.90 -22.26
C SER A 136 -4.89 22.92 -21.40
N ILE A 137 -4.29 21.77 -21.13
CA ILE A 137 -4.87 20.79 -20.23
C ILE A 137 -4.00 20.67 -18.99
N ARG A 138 -4.49 19.90 -18.02
CA ARG A 138 -3.75 19.66 -16.79
C ARG A 138 -3.87 18.17 -16.48
N LEU A 139 -2.75 17.46 -16.53
CA LEU A 139 -2.76 16.01 -16.42
C LEU A 139 -1.96 15.56 -15.21
N THR A 140 -2.28 14.35 -14.73
CA THR A 140 -1.48 13.66 -13.73
C THR A 140 -1.09 12.31 -14.30
N LEU A 141 0.20 12.09 -14.47
CA LEU A 141 0.72 10.92 -15.15
C LEU A 141 1.58 10.08 -14.22
N THR A 142 1.68 8.79 -14.54
CA THR A 142 2.61 7.89 -13.90
C THR A 142 3.44 7.32 -15.04
N LEU A 143 4.52 8.01 -15.37
CA LEU A 143 5.35 7.63 -16.51
C LEU A 143 6.35 6.57 -16.10
N SER A 144 6.47 5.51 -16.91
CA SER A 144 7.44 4.49 -16.62
C SER A 144 8.85 4.97 -16.93
N CYS A 145 9.81 4.45 -16.19
CA CYS A 145 11.20 4.85 -16.34
C CYS A 145 12.09 3.69 -15.94
N PRO A 146 12.82 3.09 -16.88
CA PRO A 146 13.72 1.99 -16.51
C PRO A 146 14.90 2.49 -15.70
N MET A 147 14.86 2.23 -14.40
CA MET A 147 15.89 2.72 -13.50
C MET A 147 17.00 1.69 -13.36
N ASP A 148 18.24 2.16 -13.45
CA ASP A 148 19.41 1.29 -13.34
C ASP A 148 20.04 1.53 -11.99
N LEU A 149 20.08 0.48 -11.17
CA LEU A 149 20.65 0.53 -9.82
C LEU A 149 21.88 -0.36 -9.72
N LYS A 150 22.72 -0.33 -10.74
CA LYS A 150 23.97 -1.08 -10.70
C LYS A 150 24.94 -0.48 -9.68
N ASN A 151 24.87 0.83 -9.48
CA ASN A 151 25.66 1.53 -8.47
C ASN A 151 24.67 2.37 -7.68
N PHE A 152 24.23 1.86 -6.52
CA PHE A 152 23.01 2.40 -5.89
C PHE A 152 23.18 3.82 -5.36
N PRO A 153 24.00 4.09 -4.34
CA PRO A 153 23.91 5.42 -3.71
C PRO A 153 24.62 6.52 -4.49
N MET A 154 25.23 6.20 -5.63
CA MET A 154 26.04 7.14 -6.41
C MET A 154 25.66 6.92 -7.88
N ASP A 155 24.59 7.54 -8.34
CA ASP A 155 24.11 7.26 -9.69
C ASP A 155 23.32 8.44 -10.23
N VAL A 156 23.06 8.40 -11.53
CA VAL A 156 22.14 9.30 -12.20
C VAL A 156 21.04 8.48 -12.83
N GLN A 157 19.86 9.08 -12.94
CA GLN A 157 18.74 8.48 -13.64
C GLN A 157 18.35 9.36 -14.82
N THR A 158 17.90 8.72 -15.89
CA THR A 158 17.57 9.44 -17.11
C THR A 158 16.09 9.19 -17.37
N CYS A 159 15.29 9.39 -16.33
CA CYS A 159 13.84 9.28 -16.44
C CYS A 159 13.31 10.29 -17.44
N THR A 160 12.75 9.79 -18.53
CA THR A 160 12.38 10.60 -19.68
C THR A 160 10.86 10.73 -19.78
N MET A 161 10.41 11.41 -20.83
CA MET A 161 9.00 11.73 -20.99
C MET A 161 8.74 12.03 -22.46
N GLN A 162 7.92 11.21 -23.12
CA GLN A 162 7.74 11.26 -24.57
C GLN A 162 6.29 11.58 -24.91
N LEU A 163 6.08 12.65 -25.67
CA LEU A 163 4.78 13.01 -26.22
C LEU A 163 4.78 12.63 -27.70
N GLU A 164 3.93 11.70 -28.09
CA GLU A 164 3.91 11.24 -29.47
C GLU A 164 2.49 11.06 -29.95
N SER A 165 2.32 11.03 -31.26
CA SER A 165 1.00 11.01 -31.87
C SER A 165 0.45 9.59 -31.97
N PHE A 166 -0.86 9.51 -32.12
CA PHE A 166 -1.59 8.25 -32.22
C PHE A 166 -2.33 8.22 -33.55
N GLY A 167 -1.97 7.28 -34.40
CA GLY A 167 -2.67 7.08 -35.66
C GLY A 167 -2.34 8.06 -36.76
N TYR A 168 -1.60 9.12 -36.47
CA TYR A 168 -1.25 10.13 -37.45
C TYR A 168 0.25 10.03 -37.76
N THR A 169 0.56 9.87 -39.04
CA THR A 169 1.96 9.81 -39.45
C THR A 169 2.57 11.21 -39.43
N MET A 170 3.83 11.31 -39.87
CA MET A 170 4.47 12.61 -39.92
C MET A 170 4.09 13.38 -41.18
N ASN A 171 3.40 12.74 -42.11
CA ASN A 171 2.82 13.44 -43.26
C ASN A 171 1.49 14.09 -42.92
N ASP A 172 1.02 13.99 -41.68
CA ASP A 172 -0.23 14.57 -41.24
C ASP A 172 -0.09 15.53 -40.06
N LEU A 173 0.88 15.31 -39.19
CA LEU A 173 0.96 16.03 -37.92
C LEU A 173 2.39 15.99 -37.43
N ILE A 174 2.96 17.16 -37.13
CA ILE A 174 4.35 17.27 -36.69
C ILE A 174 4.36 17.96 -35.33
N PHE A 175 4.76 17.24 -34.30
CA PHE A 175 4.98 17.84 -32.99
C PHE A 175 6.34 18.52 -32.96
N GLU A 176 6.41 19.70 -32.36
CA GLU A 176 7.69 20.35 -32.17
C GLU A 176 7.64 21.22 -30.92
N TRP A 177 8.78 21.32 -30.25
CA TRP A 177 8.86 21.99 -28.97
C TRP A 177 8.80 23.50 -29.14
N LEU A 178 8.44 24.18 -28.05
CA LEU A 178 8.55 25.63 -28.00
C LEU A 178 10.01 26.01 -27.79
N SER A 179 10.43 27.11 -28.44
CA SER A 179 11.84 27.45 -28.47
C SER A 179 12.32 28.07 -27.15
N ASP A 180 11.52 28.98 -26.58
CA ASP A 180 11.96 29.78 -25.44
C ASP A 180 11.68 29.06 -24.12
N GLY A 181 12.46 28.00 -23.89
CA GLY A 181 12.43 27.29 -22.63
C GLY A 181 11.12 26.56 -22.37
N PRO A 182 10.86 25.48 -23.12
CA PRO A 182 9.56 24.81 -23.04
C PRO A 182 9.24 24.17 -21.70
N VAL A 183 10.13 23.32 -21.19
CA VAL A 183 9.88 22.58 -19.96
C VAL A 183 10.34 23.41 -18.77
N GLN A 184 9.39 24.01 -18.06
CA GLN A 184 9.67 24.77 -16.85
C GLN A 184 9.32 23.96 -15.63
N VAL A 185 9.96 24.28 -14.51
CA VAL A 185 9.79 23.56 -13.25
C VAL A 185 9.30 24.54 -12.21
N ALA A 186 8.35 24.11 -11.38
CA ALA A 186 7.89 24.95 -10.28
C ALA A 186 8.98 25.07 -9.21
N GLU A 187 9.14 26.28 -8.68
CA GLU A 187 10.18 26.55 -7.71
C GLU A 187 9.90 25.83 -6.40
N GLY A 188 10.97 25.38 -5.74
CA GLY A 188 10.85 24.64 -4.51
C GLY A 188 10.25 23.27 -4.70
N LEU A 189 10.86 22.46 -5.55
CA LEU A 189 10.38 21.12 -5.88
C LEU A 189 11.41 20.11 -5.42
N THR A 190 11.24 19.59 -4.21
CA THR A 190 12.17 18.64 -3.64
C THR A 190 11.59 17.25 -3.63
N LEU A 191 12.45 16.27 -3.84
CA LEU A 191 12.16 14.85 -3.79
C LEU A 191 12.74 14.26 -2.52
N PRO A 192 12.20 13.15 -2.02
CA PRO A 192 12.78 12.54 -0.81
C PRO A 192 14.14 11.90 -1.04
N GLN A 193 14.44 11.46 -2.25
CA GLN A 193 15.71 10.80 -2.54
C GLN A 193 16.61 11.63 -3.45
N PHE A 194 16.12 12.01 -4.62
CA PHE A 194 16.94 12.66 -5.63
C PHE A 194 16.82 14.17 -5.53
N ILE A 195 17.60 14.86 -6.36
CA ILE A 195 17.42 16.29 -6.61
C ILE A 195 17.41 16.49 -8.12
N LEU A 196 16.39 17.15 -8.63
CA LEU A 196 16.22 17.31 -10.06
C LEU A 196 17.21 18.34 -10.58
N LYS A 197 18.13 17.90 -11.43
CA LYS A 197 19.14 18.78 -12.01
C LYS A 197 18.49 19.81 -12.92
N GLU A 198 19.17 20.95 -13.08
CA GLU A 198 18.63 22.06 -13.84
C GLU A 198 19.07 22.01 -15.31
N GLU A 199 19.31 20.80 -15.84
CA GLU A 199 19.57 20.60 -17.26
C GLU A 199 18.65 19.50 -17.76
N LYS A 200 17.49 19.90 -18.28
CA LYS A 200 16.49 18.97 -18.81
C LYS A 200 16.66 18.94 -20.32
N GLU A 201 17.28 17.89 -20.83
CA GLU A 201 17.67 17.83 -22.23
C GLU A 201 16.47 17.50 -23.10
N LEU A 202 16.08 18.43 -23.96
CA LEU A 202 15.04 18.15 -24.94
C LEU A 202 15.57 17.19 -26.00
N GLY A 203 14.68 16.73 -26.87
CA GLY A 203 15.14 15.87 -27.93
C GLY A 203 14.02 15.45 -28.87
N TYR A 204 14.44 15.06 -30.07
CA TYR A 204 13.55 14.56 -31.12
C TYR A 204 13.70 13.05 -31.17
N CYS A 205 12.85 12.36 -30.42
CA CYS A 205 12.51 10.99 -30.70
C CYS A 205 11.78 10.89 -32.04
N THR A 206 11.70 9.68 -32.57
CA THR A 206 10.96 9.43 -33.81
C THR A 206 10.74 7.93 -33.92
N LYS A 207 9.48 7.53 -34.08
CA LYS A 207 9.16 6.13 -34.24
C LYS A 207 9.15 5.76 -35.72
N HIS A 208 9.80 4.65 -36.05
CA HIS A 208 9.86 4.14 -37.42
C HIS A 208 9.18 2.78 -37.42
N TYR A 209 7.86 2.78 -37.57
CA TYR A 209 7.11 1.55 -37.61
C TYR A 209 7.03 1.02 -39.03
N ASN A 210 6.28 -0.07 -39.21
CA ASN A 210 6.01 -0.61 -40.53
C ASN A 210 4.88 0.11 -41.26
N THR A 211 4.18 1.02 -40.57
CA THR A 211 3.11 1.79 -41.18
C THR A 211 3.58 3.17 -41.63
N GLY A 212 4.36 3.85 -40.79
CA GLY A 212 4.84 5.16 -41.17
C GLY A 212 5.78 5.70 -40.11
N LYS A 213 6.01 7.01 -40.17
CA LYS A 213 6.85 7.70 -39.20
C LYS A 213 5.94 8.54 -38.30
N PHE A 214 5.95 8.21 -37.01
CA PHE A 214 5.08 8.87 -36.04
C PHE A 214 5.92 9.85 -35.22
N THR A 215 5.51 11.12 -35.23
CA THR A 215 6.25 12.16 -34.54
C THR A 215 6.26 11.92 -33.04
N CYS A 216 7.37 12.30 -32.41
CA CYS A 216 7.58 11.95 -31.00
C CYS A 216 8.57 12.96 -30.41
N ILE A 217 8.08 13.93 -29.71
CA ILE A 217 8.98 14.85 -29.02
C ILE A 217 9.25 14.27 -27.65
N GLU A 218 10.40 14.59 -27.05
CA GLU A 218 10.67 14.03 -25.73
C GLU A 218 11.59 14.93 -24.94
N VAL A 219 11.57 14.74 -23.62
CA VAL A 219 12.44 15.44 -22.70
C VAL A 219 13.07 14.40 -21.78
N LYS A 220 14.32 14.62 -21.39
CA LYS A 220 15.05 13.72 -20.50
C LYS A 220 15.52 14.53 -19.30
N PHE A 221 15.06 14.14 -18.12
CA PHE A 221 15.45 14.80 -16.89
C PHE A 221 16.80 14.24 -16.41
N HIS A 222 17.18 14.58 -15.19
CA HIS A 222 18.38 14.02 -14.58
C HIS A 222 18.17 14.02 -13.08
N LEU A 223 18.11 12.84 -12.49
CA LEU A 223 17.81 12.69 -11.07
C LEU A 223 19.04 12.12 -10.37
N GLU A 224 19.95 12.99 -9.96
CA GLU A 224 21.10 12.57 -9.18
C GLU A 224 20.68 12.33 -7.74
N ARG A 225 20.88 11.10 -7.27
CA ARG A 225 20.58 10.80 -5.88
C ARG A 225 21.64 11.42 -4.98
N GLN A 226 21.19 12.05 -3.90
CA GLN A 226 22.11 12.56 -2.89
C GLN A 226 22.36 11.50 -1.84
N MET A 227 23.60 11.42 -1.37
CA MET A 227 24.07 10.30 -0.59
C MET A 227 24.53 10.71 0.81
N GLY A 228 23.96 11.80 1.34
CA GLY A 228 24.32 12.23 2.68
C GLY A 228 23.96 11.20 3.74
N TYR A 229 22.75 10.64 3.64
CA TYR A 229 22.29 9.66 4.62
C TYR A 229 23.12 8.39 4.55
N TYR A 230 23.45 7.93 3.35
CA TYR A 230 24.24 6.71 3.21
C TYR A 230 25.68 6.93 3.64
N LEU A 231 26.24 8.10 3.37
CA LEU A 231 27.59 8.40 3.81
C LEU A 231 27.66 8.55 5.33
N ILE A 232 26.58 9.01 5.96
CA ILE A 232 26.61 9.17 7.42
C ILE A 232 26.34 7.85 8.12
N GLN A 233 25.42 7.04 7.60
CA GLN A 233 24.97 5.86 8.33
C GLN A 233 25.45 4.53 7.77
N MET A 234 25.51 4.34 6.45
CA MET A 234 25.87 3.05 5.91
C MET A 234 27.36 2.90 5.62
N TYR A 235 28.15 3.96 5.72
CA TYR A 235 29.56 3.90 5.39
C TYR A 235 30.45 4.10 6.62
N ILE A 236 30.29 5.22 7.32
CA ILE A 236 31.18 5.61 8.41
C ILE A 236 31.10 4.66 9.60
N PRO A 237 29.91 4.17 10.05
CA PRO A 237 29.92 3.17 11.13
C PRO A 237 30.67 1.88 10.78
N SER A 238 30.46 1.35 9.57
CA SER A 238 31.16 0.12 9.20
C SER A 238 32.66 0.36 9.03
N LEU A 239 33.03 1.55 8.53
CA LEU A 239 34.45 1.88 8.43
C LEU A 239 35.09 1.96 9.81
N LEU A 240 34.40 2.57 10.77
CA LEU A 240 34.91 2.62 12.14
C LEU A 240 34.95 1.23 12.77
N ILE A 241 34.05 0.33 12.35
CA ILE A 241 34.11 -1.04 12.83
C ILE A 241 35.36 -1.75 12.31
N VAL A 242 35.71 -1.51 11.05
CA VAL A 242 36.95 -2.08 10.52
C VAL A 242 38.17 -1.50 11.23
N ILE A 243 38.12 -0.21 11.56
CA ILE A 243 39.22 0.41 12.32
C ILE A 243 39.32 -0.20 13.72
N LEU A 244 38.17 -0.50 14.34
CA LEU A 244 38.17 -1.17 15.63
C LEU A 244 38.75 -2.58 15.53
N SER A 245 38.43 -3.29 14.46
CA SER A 245 39.02 -4.60 14.22
C SER A 245 40.52 -4.53 13.97
N TRP A 246 41.02 -3.39 13.49
CA TRP A 246 42.46 -3.21 13.37
C TRP A 246 43.09 -2.92 14.73
N VAL A 247 42.41 -2.13 15.55
CA VAL A 247 42.84 -1.85 16.92
C VAL A 247 42.92 -3.16 17.71
N SER A 248 42.07 -4.12 17.37
CA SER A 248 42.12 -5.46 17.97
C SER A 248 43.50 -6.11 17.80
N PHE A 249 43.97 -6.25 16.56
CA PHE A 249 45.23 -6.97 16.35
C PHE A 249 46.44 -6.05 16.35
N TRP A 250 46.28 -4.75 16.59
CA TRP A 250 47.45 -3.90 16.73
C TRP A 250 48.18 -4.08 18.06
N ILE A 251 47.57 -4.79 19.02
CA ILE A 251 48.19 -5.04 20.31
C ILE A 251 49.10 -6.27 20.20
N ASN A 252 50.05 -6.40 21.14
CA ASN A 252 50.99 -7.50 21.14
C ASN A 252 50.62 -8.57 22.17
N MET A 253 49.34 -8.69 22.51
CA MET A 253 48.90 -9.71 23.46
C MET A 253 48.88 -11.09 22.82
N ASP A 254 49.77 -11.98 23.24
CA ASP A 254 49.74 -13.37 22.77
C ASP A 254 48.93 -14.20 23.77
N ALA A 255 47.77 -13.65 24.14
CA ALA A 255 46.67 -14.35 24.78
C ALA A 255 45.43 -13.77 24.14
N ALA A 256 44.23 -14.17 24.55
CA ALA A 256 43.14 -13.51 23.84
C ALA A 256 41.95 -12.99 24.64
N PRO A 257 42.12 -12.35 25.85
CA PRO A 257 40.93 -11.91 26.58
C PRO A 257 40.36 -10.62 25.99
N ALA A 258 41.16 -9.98 25.15
CA ALA A 258 40.72 -8.81 24.40
C ALA A 258 40.57 -9.18 22.93
N ARG A 259 41.39 -10.13 22.47
CA ARG A 259 41.37 -10.52 21.06
C ARG A 259 40.05 -11.19 20.68
N VAL A 260 39.60 -12.19 21.46
CA VAL A 260 38.36 -12.84 21.06
C VAL A 260 37.19 -11.89 21.28
N ALA A 261 37.30 -11.01 22.27
CA ALA A 261 36.23 -10.06 22.56
C ALA A 261 36.04 -9.08 21.40
N LEU A 262 37.13 -8.51 20.91
CA LEU A 262 37.00 -7.53 19.83
C LEU A 262 36.67 -8.19 18.50
N GLY A 263 37.14 -9.42 18.25
CA GLY A 263 36.70 -10.13 17.07
C GLY A 263 35.21 -10.42 17.08
N ILE A 264 34.70 -10.88 18.24
CA ILE A 264 33.27 -11.11 18.43
C ILE A 264 32.48 -9.84 18.17
N THR A 265 32.91 -8.73 18.79
CA THR A 265 32.18 -7.48 18.66
C THR A 265 32.17 -6.98 17.22
N THR A 266 33.32 -7.03 16.54
CA THR A 266 33.39 -6.48 15.19
C THR A 266 32.57 -7.32 14.21
N VAL A 267 32.63 -8.66 14.33
CA VAL A 267 31.82 -9.50 13.45
C VAL A 267 30.33 -9.28 13.71
N LEU A 268 29.95 -9.14 14.98
CA LEU A 268 28.54 -8.97 15.31
C LEU A 268 28.00 -7.63 14.80
N THR A 269 28.77 -6.55 14.99
CA THR A 269 28.34 -5.24 14.49
C THR A 269 28.27 -5.21 12.97
N MET A 270 29.25 -5.83 12.29
CA MET A 270 29.21 -5.85 10.83
C MET A 270 28.00 -6.60 10.32
N THR A 271 27.67 -7.74 10.95
CA THR A 271 26.52 -8.52 10.50
C THR A 271 25.20 -7.80 10.78
N THR A 272 25.07 -7.16 11.95
CA THR A 272 23.80 -6.49 12.21
C THR A 272 23.64 -5.21 11.40
N GLN A 273 24.76 -4.54 11.06
CA GLN A 273 24.66 -3.39 10.17
C GLN A 273 24.30 -3.81 8.76
N SER A 274 24.83 -4.95 8.30
CA SER A 274 24.40 -5.49 7.02
C SER A 274 22.93 -5.91 7.04
N SER A 275 22.45 -6.40 8.18
CA SER A 275 21.04 -6.78 8.29
C SER A 275 20.13 -5.55 8.20
N GLY A 276 20.47 -4.49 8.94
CA GLY A 276 19.71 -3.26 8.84
C GLY A 276 19.76 -2.64 7.45
N SER A 277 20.91 -2.76 6.78
CA SER A 277 21.01 -2.32 5.40
C SER A 277 20.08 -3.11 4.50
N ARG A 278 20.01 -4.43 4.70
CA ARG A 278 19.07 -5.26 3.96
C ARG A 278 17.64 -4.80 4.17
N ALA A 279 17.31 -4.41 5.41
CA ALA A 279 15.98 -3.91 5.69
C ALA A 279 15.72 -2.53 5.08
N SER A 280 16.77 -1.73 4.83
CA SER A 280 16.57 -0.35 4.41
C SER A 280 16.77 -0.10 2.91
N LEU A 281 17.63 -0.87 2.25
CA LEU A 281 17.88 -0.68 0.83
C LEU A 281 16.66 -1.08 0.01
N PRO A 282 16.52 -0.59 -1.23
CA PRO A 282 15.41 -1.02 -2.08
C PRO A 282 15.52 -2.48 -2.45
N LYS A 283 14.37 -3.09 -2.74
CA LYS A 283 14.29 -4.53 -2.97
C LYS A 283 14.60 -4.81 -4.43
N VAL A 284 15.89 -4.81 -4.74
CA VAL A 284 16.40 -5.06 -6.08
C VAL A 284 17.34 -6.25 -6.00
N SER A 285 17.13 -7.23 -6.88
CA SER A 285 17.76 -8.54 -6.75
C SER A 285 19.01 -8.69 -7.61
N TYR A 286 19.72 -7.60 -7.89
CA TYR A 286 21.06 -7.70 -8.42
C TYR A 286 22.01 -6.88 -7.56
N VAL A 287 23.31 -7.09 -7.77
CA VAL A 287 24.30 -6.54 -6.87
C VAL A 287 24.46 -5.04 -7.11
N LYS A 288 24.52 -4.27 -6.02
CA LYS A 288 24.65 -2.83 -6.05
C LYS A 288 25.99 -2.43 -5.45
N ALA A 289 26.29 -1.13 -5.50
CA ALA A 289 27.55 -0.62 -4.98
C ALA A 289 27.54 -0.38 -3.49
N ILE A 290 26.56 -0.93 -2.76
CA ILE A 290 26.54 -0.88 -1.30
C ILE A 290 26.74 -2.29 -0.77
N ASP A 291 26.17 -3.28 -1.47
CA ASP A 291 26.35 -4.67 -1.06
C ASP A 291 27.78 -5.14 -1.29
N ILE A 292 28.41 -4.66 -2.37
CA ILE A 292 29.83 -4.94 -2.62
C ILE A 292 30.67 -4.46 -1.45
N TRP A 293 30.44 -3.21 -1.04
CA TRP A 293 31.23 -2.61 0.04
C TRP A 293 30.99 -3.30 1.37
N MET A 294 29.74 -3.64 1.69
CA MET A 294 29.46 -4.31 2.95
C MET A 294 30.04 -5.73 2.98
N ALA A 295 29.96 -6.46 1.85
CA ALA A 295 30.57 -7.79 1.80
C ALA A 295 32.09 -7.71 1.90
N VAL A 296 32.71 -6.68 1.33
CA VAL A 296 34.16 -6.55 1.41
C VAL A 296 34.58 -6.21 2.85
N CYS A 297 33.83 -5.34 3.53
CA CYS A 297 34.16 -5.02 4.91
C CYS A 297 33.97 -6.22 5.83
N LEU A 298 32.90 -7.00 5.62
CA LEU A 298 32.73 -8.22 6.41
C LEU A 298 33.84 -9.22 6.13
N LEU A 299 34.29 -9.30 4.88
CA LEU A 299 35.42 -10.17 4.55
C LEU A 299 36.70 -9.70 5.21
N PHE A 300 36.88 -8.38 5.38
CA PHE A 300 38.08 -7.88 6.03
C PHE A 300 38.06 -8.17 7.54
N VAL A 301 36.89 -8.06 8.17
CA VAL A 301 36.79 -8.45 9.58
C VAL A 301 37.04 -9.95 9.72
N PHE A 302 36.56 -10.74 8.77
CA PHE A 302 36.84 -12.18 8.74
C PHE A 302 38.33 -12.45 8.60
N ALA A 303 39.03 -11.67 7.77
CA ALA A 303 40.46 -11.85 7.59
C ALA A 303 41.22 -11.49 8.86
N ALA A 304 40.77 -10.46 9.58
CA ALA A 304 41.42 -10.11 10.84
C ALA A 304 41.22 -11.21 11.89
N LEU A 305 40.01 -11.77 11.98
CA LEU A 305 39.80 -12.85 12.93
C LEU A 305 40.56 -14.11 12.54
N LEU A 306 40.75 -14.35 11.24
CA LEU A 306 41.59 -15.47 10.84
C LEU A 306 43.07 -15.20 11.10
N GLU A 307 43.48 -13.93 11.07
CA GLU A 307 44.84 -13.60 11.50
C GLU A 307 45.02 -13.92 12.99
N TYR A 308 44.00 -13.61 13.80
CA TYR A 308 44.05 -14.03 15.20
C TYR A 308 44.11 -15.55 15.33
N ALA A 309 43.33 -16.26 14.50
CA ALA A 309 43.34 -17.72 14.54
C ALA A 309 44.72 -18.27 14.21
N ALA A 310 45.39 -17.65 13.24
CA ALA A 310 46.77 -18.03 12.92
C ALA A 310 47.70 -17.77 14.10
N VAL A 311 47.51 -16.64 14.80
CA VAL A 311 48.31 -16.33 15.99
C VAL A 311 48.15 -17.42 17.03
N ASN A 312 46.90 -17.71 17.40
CA ASN A 312 46.63 -18.67 18.47
C ASN A 312 47.00 -20.11 18.08
N PHE A 313 46.97 -20.43 16.79
CA PHE A 313 47.33 -21.77 16.36
C PHE A 313 48.84 -21.97 16.28
N VAL A 314 49.56 -21.04 15.65
CA VAL A 314 51.02 -21.18 15.52
C VAL A 314 51.73 -20.83 16.82
N SER A 315 51.04 -20.24 17.79
CA SER A 315 51.67 -19.96 19.08
C SER A 315 51.92 -21.27 19.83
N ARG A 316 53.11 -21.83 19.66
CA ARG A 316 53.55 -23.12 20.22
C ARG A 316 52.57 -24.25 19.90
N LYS A 322 61.94 -18.96 16.21
CA LYS A 322 61.20 -20.18 16.48
C LYS A 322 59.70 -19.99 16.22
N PHE A 323 58.87 -20.31 17.21
CA PHE A 323 57.43 -20.22 17.03
C PHE A 323 56.92 -18.80 17.24
N VAL A 324 57.16 -18.24 18.43
CA VAL A 324 56.63 -16.92 18.77
C VAL A 324 57.30 -15.83 17.95
N ASP A 325 58.56 -16.04 17.56
CA ASP A 325 59.24 -15.08 16.68
C ASP A 325 58.56 -15.01 15.31
N ARG A 326 58.31 -16.17 14.70
CA ARG A 326 57.61 -16.18 13.42
C ARG A 326 56.18 -15.67 13.54
N ALA A 327 55.53 -15.91 14.69
CA ALA A 327 54.20 -15.36 14.92
C ALA A 327 54.24 -13.84 14.96
N LYS A 328 55.20 -13.26 15.67
CA LYS A 328 55.34 -11.80 15.70
C LYS A 328 55.70 -11.24 14.33
N ARG A 329 56.48 -11.99 13.54
CA ARG A 329 56.84 -11.52 12.21
C ARG A 329 55.63 -11.51 11.27
N ILE A 330 54.81 -12.56 11.31
CA ILE A 330 53.62 -12.56 10.46
C ILE A 330 52.59 -11.56 10.97
N ASP A 331 52.60 -11.25 12.28
CA ASP A 331 51.72 -10.21 12.78
C ASP A 331 52.15 -8.83 12.30
N THR A 332 53.46 -8.57 12.26
CA THR A 332 53.95 -7.32 11.69
C THR A 332 53.65 -7.24 10.21
N ILE A 333 53.75 -8.37 9.49
CA ILE A 333 53.44 -8.39 8.07
C ILE A 333 51.96 -8.09 7.83
N SER A 334 51.08 -8.66 8.65
CA SER A 334 49.65 -8.40 8.50
C SER A 334 49.29 -6.98 8.91
N ARG A 335 49.96 -6.44 9.94
CA ARG A 335 49.71 -5.06 10.35
C ARG A 335 50.21 -4.07 9.31
N ALA A 336 51.21 -4.46 8.52
CA ALA A 336 51.59 -3.64 7.37
C ALA A 336 50.65 -3.84 6.19
N ALA A 337 50.09 -5.03 6.03
CA ALA A 337 49.32 -5.35 4.84
C ALA A 337 47.90 -4.80 4.89
N PHE A 338 47.21 -4.98 6.02
CA PHE A 338 45.77 -4.69 6.08
C PHE A 338 45.42 -3.23 5.85
N PRO A 339 46.12 -2.22 6.42
CA PRO A 339 45.84 -0.84 5.97
C PRO A 339 46.20 -0.59 4.52
N LEU A 340 47.26 -1.24 4.01
CA LEU A 340 47.63 -1.04 2.61
C LEU A 340 46.61 -1.67 1.67
N ALA A 341 46.16 -2.89 1.99
CA ALA A 341 45.13 -3.53 1.16
C ALA A 341 43.80 -2.80 1.26
N PHE A 342 43.48 -2.27 2.45
CA PHE A 342 42.27 -1.47 2.59
C PHE A 342 42.35 -0.17 1.80
N LEU A 343 43.52 0.46 1.78
CA LEU A 343 43.67 1.69 1.02
C LEU A 343 43.60 1.42 -0.47
N ILE A 344 44.16 0.28 -0.92
CA ILE A 344 44.07 -0.09 -2.32
C ILE A 344 42.61 -0.34 -2.72
N PHE A 345 41.88 -1.08 -1.89
CA PHE A 345 40.45 -1.32 -2.17
C PHE A 345 39.66 -0.02 -2.14
N ASN A 346 39.95 0.86 -1.17
CA ASN A 346 39.23 2.11 -1.03
C ASN A 346 39.42 2.99 -2.25
N ILE A 347 40.67 3.12 -2.72
CA ILE A 347 40.95 3.90 -3.92
C ILE A 347 40.27 3.29 -5.13
N PHE A 348 40.40 1.97 -5.31
CA PHE A 348 39.80 1.32 -6.48
C PHE A 348 38.28 1.48 -6.49
N TYR A 349 37.62 1.23 -5.36
CA TYR A 349 36.17 1.29 -5.27
C TYR A 349 35.67 2.71 -5.46
N TRP A 350 36.24 3.69 -4.75
CA TRP A 350 35.71 5.04 -4.82
C TRP A 350 36.03 5.71 -6.15
N ILE A 351 37.18 5.40 -6.76
CA ILE A 351 37.46 5.94 -8.08
C ILE A 351 36.56 5.26 -9.12
N THR A 352 36.23 3.98 -8.92
CA THR A 352 35.33 3.30 -9.84
C THR A 352 33.91 3.87 -9.75
N TYR A 353 33.48 4.25 -8.55
CA TYR A 353 32.09 4.63 -8.34
C TYR A 353 31.86 6.10 -8.05
N LYS A 354 32.84 6.98 -8.28
CA LYS A 354 32.55 8.41 -8.11
C LYS A 354 33.03 9.28 -9.27
N ILE A 355 34.11 8.90 -9.95
CA ILE A 355 34.67 9.70 -11.03
C ILE A 355 34.65 8.95 -12.35
N ILE A 356 34.92 7.63 -12.34
CA ILE A 356 35.00 6.88 -13.59
C ILE A 356 33.61 6.72 -14.21
N ARG A 357 32.65 6.20 -13.44
CA ARG A 357 31.28 6.04 -13.91
C ARG A 357 30.42 7.25 -13.49
N HIS A 358 30.81 8.41 -14.00
CA HIS A 358 30.14 9.66 -13.64
C HIS A 358 30.21 10.68 -14.76
N LEU B 15 -19.23 11.80 -49.41
CA LEU B 15 -18.24 12.79 -49.78
C LEU B 15 -17.09 12.82 -48.78
N SER B 16 -17.30 13.51 -47.67
CA SER B 16 -16.30 13.66 -46.62
C SER B 16 -16.08 12.34 -45.88
N PRO B 17 -14.89 12.13 -45.31
CA PRO B 17 -14.61 10.87 -44.61
C PRO B 17 -15.48 10.62 -43.38
N SER B 18 -16.17 11.62 -42.86
CA SER B 18 -17.06 11.44 -41.73
C SER B 18 -18.53 11.31 -42.14
N ASP B 19 -18.85 11.64 -43.39
CA ASP B 19 -20.21 11.47 -43.89
C ASP B 19 -20.32 10.29 -44.86
N PHE B 20 -19.20 9.84 -45.42
CA PHE B 20 -19.25 8.65 -46.28
C PHE B 20 -19.57 7.40 -45.47
N LEU B 21 -19.11 7.34 -44.23
CA LEU B 21 -19.44 6.19 -43.39
C LEU B 21 -20.90 6.20 -42.96
N ASP B 22 -21.55 7.37 -42.97
CA ASP B 22 -22.98 7.43 -42.70
C ASP B 22 -23.79 6.73 -43.80
N LYS B 23 -23.22 6.58 -44.99
CA LYS B 23 -23.85 5.80 -46.05
C LYS B 23 -23.27 4.40 -46.18
N LEU B 24 -22.02 4.20 -45.77
CA LEU B 24 -21.41 2.88 -45.86
C LEU B 24 -21.91 1.94 -44.77
N MET B 25 -22.03 2.45 -43.54
CA MET B 25 -22.45 1.62 -42.41
C MET B 25 -23.58 2.23 -41.60
N GLY B 26 -24.11 3.38 -42.01
CA GLY B 26 -25.11 4.08 -41.24
C GLY B 26 -26.50 3.50 -41.36
N ARG B 27 -27.50 4.34 -41.06
CA ARG B 27 -28.87 3.85 -40.99
C ARG B 27 -29.47 3.60 -42.37
N THR B 28 -29.03 4.36 -43.38
CA THR B 28 -29.56 4.19 -44.73
C THR B 28 -28.71 3.22 -45.54
N SER B 29 -28.45 2.05 -44.96
CA SER B 29 -27.68 0.98 -45.58
C SER B 29 -27.92 -0.29 -44.78
N GLY B 30 -27.52 -1.41 -45.37
CA GLY B 30 -27.67 -2.69 -44.69
C GLY B 30 -26.48 -3.04 -43.84
N TYR B 31 -26.57 -2.75 -42.53
CA TYR B 31 -25.50 -3.05 -41.60
C TYR B 31 -26.06 -3.05 -40.19
N ASP B 32 -25.75 -4.10 -39.43
CA ASP B 32 -26.11 -4.17 -38.03
C ASP B 32 -24.87 -4.54 -37.24
N ALA B 33 -24.67 -3.87 -36.10
CA ALA B 33 -23.40 -3.88 -35.40
C ALA B 33 -23.24 -5.06 -34.44
N ARG B 34 -24.17 -6.02 -34.45
CA ARG B 34 -23.96 -7.20 -33.63
C ARG B 34 -24.17 -8.51 -34.37
N ILE B 35 -24.56 -8.51 -35.64
CA ILE B 35 -24.48 -9.70 -36.47
C ILE B 35 -23.05 -9.77 -37.01
N ARG B 36 -22.41 -10.93 -36.85
CA ARG B 36 -21.03 -11.06 -37.26
C ARG B 36 -20.93 -11.10 -38.78
N PRO B 37 -19.74 -10.82 -39.33
CA PRO B 37 -19.51 -11.07 -40.76
C PRO B 37 -19.73 -12.53 -41.10
N ASN B 38 -20.25 -12.75 -42.32
CA ASN B 38 -20.52 -14.08 -42.87
C ASN B 38 -21.46 -14.85 -41.95
N PHE B 39 -22.63 -14.25 -41.71
CA PHE B 39 -23.59 -14.80 -40.77
C PHE B 39 -24.19 -16.09 -41.31
N LYS B 40 -24.32 -17.09 -40.44
CA LYS B 40 -24.76 -18.44 -40.78
C LYS B 40 -23.90 -19.03 -41.89
N GLY B 41 -22.61 -19.15 -41.60
CA GLY B 41 -21.65 -19.65 -42.57
C GLY B 41 -20.29 -19.88 -41.97
N PRO B 42 -19.24 -19.49 -42.69
CA PRO B 42 -17.88 -19.75 -42.23
C PRO B 42 -17.45 -18.75 -41.17
N PRO B 43 -16.52 -19.12 -40.29
CA PRO B 43 -16.07 -18.20 -39.25
C PRO B 43 -15.13 -17.14 -39.80
N VAL B 44 -14.91 -16.11 -38.97
CA VAL B 44 -13.98 -15.03 -39.29
C VAL B 44 -12.66 -15.30 -38.59
N ASN B 45 -11.56 -14.93 -39.24
CA ASN B 45 -10.22 -15.23 -38.76
C ASN B 45 -9.59 -13.93 -38.28
N VAL B 46 -9.82 -13.59 -37.01
CA VAL B 46 -9.19 -12.43 -36.40
C VAL B 46 -7.74 -12.75 -36.07
N THR B 47 -6.82 -11.94 -36.56
CA THR B 47 -5.40 -12.10 -36.27
C THR B 47 -4.98 -11.03 -35.28
N CYS B 48 -4.35 -11.45 -34.19
CA CYS B 48 -3.98 -10.55 -33.09
C CYS B 48 -2.47 -10.48 -32.96
N ASN B 49 -1.97 -9.29 -32.60
CA ASN B 49 -0.59 -9.13 -32.23
C ASN B 49 -0.50 -8.08 -31.14
N ILE B 50 0.64 -8.06 -30.45
CA ILE B 50 0.78 -7.34 -29.19
C ILE B 50 2.15 -6.70 -29.14
N PHE B 51 2.20 -5.41 -28.81
CA PHE B 51 3.45 -4.70 -28.58
C PHE B 51 3.47 -4.25 -27.12
N ILE B 52 4.34 -4.85 -26.33
CA ILE B 52 4.38 -4.58 -24.89
C ILE B 52 5.27 -3.38 -24.64
N ASN B 53 4.71 -2.33 -24.05
CA ASN B 53 5.53 -1.18 -23.66
C ASN B 53 6.21 -1.42 -22.32
N SER B 54 5.41 -1.57 -21.28
CA SER B 54 5.91 -1.69 -19.91
C SER B 54 5.64 -3.07 -19.37
N PHE B 55 6.36 -3.40 -18.31
CA PHE B 55 6.29 -4.72 -17.71
C PHE B 55 6.88 -4.60 -16.33
N GLY B 56 6.30 -5.31 -15.37
CA GLY B 56 6.80 -5.26 -14.02
C GLY B 56 5.69 -5.45 -13.02
N SER B 57 5.98 -5.04 -11.79
CA SER B 57 5.10 -5.24 -10.64
C SER B 57 4.75 -6.72 -10.47
N VAL B 58 5.74 -7.59 -10.70
CA VAL B 58 5.55 -9.02 -10.52
C VAL B 58 5.55 -9.31 -9.04
N THR B 59 4.37 -9.39 -8.44
CA THR B 59 4.21 -9.51 -7.01
C THR B 59 3.98 -10.97 -6.64
N GLU B 60 4.70 -11.45 -5.62
CA GLU B 60 4.59 -12.83 -5.19
C GLU B 60 3.58 -13.03 -4.07
N THR B 61 2.93 -11.97 -3.60
CA THR B 61 1.93 -12.08 -2.56
C THR B 61 0.52 -12.09 -3.10
N THR B 62 0.30 -11.50 -4.26
CA THR B 62 -0.99 -11.56 -4.94
C THR B 62 -0.89 -12.25 -6.30
N MET B 63 0.29 -12.71 -6.70
CA MET B 63 0.51 -13.56 -7.87
C MET B 63 0.13 -12.86 -9.18
N ASP B 64 0.27 -11.55 -9.25
CA ASP B 64 -0.08 -10.82 -10.45
C ASP B 64 1.14 -10.12 -11.05
N TYR B 65 0.96 -9.59 -12.25
CA TYR B 65 1.96 -8.76 -12.90
C TYR B 65 1.26 -7.83 -13.88
N ARG B 66 1.63 -6.55 -13.85
CA ARG B 66 1.01 -5.54 -14.70
C ARG B 66 1.78 -5.40 -15.99
N VAL B 67 1.06 -5.29 -17.10
CA VAL B 67 1.66 -5.16 -18.41
C VAL B 67 0.84 -4.17 -19.25
N ASN B 68 1.53 -3.26 -19.93
CA ASN B 68 0.92 -2.14 -20.64
C ASN B 68 1.14 -2.37 -22.13
N ILE B 69 0.09 -2.78 -22.84
CA ILE B 69 0.24 -3.28 -24.20
C ILE B 69 -0.46 -2.38 -25.21
N PHE B 70 0.01 -2.48 -26.46
CA PHE B 70 -0.77 -2.15 -27.65
C PHE B 70 -1.30 -3.46 -28.19
N LEU B 71 -2.62 -3.64 -28.16
CA LEU B 71 -3.23 -4.84 -28.72
C LEU B 71 -3.85 -4.48 -30.05
N ARG B 72 -3.36 -5.10 -31.14
CA ARG B 72 -3.88 -4.83 -32.47
C ARG B 72 -4.48 -6.11 -33.01
N GLN B 73 -5.77 -6.07 -33.32
CA GLN B 73 -6.46 -7.20 -33.92
C GLN B 73 -7.02 -6.74 -35.26
N GLN B 74 -6.81 -7.53 -36.29
CA GLN B 74 -7.31 -7.19 -37.61
C GLN B 74 -8.05 -8.38 -38.20
N TRP B 75 -9.04 -8.07 -39.03
CA TRP B 75 -9.82 -9.10 -39.70
C TRP B 75 -10.34 -8.51 -41.00
N ASN B 76 -11.17 -9.25 -41.71
CA ASN B 76 -11.78 -8.66 -42.89
C ASN B 76 -13.15 -9.25 -43.17
N ASP B 77 -14.13 -8.36 -43.31
CA ASP B 77 -15.48 -8.69 -43.71
C ASP B 77 -15.69 -8.27 -45.17
N SER B 78 -16.95 -8.35 -45.61
CA SER B 78 -17.31 -7.94 -46.96
C SER B 78 -18.19 -6.70 -46.99
N ARG B 79 -18.99 -6.48 -45.95
CA ARG B 79 -19.93 -5.36 -45.94
C ARG B 79 -19.24 -4.01 -45.81
N LEU B 80 -18.00 -3.99 -45.33
CA LEU B 80 -17.21 -2.75 -45.29
C LEU B 80 -16.27 -2.71 -46.49
N ALA B 81 -16.87 -2.61 -47.68
CA ALA B 81 -16.12 -2.48 -48.92
C ALA B 81 -16.74 -1.38 -49.76
N TYR B 82 -15.89 -0.61 -50.44
CA TYR B 82 -16.32 0.50 -51.26
C TYR B 82 -15.49 0.54 -52.53
N SER B 83 -15.99 1.27 -53.53
CA SER B 83 -15.33 1.34 -54.83
C SER B 83 -15.21 2.75 -55.40
N GLU B 84 -16.01 3.71 -54.96
CA GLU B 84 -16.01 5.06 -55.52
C GLU B 84 -15.14 6.02 -54.74
N TYR B 85 -14.37 5.54 -53.76
CA TYR B 85 -13.72 6.51 -52.89
C TYR B 85 -12.24 6.65 -53.25
N PRO B 86 -11.66 7.87 -53.18
CA PRO B 86 -10.28 8.06 -53.65
C PRO B 86 -9.20 7.32 -52.86
N ASP B 87 -9.04 7.62 -51.58
CA ASP B 87 -7.87 7.11 -50.86
C ASP B 87 -8.07 5.67 -50.41
N ASP B 88 -6.99 5.05 -49.95
CA ASP B 88 -6.99 3.61 -49.69
C ASP B 88 -7.75 3.27 -48.41
N SER B 89 -7.29 3.79 -47.28
CA SER B 89 -7.76 3.36 -45.96
C SER B 89 -8.22 4.59 -45.16
N LEU B 90 -9.50 4.63 -44.82
CA LEU B 90 -10.05 5.69 -43.99
C LEU B 90 -10.34 5.17 -42.59
N ASP B 91 -10.10 6.01 -41.60
CA ASP B 91 -10.37 5.69 -40.20
C ASP B 91 -11.51 6.54 -39.67
N LEU B 92 -12.07 6.13 -38.54
CA LEU B 92 -13.25 6.76 -38.00
C LEU B 92 -13.06 7.18 -36.54
N ASP B 93 -14.05 7.89 -36.05
CA ASP B 93 -14.01 8.49 -34.72
C ASP B 93 -14.01 7.39 -33.66
N PRO B 94 -13.09 7.41 -32.70
CA PRO B 94 -13.12 6.43 -31.60
C PRO B 94 -14.30 6.57 -30.66
N SER B 95 -15.16 7.58 -30.84
CA SER B 95 -16.43 7.63 -30.14
C SER B 95 -17.51 6.84 -30.85
N MET B 96 -17.43 6.75 -32.18
CA MET B 96 -18.36 5.93 -32.97
C MET B 96 -17.81 4.52 -33.19
N LEU B 97 -17.42 3.86 -32.09
CA LEU B 97 -16.89 2.51 -32.17
C LEU B 97 -17.95 1.45 -31.89
N ASP B 98 -19.20 1.86 -31.67
CA ASP B 98 -20.29 0.94 -31.44
C ASP B 98 -21.09 0.66 -32.71
N SER B 99 -20.71 1.27 -33.82
CA SER B 99 -21.42 1.07 -35.08
C SER B 99 -20.89 -0.10 -35.89
N ILE B 100 -19.80 -0.73 -35.45
CA ILE B 100 -19.17 -1.84 -36.17
C ILE B 100 -19.12 -3.04 -35.24
N TRP B 101 -19.37 -4.22 -35.81
CA TRP B 101 -19.07 -5.46 -35.10
C TRP B 101 -17.58 -5.54 -34.83
N LYS B 102 -17.23 -5.66 -33.57
CA LYS B 102 -15.87 -5.93 -33.16
C LYS B 102 -15.78 -7.33 -32.57
N PRO B 103 -14.64 -8.00 -32.65
CA PRO B 103 -14.53 -9.34 -32.07
C PRO B 103 -14.61 -9.26 -30.56
N ASP B 104 -15.55 -9.99 -29.98
CA ASP B 104 -15.75 -9.97 -28.54
C ASP B 104 -14.61 -10.70 -27.86
N LEU B 105 -13.58 -9.95 -27.49
CA LEU B 105 -12.35 -10.48 -26.93
C LEU B 105 -12.30 -10.17 -25.45
N PHE B 106 -11.64 -11.05 -24.69
CA PHE B 106 -11.36 -10.79 -23.29
C PHE B 106 -10.21 -11.67 -22.87
N PHE B 107 -9.45 -11.21 -21.88
CA PHE B 107 -8.27 -11.94 -21.43
C PHE B 107 -8.67 -12.92 -20.34
N ALA B 108 -8.15 -14.15 -20.46
CA ALA B 108 -8.70 -15.25 -19.68
C ALA B 108 -8.30 -15.19 -18.21
N ASN B 109 -7.24 -14.46 -17.86
CA ASN B 109 -6.79 -14.48 -16.47
C ASN B 109 -6.46 -13.09 -15.96
N GLU B 110 -7.17 -12.07 -16.44
CA GLU B 110 -6.92 -10.72 -15.97
C GLU B 110 -7.46 -10.54 -14.56
N LYS B 111 -6.99 -9.49 -13.89
CA LYS B 111 -7.49 -9.10 -12.59
C LYS B 111 -8.03 -7.68 -12.61
N GLY B 112 -8.22 -7.11 -13.79
CA GLY B 112 -8.68 -5.74 -13.95
C GLY B 112 -7.85 -5.01 -14.96
N ALA B 113 -8.48 -4.47 -16.00
CA ALA B 113 -7.79 -3.75 -17.04
C ALA B 113 -8.64 -2.58 -17.50
N ASN B 114 -8.01 -1.62 -18.17
CA ASN B 114 -8.69 -0.40 -18.52
C ASN B 114 -8.02 0.21 -19.74
N PHE B 115 -8.79 0.98 -20.50
CA PHE B 115 -8.25 1.73 -21.62
C PHE B 115 -7.53 2.99 -21.09
N HIS B 116 -7.08 3.83 -22.01
CA HIS B 116 -6.43 5.08 -21.65
C HIS B 116 -7.16 6.25 -22.28
N ASP B 117 -7.17 7.38 -21.58
CA ASP B 117 -7.98 8.52 -21.97
C ASP B 117 -7.18 9.82 -21.81
N VAL B 118 -5.95 9.86 -22.32
CA VAL B 118 -5.13 11.06 -22.27
C VAL B 118 -5.22 11.79 -23.61
N THR B 119 -5.69 13.03 -23.54
CA THR B 119 -5.89 13.95 -24.70
C THR B 119 -6.97 13.38 -25.63
N THR B 120 -6.97 12.05 -25.82
CA THR B 120 -7.98 11.38 -26.68
C THR B 120 -8.01 9.88 -26.33
N ASP B 121 -9.20 9.26 -26.39
CA ASP B 121 -9.33 7.81 -26.09
C ASP B 121 -8.32 7.05 -26.94
N ASN B 122 -7.35 6.39 -26.30
CA ASN B 122 -6.31 5.66 -27.02
C ASN B 122 -6.92 4.40 -27.63
N LYS B 123 -7.70 4.61 -28.68
CA LYS B 123 -8.26 3.55 -29.50
C LYS B 123 -8.17 3.99 -30.95
N LEU B 124 -8.17 3.02 -31.85
CA LEU B 124 -8.13 3.34 -33.27
C LEU B 124 -8.72 2.19 -34.07
N LEU B 125 -9.55 2.53 -35.05
CA LEU B 125 -10.06 1.54 -35.99
C LEU B 125 -9.92 2.13 -37.39
N ARG B 126 -9.34 1.35 -38.30
CA ARG B 126 -9.06 1.81 -39.65
C ARG B 126 -9.58 0.79 -40.65
N ILE B 127 -10.42 1.25 -41.58
CA ILE B 127 -11.06 0.38 -42.55
C ILE B 127 -10.38 0.58 -43.91
N SER B 128 -9.94 -0.51 -44.52
CA SER B 128 -9.33 -0.45 -45.84
C SER B 128 -10.40 -0.60 -46.92
N LYS B 129 -9.96 -0.54 -48.18
CA LYS B 129 -10.89 -0.65 -49.29
C LYS B 129 -11.35 -2.09 -49.48
N ASN B 130 -10.44 -3.05 -49.31
CA ASN B 130 -10.76 -4.46 -49.48
C ASN B 130 -11.46 -5.07 -48.27
N GLY B 131 -11.75 -4.28 -47.24
CA GLY B 131 -12.46 -4.76 -46.07
C GLY B 131 -11.56 -5.10 -44.90
N LYS B 132 -10.26 -4.94 -45.02
CA LYS B 132 -9.32 -5.33 -43.97
C LYS B 132 -9.40 -4.30 -42.84
N VAL B 133 -10.27 -4.59 -41.88
CA VAL B 133 -10.45 -3.72 -40.73
C VAL B 133 -9.33 -3.98 -39.73
N LEU B 134 -8.69 -2.91 -39.27
CA LEU B 134 -7.68 -2.95 -38.24
C LEU B 134 -8.24 -2.27 -37.00
N TYR B 135 -7.88 -2.79 -35.81
CA TYR B 135 -8.36 -2.24 -34.56
C TYR B 135 -7.22 -2.31 -33.55
N SER B 136 -6.65 -1.16 -33.24
CA SER B 136 -5.48 -1.06 -32.36
C SER B 136 -5.87 -0.28 -31.12
N ILE B 137 -5.75 -0.91 -29.96
CA ILE B 137 -6.08 -0.29 -28.68
C ILE B 137 -4.86 -0.35 -27.78
N ARG B 138 -4.97 0.33 -26.64
CA ARG B 138 -3.89 0.42 -25.67
C ARG B 138 -4.45 0.05 -24.30
N LEU B 139 -4.00 -1.05 -23.74
CA LEU B 139 -4.53 -1.57 -22.50
C LEU B 139 -3.45 -1.60 -21.42
N THR B 140 -3.90 -1.75 -20.18
CA THR B 140 -3.05 -1.59 -18.99
C THR B 140 -3.31 -2.74 -18.01
N LEU B 141 -3.20 -3.97 -18.50
CA LEU B 141 -3.71 -5.12 -17.78
C LEU B 141 -2.88 -5.41 -16.53
N THR B 142 -3.51 -6.13 -15.59
CA THR B 142 -2.81 -6.75 -14.46
C THR B 142 -3.15 -8.24 -14.51
N LEU B 143 -2.37 -8.99 -15.29
CA LEU B 143 -2.64 -10.41 -15.42
C LEU B 143 -2.18 -11.16 -14.18
N SER B 144 -2.55 -12.44 -14.10
CA SER B 144 -2.19 -13.27 -12.97
C SER B 144 -1.45 -14.50 -13.46
N CYS B 145 -0.29 -14.78 -12.87
CA CYS B 145 0.44 -16.00 -13.15
C CYS B 145 0.81 -16.66 -11.84
N PRO B 146 0.49 -17.95 -11.67
CA PRO B 146 0.84 -18.63 -10.42
C PRO B 146 2.34 -18.84 -10.27
N MET B 147 2.94 -18.15 -9.31
CA MET B 147 4.37 -18.24 -9.04
C MET B 147 4.60 -19.24 -7.92
N ASP B 148 5.42 -20.24 -8.18
CA ASP B 148 5.74 -21.29 -7.22
C ASP B 148 7.17 -21.10 -6.77
N LEU B 149 7.35 -20.49 -5.60
CA LEU B 149 8.67 -20.20 -5.06
C LEU B 149 9.23 -21.38 -4.27
N LYS B 150 9.29 -22.56 -4.91
CA LYS B 150 9.81 -23.74 -4.23
C LYS B 150 11.32 -23.68 -4.11
N ASN B 151 12.00 -23.19 -5.14
CA ASN B 151 13.44 -22.96 -5.13
C ASN B 151 13.62 -21.48 -5.42
N PHE B 152 13.61 -20.66 -4.34
CA PHE B 152 13.38 -19.23 -4.51
C PHE B 152 14.50 -18.50 -5.25
N PRO B 153 15.75 -18.45 -4.77
CA PRO B 153 16.72 -17.57 -5.42
C PRO B 153 17.20 -18.06 -6.78
N MET B 154 16.90 -19.30 -7.16
CA MET B 154 17.22 -19.79 -8.49
C MET B 154 16.01 -20.54 -9.05
N ASP B 155 15.29 -19.88 -9.96
CA ASP B 155 14.08 -20.47 -10.55
C ASP B 155 13.73 -19.73 -11.83
N VAL B 156 12.78 -20.30 -12.55
CA VAL B 156 12.14 -19.62 -13.67
C VAL B 156 10.65 -19.57 -13.39
N GLN B 157 10.00 -18.54 -13.91
CA GLN B 157 8.55 -18.37 -13.82
C GLN B 157 8.00 -18.30 -15.23
N THR B 158 7.04 -19.16 -15.53
CA THR B 158 6.40 -19.18 -16.84
C THR B 158 5.12 -18.37 -16.71
N CYS B 159 5.24 -17.05 -16.82
CA CYS B 159 4.07 -16.19 -16.65
C CYS B 159 3.42 -15.98 -18.00
N THR B 160 2.13 -16.30 -18.08
CA THR B 160 1.44 -16.43 -19.35
C THR B 160 0.46 -15.28 -19.56
N MET B 161 -0.19 -15.30 -20.71
CA MET B 161 -1.19 -14.31 -21.09
C MET B 161 -2.10 -14.96 -22.11
N GLN B 162 -3.39 -15.09 -21.79
CA GLN B 162 -4.32 -15.87 -22.61
C GLN B 162 -5.47 -14.99 -23.06
N LEU B 163 -5.53 -14.68 -24.35
CA LEU B 163 -6.71 -14.10 -24.94
C LEU B 163 -7.77 -15.17 -25.16
N GLU B 164 -9.02 -14.75 -25.27
CA GLU B 164 -10.11 -15.70 -25.43
C GLU B 164 -11.33 -14.97 -25.98
N SER B 165 -12.12 -15.70 -26.77
CA SER B 165 -13.41 -15.18 -27.17
C SER B 165 -14.39 -15.28 -26.02
N PHE B 166 -15.52 -14.58 -26.17
CA PHE B 166 -16.51 -14.50 -25.11
C PHE B 166 -17.90 -14.57 -25.76
N GLY B 167 -18.45 -15.77 -25.83
CA GLY B 167 -19.77 -15.97 -26.39
C GLY B 167 -19.80 -16.44 -27.82
N TYR B 168 -18.68 -16.38 -28.53
CA TYR B 168 -18.58 -16.89 -29.90
C TYR B 168 -17.67 -18.11 -29.88
N THR B 169 -18.23 -19.27 -30.20
CA THR B 169 -17.48 -20.51 -30.17
C THR B 169 -16.47 -20.56 -31.31
N MET B 170 -15.73 -21.65 -31.40
CA MET B 170 -14.63 -21.75 -32.35
C MET B 170 -15.09 -22.03 -33.78
N ASN B 171 -16.39 -22.06 -34.04
CA ASN B 171 -16.91 -22.11 -35.40
C ASN B 171 -17.47 -20.78 -35.87
N ASP B 172 -17.30 -19.73 -35.06
CA ASP B 172 -17.68 -18.36 -35.43
C ASP B 172 -16.50 -17.40 -35.40
N LEU B 173 -15.65 -17.48 -34.38
CA LEU B 173 -14.52 -16.59 -34.20
C LEU B 173 -13.29 -17.43 -33.92
N ILE B 174 -12.24 -17.23 -34.70
CA ILE B 174 -11.00 -17.99 -34.56
C ILE B 174 -9.85 -17.01 -34.46
N PHE B 175 -9.17 -17.00 -33.32
CA PHE B 175 -7.95 -16.21 -33.16
C PHE B 175 -6.75 -17.00 -33.67
N GLU B 176 -5.82 -16.29 -34.31
CA GLU B 176 -4.56 -16.88 -34.72
C GLU B 176 -3.51 -15.78 -34.70
N TRP B 177 -2.30 -16.14 -34.26
CA TRP B 177 -1.27 -15.14 -34.08
C TRP B 177 -0.77 -14.61 -35.42
N LEU B 178 -0.13 -13.44 -35.36
CA LEU B 178 0.45 -12.86 -36.56
C LEU B 178 1.63 -13.70 -37.02
N SER B 179 1.84 -13.73 -38.34
CA SER B 179 2.84 -14.64 -38.90
C SER B 179 4.25 -14.17 -38.61
N ASP B 180 4.50 -12.86 -38.66
CA ASP B 180 5.84 -12.29 -38.55
C ASP B 180 5.93 -11.41 -37.32
N GLY B 181 6.49 -11.95 -36.24
CA GLY B 181 6.69 -11.20 -35.02
C GLY B 181 5.40 -10.88 -34.29
N PRO B 182 4.74 -11.90 -33.71
CA PRO B 182 3.46 -11.68 -33.04
C PRO B 182 3.56 -10.80 -31.81
N VAL B 183 4.39 -11.17 -30.86
CA VAL B 183 4.57 -10.42 -29.63
C VAL B 183 6.02 -9.91 -29.57
N GLN B 184 6.17 -8.61 -29.32
CA GLN B 184 7.48 -7.98 -29.28
C GLN B 184 7.51 -7.00 -28.11
N VAL B 185 8.46 -7.19 -27.21
CA VAL B 185 8.60 -6.33 -26.05
C VAL B 185 9.44 -5.12 -26.43
N ALA B 186 9.27 -4.02 -25.71
CA ALA B 186 10.05 -2.81 -25.94
C ALA B 186 11.54 -3.06 -25.68
N GLU B 187 12.36 -2.10 -26.11
CA GLU B 187 13.79 -2.28 -26.12
C GLU B 187 14.39 -2.17 -24.71
N GLY B 188 14.24 -1.01 -24.09
CA GLY B 188 14.83 -0.78 -22.79
C GLY B 188 13.94 -1.21 -21.64
N LEU B 189 13.78 -2.52 -21.46
CA LEU B 189 12.96 -3.04 -20.38
C LEU B 189 13.85 -3.57 -19.26
N THR B 190 13.56 -3.17 -18.03
CA THR B 190 14.33 -3.62 -16.87
C THR B 190 13.38 -3.84 -15.70
N LEU B 191 13.09 -5.09 -15.40
CA LEU B 191 12.32 -5.43 -14.21
C LEU B 191 13.20 -5.21 -12.96
N PRO B 192 12.59 -5.02 -11.78
CA PRO B 192 13.40 -4.90 -10.56
C PRO B 192 14.16 -6.18 -10.24
N GLN B 193 13.44 -7.30 -10.11
CA GLN B 193 14.06 -8.56 -9.73
C GLN B 193 14.39 -9.43 -10.95
N PHE B 194 13.37 -9.77 -11.72
CA PHE B 194 13.53 -10.71 -12.82
C PHE B 194 14.21 -10.05 -14.01
N ILE B 195 14.54 -10.86 -15.00
CA ILE B 195 14.89 -10.39 -16.34
C ILE B 195 14.09 -11.19 -17.35
N LEU B 196 13.36 -10.49 -18.20
CA LEU B 196 12.50 -11.15 -19.18
C LEU B 196 13.35 -11.74 -20.30
N LYS B 197 13.25 -13.05 -20.48
CA LYS B 197 14.05 -13.70 -21.50
C LYS B 197 13.53 -13.37 -22.89
N GLU B 198 14.44 -13.22 -23.84
CA GLU B 198 14.10 -12.80 -25.20
C GLU B 198 13.48 -13.92 -26.03
N GLU B 199 13.40 -15.13 -25.51
CA GLU B 199 12.76 -16.25 -26.20
C GLU B 199 11.40 -16.48 -25.54
N LYS B 200 10.36 -15.89 -26.14
CA LYS B 200 9.01 -15.93 -25.59
C LYS B 200 8.23 -17.02 -26.29
N GLU B 201 7.72 -17.98 -25.52
CA GLU B 201 6.93 -19.05 -26.10
C GLU B 201 5.54 -18.55 -26.43
N LEU B 202 4.93 -19.16 -27.44
CA LEU B 202 3.56 -18.79 -27.82
C LEU B 202 2.88 -20.00 -28.44
N GLY B 203 1.59 -20.18 -28.13
CA GLY B 203 0.79 -21.30 -28.64
C GLY B 203 -0.70 -21.05 -28.50
N TYR B 204 -1.53 -22.11 -28.57
CA TYR B 204 -3.01 -21.96 -28.47
C TYR B 204 -3.55 -22.68 -27.23
N CYS B 205 -4.22 -21.96 -26.32
CA CYS B 205 -4.83 -22.57 -25.10
C CYS B 205 -6.00 -23.49 -25.49
N THR B 206 -6.85 -23.05 -26.43
CA THR B 206 -7.97 -23.86 -27.00
C THR B 206 -8.85 -24.53 -25.93
N LYS B 207 -9.41 -23.76 -24.99
CA LYS B 207 -10.27 -24.31 -23.90
C LYS B 207 -11.50 -25.08 -24.43
N HIS B 208 -11.92 -26.11 -23.68
CA HIS B 208 -13.07 -26.97 -23.94
C HIS B 208 -14.03 -26.85 -22.75
N TYR B 209 -15.16 -26.19 -22.97
CA TYR B 209 -16.20 -26.10 -21.98
C TYR B 209 -17.36 -27.00 -22.36
N ASN B 210 -18.42 -26.97 -21.55
CA ASN B 210 -19.58 -27.82 -21.78
C ASN B 210 -20.47 -27.35 -22.92
N THR B 211 -20.20 -26.17 -23.47
CA THR B 211 -20.98 -25.62 -24.58
C THR B 211 -20.33 -25.82 -25.93
N GLY B 212 -19.02 -25.78 -26.01
CA GLY B 212 -18.32 -25.93 -27.27
C GLY B 212 -16.90 -25.45 -27.15
N LYS B 213 -16.17 -25.60 -28.26
CA LYS B 213 -14.79 -25.13 -28.30
C LYS B 213 -14.77 -23.60 -28.34
N PHE B 214 -14.02 -23.01 -27.42
CA PHE B 214 -13.81 -21.57 -27.38
C PHE B 214 -12.36 -21.26 -27.72
N THR B 215 -12.16 -20.37 -28.68
CA THR B 215 -10.80 -20.08 -29.13
C THR B 215 -10.03 -19.33 -28.06
N CYS B 216 -8.72 -19.57 -28.05
CA CYS B 216 -7.86 -19.15 -26.96
C CYS B 216 -6.42 -19.23 -27.45
N ILE B 217 -5.67 -18.14 -27.38
CA ILE B 217 -4.27 -18.14 -27.79
C ILE B 217 -3.46 -17.54 -26.66
N GLU B 218 -2.25 -18.07 -26.46
CA GLU B 218 -1.51 -17.72 -25.25
C GLU B 218 -0.06 -17.43 -25.57
N VAL B 219 0.51 -16.52 -24.76
CA VAL B 219 1.93 -16.24 -24.73
C VAL B 219 2.45 -16.70 -23.38
N LYS B 220 3.72 -17.10 -23.34
CA LYS B 220 4.39 -17.49 -22.11
C LYS B 220 5.75 -16.81 -22.07
N PHE B 221 5.93 -15.87 -21.14
CA PHE B 221 7.21 -15.24 -20.89
C PHE B 221 7.94 -16.03 -19.80
N HIS B 222 9.18 -16.40 -20.10
CA HIS B 222 10.04 -17.06 -19.13
C HIS B 222 10.83 -16.00 -18.36
N LEU B 223 10.46 -15.77 -17.11
CA LEU B 223 11.14 -14.79 -16.27
C LEU B 223 12.15 -15.53 -15.41
N GLU B 224 13.43 -15.21 -15.58
CA GLU B 224 14.50 -15.82 -14.82
C GLU B 224 15.00 -14.85 -13.76
N ARG B 225 14.98 -15.27 -12.51
CA ARG B 225 15.40 -14.40 -11.42
C ARG B 225 16.93 -14.28 -11.38
N GLN B 226 17.40 -13.08 -11.08
CA GLN B 226 18.82 -12.84 -10.91
C GLN B 226 19.26 -13.21 -9.49
N MET B 227 20.50 -13.63 -9.34
CA MET B 227 20.99 -14.22 -8.10
C MET B 227 22.13 -13.45 -7.47
N GLY B 228 22.52 -12.31 -8.03
CA GLY B 228 23.70 -11.62 -7.56
C GLY B 228 23.56 -11.07 -6.15
N TYR B 229 22.40 -10.49 -5.84
CA TYR B 229 22.18 -9.92 -4.52
C TYR B 229 22.18 -11.00 -3.44
N TYR B 230 21.50 -12.11 -3.70
CA TYR B 230 21.44 -13.18 -2.71
C TYR B 230 22.80 -13.86 -2.55
N LEU B 231 23.58 -13.97 -3.64
CA LEU B 231 24.93 -14.51 -3.51
C LEU B 231 25.83 -13.61 -2.68
N ILE B 232 25.79 -12.30 -2.95
CA ILE B 232 26.71 -11.39 -2.29
C ILE B 232 26.31 -11.20 -0.83
N GLN B 233 25.02 -11.20 -0.52
CA GLN B 233 24.56 -10.71 0.76
C GLN B 233 23.92 -11.78 1.65
N MET B 234 23.55 -12.94 1.13
CA MET B 234 22.92 -13.94 1.98
C MET B 234 23.63 -15.28 2.00
N TYR B 235 24.34 -15.64 0.94
CA TYR B 235 25.03 -16.93 0.89
C TYR B 235 26.48 -16.83 1.35
N ILE B 236 27.22 -15.86 0.80
CA ILE B 236 28.64 -15.68 1.10
C ILE B 236 28.88 -15.33 2.57
N PRO B 237 28.11 -14.42 3.22
CA PRO B 237 28.36 -14.23 4.66
C PRO B 237 28.02 -15.43 5.52
N SER B 238 27.01 -16.22 5.17
CA SER B 238 26.70 -17.39 5.98
C SER B 238 27.75 -18.48 5.79
N LEU B 239 28.28 -18.61 4.57
CA LEU B 239 29.41 -19.51 4.36
C LEU B 239 30.63 -19.06 5.15
N LEU B 240 30.85 -17.74 5.21
CA LEU B 240 31.90 -17.19 6.05
C LEU B 240 31.69 -17.51 7.52
N ILE B 241 30.44 -17.46 7.98
CA ILE B 241 30.10 -17.82 9.35
C ILE B 241 30.35 -19.31 9.61
N VAL B 242 30.11 -20.16 8.61
CA VAL B 242 30.44 -21.58 8.75
C VAL B 242 31.96 -21.79 8.88
N ILE B 243 32.73 -21.04 8.10
CA ILE B 243 34.19 -21.14 8.19
C ILE B 243 34.68 -20.65 9.56
N LEU B 244 34.06 -19.59 10.08
CA LEU B 244 34.39 -19.14 11.43
C LEU B 244 33.99 -20.17 12.49
N SER B 245 32.91 -20.92 12.24
CA SER B 245 32.54 -22.02 13.13
C SER B 245 33.61 -23.10 13.15
N TRP B 246 34.20 -23.39 11.99
CA TRP B 246 35.30 -24.35 11.96
C TRP B 246 36.55 -23.80 12.65
N VAL B 247 36.78 -22.50 12.53
CA VAL B 247 37.89 -21.84 13.24
C VAL B 247 37.67 -21.93 14.74
N SER B 248 36.41 -21.90 15.18
CA SER B 248 36.09 -21.96 16.61
C SER B 248 36.54 -23.26 17.29
N PHE B 249 36.88 -24.31 16.53
CA PHE B 249 37.43 -25.51 17.14
C PHE B 249 38.66 -26.04 16.44
N TRP B 250 39.18 -25.36 15.42
CA TRP B 250 40.46 -25.80 14.86
C TRP B 250 41.66 -25.33 15.69
N ILE B 251 41.50 -24.31 16.53
CA ILE B 251 42.59 -23.86 17.38
C ILE B 251 42.77 -24.85 18.53
N ASN B 252 43.85 -24.66 19.31
CA ASN B 252 44.27 -25.61 20.34
C ASN B 252 43.17 -25.86 21.38
N MET B 253 42.90 -27.14 21.63
CA MET B 253 41.66 -27.55 22.26
C MET B 253 41.75 -27.47 23.78
N ASP B 254 40.59 -27.16 24.40
CA ASP B 254 40.34 -27.25 25.83
C ASP B 254 41.21 -26.30 26.66
N ALA B 255 41.87 -25.35 26.02
CA ALA B 255 42.87 -24.49 26.66
C ALA B 255 42.14 -23.49 27.57
N ALA B 256 41.29 -22.63 27.04
CA ALA B 256 40.83 -21.47 27.81
C ALA B 256 39.44 -21.05 27.34
N PRO B 257 38.74 -20.16 28.08
CA PRO B 257 37.47 -19.62 27.54
C PRO B 257 37.68 -18.68 26.35
N ALA B 258 38.16 -19.23 25.24
CA ALA B 258 38.26 -18.51 23.98
C ALA B 258 37.65 -19.26 22.81
N ARG B 259 37.10 -20.46 23.05
CA ARG B 259 36.49 -21.28 22.02
C ARG B 259 34.98 -21.36 22.13
N VAL B 260 34.44 -21.51 23.35
CA VAL B 260 32.99 -21.42 23.53
C VAL B 260 32.49 -20.02 23.21
N ALA B 261 33.32 -19.00 23.43
CA ALA B 261 32.95 -17.64 23.07
C ALA B 261 32.77 -17.50 21.57
N LEU B 262 33.74 -17.99 20.79
CA LEU B 262 33.63 -17.95 19.34
C LEU B 262 32.49 -18.84 18.85
N GLY B 263 32.25 -19.97 19.52
CA GLY B 263 31.16 -20.83 19.12
C GLY B 263 29.80 -20.18 19.29
N ILE B 264 29.53 -19.64 20.48
CA ILE B 264 28.24 -19.00 20.70
C ILE B 264 28.13 -17.67 19.97
N THR B 265 29.24 -17.04 19.62
CA THR B 265 29.14 -15.84 18.80
C THR B 265 28.83 -16.17 17.35
N THR B 266 29.43 -17.24 16.83
CA THR B 266 29.03 -17.74 15.52
C THR B 266 27.56 -18.13 15.51
N VAL B 267 27.08 -18.72 16.61
CA VAL B 267 25.65 -18.98 16.80
C VAL B 267 24.84 -17.69 16.68
N LEU B 268 25.24 -16.65 17.41
CA LEU B 268 24.42 -15.44 17.48
C LEU B 268 24.44 -14.68 16.16
N THR B 269 25.59 -14.64 15.48
CA THR B 269 25.63 -13.96 14.19
C THR B 269 24.89 -14.75 13.11
N MET B 270 25.00 -16.08 13.13
CA MET B 270 24.23 -16.88 12.19
C MET B 270 22.73 -16.73 12.45
N THR B 271 22.33 -16.57 13.71
CA THR B 271 20.92 -16.44 14.01
C THR B 271 20.39 -15.06 13.65
N THR B 272 21.17 -13.99 13.87
CA THR B 272 20.67 -12.69 13.44
C THR B 272 20.71 -12.55 11.93
N GLN B 273 21.60 -13.28 11.25
CA GLN B 273 21.55 -13.36 9.80
C GLN B 273 20.27 -14.06 9.33
N SER B 274 19.98 -15.22 9.91
CA SER B 274 18.78 -15.97 9.54
C SER B 274 17.49 -15.29 9.99
N SER B 275 17.58 -14.33 10.91
CA SER B 275 16.41 -13.56 11.31
C SER B 275 16.21 -12.34 10.41
N GLY B 276 17.27 -11.58 10.16
CA GLY B 276 17.17 -10.44 9.27
C GLY B 276 16.99 -10.79 7.81
N SER B 277 17.26 -12.04 7.43
CA SER B 277 17.06 -12.49 6.07
C SER B 277 15.67 -13.08 5.84
N ARG B 278 14.68 -12.66 6.62
CA ARG B 278 13.31 -13.07 6.39
C ARG B 278 12.36 -11.90 6.23
N ALA B 279 12.87 -10.67 6.23
CA ALA B 279 12.08 -9.49 5.94
C ALA B 279 12.31 -8.95 4.54
N SER B 280 13.31 -9.47 3.82
CA SER B 280 13.60 -9.07 2.46
C SER B 280 13.18 -10.12 1.43
N LEU B 281 12.64 -11.24 1.88
CA LEU B 281 12.18 -12.30 1.01
C LEU B 281 10.67 -12.20 0.81
N PRO B 282 10.14 -12.82 -0.25
CA PRO B 282 8.69 -12.96 -0.35
C PRO B 282 8.14 -13.84 0.76
N LYS B 283 7.00 -13.43 1.32
CA LYS B 283 6.40 -14.13 2.44
C LYS B 283 5.47 -15.20 1.90
N VAL B 284 6.03 -16.39 1.68
CA VAL B 284 5.25 -17.57 1.36
C VAL B 284 5.48 -18.59 2.47
N SER B 285 4.48 -19.43 2.68
CA SER B 285 4.44 -20.30 3.84
C SER B 285 4.74 -21.76 3.47
N TYR B 286 5.57 -21.95 2.47
CA TYR B 286 6.16 -23.25 2.18
C TYR B 286 7.67 -23.08 2.10
N VAL B 287 8.39 -24.17 2.34
CA VAL B 287 9.85 -24.09 2.43
C VAL B 287 10.45 -23.80 1.07
N LYS B 288 11.43 -22.91 1.04
CA LYS B 288 12.11 -22.52 -0.19
C LYS B 288 13.57 -22.94 -0.12
N ALA B 289 14.32 -22.56 -1.14
CA ALA B 289 15.71 -23.01 -1.24
C ALA B 289 16.60 -22.33 -0.21
N ILE B 290 16.51 -21.00 -0.11
CA ILE B 290 17.34 -20.28 0.84
C ILE B 290 16.96 -20.60 2.28
N ASP B 291 15.71 -21.00 2.52
CA ASP B 291 15.30 -21.40 3.86
C ASP B 291 15.99 -22.69 4.28
N ILE B 292 16.02 -23.67 3.36
CA ILE B 292 16.73 -24.92 3.63
C ILE B 292 18.21 -24.65 3.82
N TRP B 293 18.79 -23.78 2.98
CA TRP B 293 20.22 -23.54 3.07
C TRP B 293 20.60 -22.72 4.30
N MET B 294 19.65 -21.98 4.87
CA MET B 294 19.95 -21.30 6.13
C MET B 294 19.73 -22.18 7.33
N ALA B 295 18.72 -23.05 7.28
CA ALA B 295 18.48 -23.98 8.38
C ALA B 295 19.61 -24.98 8.51
N VAL B 296 20.13 -25.47 7.38
CA VAL B 296 21.23 -26.44 7.45
C VAL B 296 22.52 -25.77 7.95
N CYS B 297 22.74 -24.50 7.60
CA CYS B 297 23.93 -23.81 8.11
C CYS B 297 23.82 -23.55 9.60
N LEU B 298 22.64 -23.15 10.07
CA LEU B 298 22.42 -23.00 11.51
C LEU B 298 22.59 -24.33 12.23
N LEU B 299 22.15 -25.42 11.58
CA LEU B 299 22.31 -26.74 12.18
C LEU B 299 23.78 -27.16 12.23
N PHE B 300 24.57 -26.82 11.22
CA PHE B 300 26.00 -27.14 11.27
C PHE B 300 26.72 -26.32 12.33
N VAL B 301 26.32 -25.06 12.52
CA VAL B 301 26.92 -24.27 13.59
C VAL B 301 26.57 -24.85 14.95
N PHE B 302 25.30 -25.26 15.14
CA PHE B 302 24.90 -25.91 16.37
C PHE B 302 25.61 -27.25 16.57
N ALA B 303 25.85 -27.99 15.49
CA ALA B 303 26.56 -29.26 15.60
C ALA B 303 28.02 -29.04 15.97
N ALA B 304 28.64 -27.98 15.45
CA ALA B 304 30.01 -27.67 15.85
C ALA B 304 30.09 -27.31 17.32
N LEU B 305 29.14 -26.50 17.81
CA LEU B 305 29.16 -26.17 19.23
C LEU B 305 28.83 -27.38 20.11
N LEU B 306 27.98 -28.29 19.63
CA LEU B 306 27.64 -29.46 20.43
C LEU B 306 28.79 -30.45 20.47
N GLU B 307 29.49 -30.65 19.35
CA GLU B 307 30.65 -31.53 19.34
C GLU B 307 31.92 -30.83 19.84
N TYR B 308 31.83 -29.57 20.25
CA TYR B 308 32.85 -29.03 21.15
C TYR B 308 32.46 -29.18 22.62
N ALA B 309 31.16 -29.07 22.93
CA ALA B 309 30.71 -29.34 24.29
C ALA B 309 30.96 -30.79 24.68
N ALA B 310 30.87 -31.70 23.72
CA ALA B 310 31.21 -33.09 23.98
C ALA B 310 32.68 -33.25 24.35
N VAL B 311 33.57 -32.53 23.65
CA VAL B 311 34.99 -32.57 23.96
C VAL B 311 35.27 -31.98 25.33
N ASN B 312 34.59 -30.87 25.65
CA ASN B 312 34.76 -30.24 26.96
C ASN B 312 34.22 -31.12 28.09
N PHE B 313 33.21 -31.94 27.80
CA PHE B 313 32.74 -32.88 28.81
C PHE B 313 33.69 -34.04 29.00
N VAL B 314 34.11 -34.68 27.90
CA VAL B 314 34.97 -35.86 28.02
C VAL B 314 36.39 -35.49 28.44
N SER B 315 36.76 -34.21 28.36
CA SER B 315 38.02 -33.77 28.93
C SER B 315 38.00 -33.78 30.45
N ARG B 316 36.81 -33.73 31.07
CA ARG B 316 36.68 -33.77 32.51
C ARG B 316 35.78 -34.93 32.94
N LYS B 322 44.64 -40.41 30.81
CA LYS B 322 44.77 -40.32 29.37
C LYS B 322 43.49 -39.79 28.73
N PHE B 323 42.74 -39.00 29.51
CA PHE B 323 41.46 -38.48 29.04
C PHE B 323 41.62 -37.42 27.95
N VAL B 324 42.80 -36.81 27.82
CA VAL B 324 43.00 -35.81 26.79
C VAL B 324 43.33 -36.44 25.45
N ASP B 325 43.77 -37.70 25.43
CA ASP B 325 44.04 -38.37 24.16
C ASP B 325 42.75 -38.65 23.40
N ARG B 326 41.70 -39.04 24.12
CA ARG B 326 40.40 -39.24 23.47
C ARG B 326 39.84 -37.91 22.96
N ALA B 327 40.08 -36.82 23.70
CA ALA B 327 39.65 -35.50 23.24
C ALA B 327 40.40 -35.08 21.98
N LYS B 328 41.71 -35.36 21.92
CA LYS B 328 42.48 -35.06 20.72
C LYS B 328 42.00 -35.91 19.55
N ARG B 329 41.64 -37.17 19.80
CA ARG B 329 41.16 -38.05 18.74
C ARG B 329 39.83 -37.56 18.18
N ILE B 330 38.88 -37.20 19.05
CA ILE B 330 37.58 -36.76 18.56
C ILE B 330 37.69 -35.38 17.92
N ASP B 331 38.61 -34.53 18.39
CA ASP B 331 38.82 -33.24 17.77
C ASP B 331 39.40 -33.38 16.36
N THR B 332 40.37 -34.29 16.19
CA THR B 332 40.94 -34.51 14.87
C THR B 332 39.92 -35.15 13.93
N ILE B 333 39.11 -36.07 14.44
CA ILE B 333 38.09 -36.71 13.61
C ILE B 333 37.04 -35.70 13.18
N SER B 334 36.66 -34.78 14.08
CA SER B 334 35.70 -33.75 13.71
C SER B 334 36.29 -32.76 12.71
N ARG B 335 37.57 -32.40 12.90
CA ARG B 335 38.21 -31.46 11.98
C ARG B 335 38.43 -32.07 10.61
N ALA B 336 38.53 -33.40 10.53
CA ALA B 336 38.62 -34.07 9.24
C ALA B 336 37.28 -34.47 8.66
N ALA B 337 36.20 -34.42 9.45
CA ALA B 337 34.89 -34.84 8.98
C ALA B 337 33.98 -33.68 8.60
N PHE B 338 33.97 -32.59 9.38
CA PHE B 338 33.04 -31.49 9.14
C PHE B 338 33.24 -30.74 7.83
N PRO B 339 34.47 -30.49 7.34
CA PRO B 339 34.58 -29.97 5.96
C PRO B 339 34.06 -30.93 4.91
N LEU B 340 34.30 -32.23 5.07
CA LEU B 340 33.72 -33.20 4.15
C LEU B 340 32.19 -33.22 4.26
N ALA B 341 31.67 -33.08 5.48
CA ALA B 341 30.23 -33.09 5.69
C ALA B 341 29.58 -31.84 5.13
N PHE B 342 30.30 -30.71 5.08
CA PHE B 342 29.76 -29.55 4.41
C PHE B 342 29.88 -29.65 2.90
N LEU B 343 30.96 -30.26 2.40
CA LEU B 343 31.14 -30.37 0.96
C LEU B 343 30.11 -31.29 0.33
N ILE B 344 29.75 -32.39 1.01
CA ILE B 344 28.75 -33.28 0.43
C ILE B 344 27.38 -32.59 0.37
N PHE B 345 27.04 -31.81 1.40
CA PHE B 345 25.79 -31.06 1.39
C PHE B 345 25.81 -29.96 0.35
N ASN B 346 26.96 -29.31 0.17
CA ASN B 346 27.07 -28.24 -0.81
C ASN B 346 26.90 -28.79 -2.23
N ILE B 347 27.54 -29.93 -2.51
CA ILE B 347 27.40 -30.58 -3.81
C ILE B 347 25.94 -30.98 -4.05
N PHE B 348 25.32 -31.61 -3.05
CA PHE B 348 23.91 -32.00 -3.15
C PHE B 348 23.02 -30.80 -3.44
N TYR B 349 23.17 -29.72 -2.67
CA TYR B 349 22.33 -28.54 -2.80
C TYR B 349 22.47 -27.89 -4.16
N TRP B 350 23.72 -27.67 -4.60
CA TRP B 350 23.91 -26.95 -5.85
C TRP B 350 23.55 -27.80 -7.07
N ILE B 351 23.85 -29.10 -7.05
CA ILE B 351 23.46 -29.92 -8.19
C ILE B 351 21.97 -30.24 -8.16
N THR B 352 21.29 -30.03 -7.03
CA THR B 352 19.85 -30.18 -7.00
C THR B 352 19.11 -28.93 -7.45
N TYR B 353 19.64 -27.75 -7.16
CA TYR B 353 18.95 -26.52 -7.53
C TYR B 353 19.58 -25.79 -8.71
N LYS B 354 20.55 -26.39 -9.40
CA LYS B 354 21.14 -25.74 -10.56
C LYS B 354 21.28 -26.63 -11.79
N ILE B 355 21.18 -27.95 -11.66
CA ILE B 355 21.41 -28.87 -12.78
C ILE B 355 20.16 -29.68 -13.10
N ILE B 356 19.61 -30.37 -12.10
CA ILE B 356 18.47 -31.26 -12.38
C ILE B 356 17.17 -30.47 -12.54
N ARG B 357 17.06 -29.29 -11.93
CA ARG B 357 15.85 -28.49 -12.02
C ARG B 357 16.05 -27.22 -12.86
N HIS B 358 17.13 -27.18 -13.63
CA HIS B 358 17.43 -26.11 -14.60
C HIS B 358 17.45 -24.70 -13.99
N LEU C 15 -36.48 -11.98 -40.99
CA LEU C 15 -36.12 -10.61 -40.62
C LEU C 15 -34.84 -10.60 -39.78
N SER C 16 -34.40 -9.40 -39.41
CA SER C 16 -33.16 -9.26 -38.67
C SER C 16 -33.31 -9.81 -37.25
N PRO C 17 -32.23 -10.32 -36.66
CA PRO C 17 -32.30 -10.76 -35.26
C PRO C 17 -32.59 -9.61 -34.30
N SER C 18 -31.99 -8.45 -34.51
CA SER C 18 -32.29 -7.29 -33.67
C SER C 18 -33.71 -6.80 -33.88
N ASP C 19 -34.17 -6.79 -35.12
CA ASP C 19 -35.54 -6.37 -35.40
C ASP C 19 -36.55 -7.37 -34.84
N PHE C 20 -36.24 -8.67 -34.91
CA PHE C 20 -37.12 -9.66 -34.32
C PHE C 20 -37.11 -9.57 -32.80
N LEU C 21 -35.97 -9.22 -32.21
CA LEU C 21 -35.93 -9.04 -30.76
C LEU C 21 -36.69 -7.80 -30.33
N ASP C 22 -36.68 -6.75 -31.16
CA ASP C 22 -37.53 -5.59 -30.90
C ASP C 22 -39.00 -5.93 -31.06
N LYS C 23 -39.34 -6.81 -32.01
CA LYS C 23 -40.71 -7.29 -32.11
C LYS C 23 -41.10 -8.14 -30.90
N LEU C 24 -40.13 -8.85 -30.33
CA LEU C 24 -40.41 -9.73 -29.19
C LEU C 24 -40.62 -8.94 -27.91
N MET C 25 -39.63 -8.10 -27.54
CA MET C 25 -39.68 -7.43 -26.24
C MET C 25 -39.41 -5.93 -26.35
N GLY C 26 -39.88 -5.28 -27.40
CA GLY C 26 -39.70 -3.85 -27.53
C GLY C 26 -40.93 -3.06 -27.14
N ARG C 27 -41.26 -2.02 -27.94
CA ARG C 27 -42.42 -1.21 -27.65
C ARG C 27 -43.72 -1.97 -27.88
N THR C 28 -43.75 -2.87 -28.85
CA THR C 28 -44.93 -3.65 -29.14
C THR C 28 -45.04 -4.82 -28.17
N SER C 29 -46.14 -5.57 -28.28
CA SER C 29 -46.52 -6.78 -27.55
C SER C 29 -46.79 -6.54 -26.06
N GLY C 30 -46.60 -5.33 -25.55
CA GLY C 30 -46.90 -5.00 -24.18
C GLY C 30 -46.09 -5.77 -23.14
N TYR C 31 -44.78 -5.52 -23.10
CA TYR C 31 -43.89 -6.20 -22.18
C TYR C 31 -43.15 -5.17 -21.34
N ASP C 32 -43.34 -5.23 -20.03
CA ASP C 32 -42.67 -4.35 -19.08
C ASP C 32 -41.62 -5.14 -18.32
N ALA C 33 -40.35 -4.79 -18.50
CA ALA C 33 -39.25 -5.51 -17.90
C ALA C 33 -38.97 -5.10 -16.47
N ARG C 34 -39.89 -4.39 -15.82
CA ARG C 34 -39.75 -4.02 -14.42
C ARG C 34 -40.56 -4.94 -13.51
N ILE C 35 -41.20 -5.97 -14.07
CA ILE C 35 -41.95 -6.93 -13.29
C ILE C 35 -41.33 -8.30 -13.47
N ARG C 36 -41.45 -9.14 -12.45
CA ARG C 36 -40.89 -10.47 -12.49
C ARG C 36 -41.75 -11.38 -13.38
N PRO C 37 -41.17 -12.43 -13.93
CA PRO C 37 -41.99 -13.45 -14.59
C PRO C 37 -42.82 -14.21 -13.57
N ASN C 38 -43.93 -14.77 -14.05
CA ASN C 38 -44.94 -15.42 -13.21
C ASN C 38 -45.41 -14.47 -12.12
N PHE C 39 -45.77 -13.25 -12.52
CA PHE C 39 -46.16 -12.22 -11.58
C PHE C 39 -47.48 -12.59 -10.91
N LYS C 40 -47.54 -12.41 -9.60
CA LYS C 40 -48.62 -12.89 -8.74
C LYS C 40 -48.85 -14.38 -8.93
N GLY C 41 -47.82 -15.15 -8.62
CA GLY C 41 -47.86 -16.59 -8.76
C GLY C 41 -46.75 -17.27 -7.99
N PRO C 42 -46.23 -18.36 -8.55
CA PRO C 42 -45.13 -19.05 -7.87
C PRO C 42 -43.85 -18.25 -7.96
N PRO C 43 -42.93 -18.43 -7.01
CA PRO C 43 -41.63 -17.76 -7.12
C PRO C 43 -40.80 -18.37 -8.23
N VAL C 44 -39.96 -17.53 -8.85
CA VAL C 44 -39.19 -17.96 -10.01
C VAL C 44 -38.09 -18.94 -9.60
N ASN C 45 -37.57 -19.68 -10.58
CA ASN C 45 -36.63 -20.75 -10.34
C ASN C 45 -35.30 -20.29 -10.89
N VAL C 46 -34.52 -19.55 -10.12
CA VAL C 46 -33.25 -18.99 -10.59
C VAL C 46 -32.13 -19.93 -10.14
N THR C 47 -31.50 -20.60 -11.10
CA THR C 47 -30.43 -21.55 -10.80
C THR C 47 -29.11 -20.96 -11.25
N CYS C 48 -28.17 -20.78 -10.31
CA CYS C 48 -26.92 -20.12 -10.61
C CYS C 48 -25.75 -20.95 -10.14
N ASN C 49 -24.67 -20.93 -10.92
CA ASN C 49 -23.40 -21.52 -10.55
C ASN C 49 -22.29 -20.50 -10.82
N ILE C 50 -21.11 -20.79 -10.29
CA ILE C 50 -19.98 -19.90 -10.47
C ILE C 50 -18.82 -20.65 -11.10
N PHE C 51 -17.74 -19.93 -11.39
CA PHE C 51 -16.51 -20.52 -11.94
C PHE C 51 -15.37 -19.61 -11.52
N ILE C 52 -14.58 -20.04 -10.55
CA ILE C 52 -13.59 -19.17 -9.94
C ILE C 52 -12.26 -19.31 -10.66
N ASN C 53 -11.74 -18.19 -11.17
CA ASN C 53 -10.44 -18.19 -11.83
C ASN C 53 -9.32 -17.88 -10.84
N SER C 54 -9.39 -16.72 -10.20
CA SER C 54 -8.37 -16.31 -9.25
C SER C 54 -8.89 -16.40 -7.83
N PHE C 55 -7.97 -16.59 -6.89
CA PHE C 55 -8.29 -16.64 -5.47
C PHE C 55 -7.05 -16.11 -4.76
N GLY C 56 -7.03 -14.81 -4.51
CA GLY C 56 -5.81 -14.15 -4.11
C GLY C 56 -6.03 -13.16 -2.98
N SER C 57 -4.92 -12.84 -2.31
CA SER C 57 -4.83 -11.81 -1.27
C SER C 57 -5.79 -12.10 -0.12
N VAL C 58 -5.62 -13.28 0.47
CA VAL C 58 -6.33 -13.62 1.70
C VAL C 58 -5.55 -13.02 2.85
N THR C 59 -5.83 -11.78 3.18
CA THR C 59 -5.01 -11.01 4.10
C THR C 59 -5.74 -10.82 5.43
N GLU C 60 -4.99 -10.92 6.52
CA GLU C 60 -5.54 -10.89 7.87
C GLU C 60 -5.48 -9.50 8.50
N THR C 61 -5.21 -8.46 7.72
CA THR C 61 -5.22 -7.11 8.26
C THR C 61 -6.51 -6.36 7.94
N THR C 62 -7.27 -6.78 6.95
CA THR C 62 -8.58 -6.23 6.67
C THR C 62 -9.65 -7.29 6.56
N MET C 63 -9.31 -8.57 6.79
CA MET C 63 -10.24 -9.68 6.89
C MET C 63 -11.07 -9.87 5.62
N ASP C 64 -10.38 -9.86 4.48
CA ASP C 64 -11.04 -10.08 3.20
C ASP C 64 -10.22 -11.04 2.35
N TYR C 65 -10.76 -11.37 1.19
CA TYR C 65 -10.07 -12.16 0.19
C TYR C 65 -10.71 -11.86 -1.16
N ARG C 66 -9.89 -11.82 -2.20
CA ARG C 66 -10.33 -11.38 -3.52
C ARG C 66 -10.54 -12.59 -4.43
N VAL C 67 -11.65 -12.59 -5.16
CA VAL C 67 -11.92 -13.62 -6.15
C VAL C 67 -12.26 -12.94 -7.47
N ASN C 68 -12.19 -13.73 -8.54
CA ASN C 68 -12.43 -13.24 -9.91
C ASN C 68 -13.24 -14.31 -10.62
N ILE C 69 -14.55 -14.18 -10.59
CA ILE C 69 -15.44 -15.29 -10.90
C ILE C 69 -16.22 -15.04 -12.18
N PHE C 70 -16.64 -16.13 -12.79
CA PHE C 70 -17.77 -16.14 -13.71
C PHE C 70 -19.02 -16.50 -12.91
N LEU C 71 -20.12 -15.84 -13.21
CA LEU C 71 -21.40 -16.10 -12.55
C LEU C 71 -22.43 -16.36 -13.63
N ARG C 72 -22.93 -17.59 -13.70
CA ARG C 72 -23.91 -17.99 -14.70
C ARG C 72 -25.21 -18.32 -14.00
N GLN C 73 -26.25 -17.55 -14.28
CA GLN C 73 -27.57 -17.77 -13.70
C GLN C 73 -28.61 -17.91 -14.79
N GLN C 74 -29.41 -18.97 -14.70
CA GLN C 74 -30.47 -19.21 -15.65
C GLN C 74 -31.82 -19.14 -14.95
N TRP C 75 -32.84 -18.74 -15.68
CA TRP C 75 -34.20 -18.74 -15.15
C TRP C 75 -35.19 -18.89 -16.30
N ASN C 76 -36.47 -18.79 -15.97
CA ASN C 76 -37.55 -18.99 -16.93
C ASN C 76 -38.47 -17.78 -16.94
N ASP C 77 -38.97 -17.44 -18.13
CA ASP C 77 -40.00 -16.42 -18.27
C ASP C 77 -40.88 -16.78 -19.45
N SER C 78 -42.18 -16.84 -19.21
CA SER C 78 -43.13 -17.22 -20.26
C SER C 78 -43.39 -16.09 -21.25
N ARG C 79 -42.85 -14.89 -21.02
CA ARG C 79 -43.08 -13.79 -21.96
C ARG C 79 -42.16 -13.87 -23.16
N LEU C 80 -40.91 -14.27 -22.95
CA LEU C 80 -39.94 -14.38 -24.04
C LEU C 80 -39.91 -15.78 -24.64
N ALA C 81 -41.06 -16.29 -25.03
CA ALA C 81 -41.17 -17.56 -25.71
C ALA C 81 -41.51 -17.29 -27.18
N TYR C 82 -40.56 -17.56 -28.06
CA TYR C 82 -40.72 -17.32 -29.49
C TYR C 82 -40.67 -18.65 -30.23
N SER C 83 -41.52 -18.77 -31.27
CA SER C 83 -41.58 -19.99 -32.06
C SER C 83 -41.70 -19.67 -33.54
N GLU C 84 -41.00 -18.63 -33.98
CA GLU C 84 -40.97 -18.27 -35.39
C GLU C 84 -39.58 -18.28 -35.99
N TYR C 85 -38.59 -17.74 -35.28
CA TYR C 85 -37.23 -17.71 -35.80
C TYR C 85 -36.61 -19.11 -35.80
N PRO C 86 -35.78 -19.42 -36.80
CA PRO C 86 -35.18 -20.76 -36.83
C PRO C 86 -34.16 -21.00 -35.73
N ASP C 87 -33.33 -20.01 -35.41
CA ASP C 87 -32.25 -20.20 -34.45
C ASP C 87 -32.83 -20.32 -33.04
N ASP C 88 -32.49 -21.42 -32.36
CA ASP C 88 -33.06 -21.71 -31.05
C ASP C 88 -32.42 -20.89 -29.93
N SER C 89 -31.16 -20.49 -30.08
CA SER C 89 -30.44 -19.78 -29.02
C SER C 89 -30.26 -18.32 -29.45
N LEU C 90 -31.24 -17.49 -29.12
CA LEU C 90 -31.13 -16.07 -29.37
C LEU C 90 -30.17 -15.43 -28.38
N ASP C 91 -29.73 -14.21 -28.70
CA ASP C 91 -28.81 -13.49 -27.85
C ASP C 91 -28.99 -12.00 -28.06
N LEU C 92 -28.52 -11.23 -27.09
CA LEU C 92 -28.53 -9.78 -27.16
C LEU C 92 -27.26 -9.22 -26.55
N ASP C 93 -26.78 -8.12 -27.11
CA ASP C 93 -25.54 -7.50 -26.69
C ASP C 93 -25.70 -6.86 -25.31
N PRO C 94 -24.59 -6.64 -24.59
CA PRO C 94 -24.72 -6.11 -23.22
C PRO C 94 -25.04 -4.63 -23.13
N SER C 95 -25.46 -4.00 -24.23
CA SER C 95 -25.94 -2.62 -24.15
C SER C 95 -27.37 -2.57 -23.65
N MET C 96 -28.27 -3.30 -24.31
CA MET C 96 -29.69 -3.27 -23.99
C MET C 96 -30.08 -4.35 -22.99
N LEU C 97 -29.39 -4.40 -21.85
CA LEU C 97 -29.77 -5.34 -20.81
C LEU C 97 -30.82 -4.78 -19.87
N ASP C 98 -31.15 -3.50 -19.98
CA ASP C 98 -32.23 -2.93 -19.19
C ASP C 98 -33.58 -3.44 -19.68
N SER C 99 -33.69 -3.82 -20.96
CA SER C 99 -34.96 -4.14 -21.59
C SER C 99 -35.36 -5.60 -21.37
N ILE C 100 -34.87 -6.23 -20.31
CA ILE C 100 -35.25 -7.59 -19.95
C ILE C 100 -35.09 -7.72 -18.45
N TRP C 101 -36.05 -8.39 -17.81
CA TRP C 101 -36.00 -8.57 -16.36
C TRP C 101 -34.83 -9.46 -15.98
N LYS C 102 -33.98 -8.97 -15.09
CA LYS C 102 -32.89 -9.75 -14.55
C LYS C 102 -33.09 -9.94 -13.05
N PRO C 103 -32.69 -11.08 -12.49
CA PRO C 103 -32.83 -11.27 -11.05
C PRO C 103 -31.81 -10.42 -10.30
N ASP C 104 -32.30 -9.68 -9.31
CA ASP C 104 -31.48 -8.71 -8.58
C ASP C 104 -30.82 -9.42 -7.41
N LEU C 105 -29.64 -9.99 -7.66
CA LEU C 105 -28.86 -10.57 -6.59
C LEU C 105 -27.76 -9.62 -6.16
N PHE C 106 -27.17 -9.91 -5.00
CA PHE C 106 -26.00 -9.21 -4.52
C PHE C 106 -25.29 -10.14 -3.57
N PHE C 107 -23.98 -9.93 -3.45
CA PHE C 107 -23.16 -10.76 -2.56
C PHE C 107 -23.26 -10.18 -1.16
N ALA C 108 -23.76 -10.99 -0.22
CA ALA C 108 -24.19 -10.47 1.07
C ALA C 108 -23.04 -10.10 2.00
N ASN C 109 -21.78 -10.34 1.61
CA ASN C 109 -20.66 -10.01 2.49
C ASN C 109 -19.49 -9.41 1.74
N GLU C 110 -19.71 -8.79 0.59
CA GLU C 110 -18.61 -8.24 -0.18
C GLU C 110 -18.30 -6.82 0.23
N LYS C 111 -17.07 -6.40 -0.01
CA LYS C 111 -16.62 -5.05 0.29
C LYS C 111 -16.40 -4.20 -0.96
N GLY C 112 -16.07 -4.83 -2.08
CA GLY C 112 -15.92 -4.13 -3.34
C GLY C 112 -16.12 -5.07 -4.51
N ALA C 113 -16.99 -4.69 -5.43
CA ALA C 113 -17.38 -5.54 -6.54
C ALA C 113 -17.38 -4.73 -7.83
N ASN C 114 -16.67 -5.21 -8.84
CA ASN C 114 -16.66 -4.49 -10.11
C ASN C 114 -16.78 -5.47 -11.27
N PHE C 115 -17.42 -4.99 -12.34
CA PHE C 115 -17.51 -5.72 -13.58
C PHE C 115 -16.19 -5.64 -14.33
N HIS C 116 -16.16 -6.22 -15.53
CA HIS C 116 -15.05 -6.07 -16.45
C HIS C 116 -15.61 -5.61 -17.79
N ASP C 117 -14.99 -4.58 -18.36
CA ASP C 117 -15.41 -4.01 -19.64
C ASP C 117 -14.20 -3.81 -20.55
N VAL C 118 -13.35 -4.82 -20.64
CA VAL C 118 -12.15 -4.75 -21.45
C VAL C 118 -12.47 -5.29 -22.84
N THR C 119 -12.33 -4.41 -23.85
CA THR C 119 -12.49 -4.60 -25.29
C THR C 119 -13.96 -4.81 -25.70
N THR C 120 -14.82 -5.02 -24.72
CA THR C 120 -16.27 -5.21 -24.78
C THR C 120 -16.68 -5.41 -23.32
N ASP C 121 -17.94 -5.10 -22.99
CA ASP C 121 -18.48 -5.51 -21.70
C ASP C 121 -18.45 -7.03 -21.58
N ASN C 122 -17.97 -7.51 -20.44
CA ASN C 122 -17.84 -8.95 -20.22
C ASN C 122 -19.11 -9.53 -19.60
N LYS C 123 -20.24 -9.24 -20.23
CA LYS C 123 -21.53 -9.78 -19.83
C LYS C 123 -22.18 -10.38 -21.08
N LEU C 124 -22.91 -11.48 -20.88
CA LEU C 124 -23.47 -12.21 -22.01
C LEU C 124 -24.84 -12.76 -21.64
N LEU C 125 -25.85 -12.35 -22.39
CA LEU C 125 -27.21 -12.81 -22.16
C LEU C 125 -27.66 -13.65 -23.35
N ARG C 126 -28.42 -14.70 -23.07
CA ARG C 126 -28.87 -15.61 -24.11
C ARG C 126 -30.31 -16.04 -23.84
N ILE C 127 -31.13 -15.99 -24.88
CA ILE C 127 -32.50 -16.49 -24.84
C ILE C 127 -32.53 -17.81 -25.58
N SER C 128 -33.16 -18.82 -24.99
CA SER C 128 -33.38 -20.10 -25.64
C SER C 128 -34.78 -20.11 -26.27
N LYS C 129 -35.18 -21.27 -26.78
CA LYS C 129 -36.52 -21.38 -27.35
C LYS C 129 -37.58 -21.63 -26.29
N ASN C 130 -37.24 -22.39 -25.25
CA ASN C 130 -38.17 -22.66 -24.16
C ASN C 130 -38.31 -21.50 -23.18
N GLY C 131 -37.59 -20.40 -23.40
CA GLY C 131 -37.55 -19.32 -22.45
C GLY C 131 -36.48 -19.43 -21.40
N LYS C 132 -35.60 -20.43 -21.50
CA LYS C 132 -34.53 -20.62 -20.53
C LYS C 132 -33.47 -19.55 -20.76
N VAL C 133 -33.54 -18.47 -20.00
CA VAL C 133 -32.64 -17.34 -20.15
C VAL C 133 -31.38 -17.62 -19.37
N LEU C 134 -30.23 -17.40 -19.99
CA LEU C 134 -28.92 -17.65 -19.39
C LEU C 134 -28.14 -16.34 -19.35
N TYR C 135 -27.63 -15.99 -18.17
CA TYR C 135 -26.99 -14.70 -17.93
C TYR C 135 -25.62 -14.95 -17.31
N SER C 136 -24.56 -14.55 -18.01
CA SER C 136 -23.19 -14.83 -17.58
C SER C 136 -22.46 -13.51 -17.39
N ILE C 137 -22.04 -13.25 -16.16
CA ILE C 137 -21.27 -12.06 -15.82
C ILE C 137 -19.87 -12.52 -15.45
N ARG C 138 -18.90 -11.62 -15.60
CA ARG C 138 -17.57 -11.82 -15.04
C ARG C 138 -17.35 -10.74 -13.99
N LEU C 139 -17.28 -11.13 -12.73
CA LEU C 139 -17.17 -10.21 -11.62
C LEU C 139 -15.80 -10.32 -10.97
N THR C 140 -15.39 -9.25 -10.31
CA THR C 140 -14.24 -9.26 -9.42
C THR C 140 -14.71 -8.78 -8.07
N LEU C 141 -14.51 -9.62 -7.05
CA LEU C 141 -15.11 -9.44 -5.74
C LEU C 141 -14.03 -9.38 -4.68
N THR C 142 -14.30 -8.63 -3.61
CA THR C 142 -13.46 -8.60 -2.42
C THR C 142 -14.37 -8.99 -1.27
N LEU C 143 -14.47 -10.29 -1.02
CA LEU C 143 -15.42 -10.77 -0.02
C LEU C 143 -14.79 -10.74 1.37
N SER C 144 -15.64 -10.63 2.37
CA SER C 144 -15.19 -10.55 3.76
C SER C 144 -15.24 -11.92 4.40
N CYS C 145 -14.12 -12.33 4.99
CA CYS C 145 -14.05 -13.55 5.77
C CYS C 145 -13.52 -13.25 7.17
N PRO C 146 -14.21 -13.68 8.22
CA PRO C 146 -13.78 -13.39 9.59
C PRO C 146 -12.73 -14.37 10.13
N MET C 147 -11.48 -14.11 9.78
CA MET C 147 -10.39 -14.98 10.19
C MET C 147 -10.03 -14.76 11.65
N ASP C 148 -9.79 -15.85 12.36
CA ASP C 148 -9.17 -15.82 13.68
C ASP C 148 -7.92 -16.68 13.68
N LEU C 149 -6.90 -16.20 14.39
CA LEU C 149 -5.58 -16.83 14.38
C LEU C 149 -5.18 -17.23 15.79
N LYS C 150 -6.11 -17.82 16.55
CA LYS C 150 -5.80 -18.24 17.90
C LYS C 150 -4.80 -19.39 17.94
N ASN C 151 -4.70 -20.16 16.85
CA ASN C 151 -3.66 -21.16 16.66
C ASN C 151 -3.08 -20.89 15.27
N PHE C 152 -2.06 -20.02 15.22
CA PHE C 152 -1.70 -19.38 13.94
C PHE C 152 -1.09 -20.36 12.93
N PRO C 153 0.06 -21.00 13.17
CA PRO C 153 0.69 -21.76 12.09
C PRO C 153 0.07 -23.11 11.83
N MET C 154 -1.10 -23.41 12.40
CA MET C 154 -1.79 -24.68 12.15
C MET C 154 -3.28 -24.47 11.91
N ASP C 155 -3.70 -23.25 11.56
CA ASP C 155 -5.11 -22.94 11.50
C ASP C 155 -5.75 -23.44 10.22
N VAL C 156 -7.07 -23.56 10.25
CA VAL C 156 -7.89 -23.71 9.06
C VAL C 156 -8.91 -22.58 9.06
N GLN C 157 -9.31 -22.14 7.87
CA GLN C 157 -10.27 -21.06 7.74
C GLN C 157 -11.45 -21.52 6.89
N THR C 158 -12.63 -21.13 7.32
CA THR C 158 -13.85 -21.34 6.55
C THR C 158 -14.18 -20.00 5.92
N CYS C 159 -13.89 -19.86 4.64
CA CYS C 159 -14.13 -18.62 3.90
C CYS C 159 -15.44 -18.75 3.15
N THR C 160 -16.36 -17.82 3.39
CA THR C 160 -17.70 -17.92 2.84
C THR C 160 -17.83 -17.12 1.55
N MET C 161 -18.85 -17.47 0.78
CA MET C 161 -19.34 -16.62 -0.31
C MET C 161 -20.84 -16.81 -0.37
N GLN C 162 -21.59 -15.72 -0.18
CA GLN C 162 -23.03 -15.76 -0.06
C GLN C 162 -23.68 -14.92 -1.14
N LEU C 163 -24.51 -15.54 -1.95
CA LEU C 163 -25.38 -14.81 -2.87
C LEU C 163 -26.75 -14.65 -2.21
N GLU C 164 -27.39 -13.50 -2.43
CA GLU C 164 -28.64 -13.22 -1.74
C GLU C 164 -29.46 -12.24 -2.56
N SER C 165 -30.77 -12.42 -2.53
CA SER C 165 -31.66 -11.50 -3.23
C SER C 165 -31.71 -10.15 -2.53
N PHE C 166 -32.10 -9.13 -3.29
CA PHE C 166 -32.15 -7.75 -2.81
C PHE C 166 -33.54 -7.18 -3.15
N GLY C 167 -34.49 -7.37 -2.25
CA GLY C 167 -35.82 -6.85 -2.44
C GLY C 167 -36.86 -7.87 -2.85
N TYR C 168 -36.46 -9.10 -3.14
CA TYR C 168 -37.39 -10.15 -3.51
C TYR C 168 -37.37 -11.23 -2.44
N THR C 169 -38.55 -11.53 -1.88
CA THR C 169 -38.67 -12.44 -0.76
C THR C 169 -38.66 -13.88 -1.25
N MET C 170 -39.01 -14.82 -0.37
CA MET C 170 -38.98 -16.23 -0.75
C MET C 170 -40.16 -16.61 -1.63
N ASN C 171 -41.28 -15.90 -1.51
CA ASN C 171 -42.44 -16.17 -2.35
C ASN C 171 -42.39 -15.46 -3.69
N ASP C 172 -41.25 -14.87 -4.05
CA ASP C 172 -41.11 -14.15 -5.31
C ASP C 172 -39.89 -14.61 -6.09
N LEU C 173 -38.84 -15.04 -5.40
CA LEU C 173 -37.61 -15.46 -6.04
C LEU C 173 -36.88 -16.42 -5.14
N ILE C 174 -36.33 -17.50 -5.71
CA ILE C 174 -35.65 -18.53 -4.94
C ILE C 174 -34.39 -18.95 -5.70
N PHE C 175 -33.25 -18.89 -5.03
CA PHE C 175 -31.99 -19.37 -5.58
C PHE C 175 -31.77 -20.83 -5.23
N GLU C 176 -31.04 -21.54 -6.09
CA GLU C 176 -30.61 -22.90 -5.83
C GLU C 176 -29.47 -23.23 -6.79
N TRP C 177 -28.50 -24.00 -6.31
CA TRP C 177 -27.35 -24.33 -7.13
C TRP C 177 -27.72 -25.34 -8.20
N LEU C 178 -26.80 -25.56 -9.14
CA LEU C 178 -27.03 -26.50 -10.22
C LEU C 178 -26.80 -27.92 -9.74
N SER C 179 -27.06 -28.89 -10.64
CA SER C 179 -27.00 -30.29 -10.26
C SER C 179 -25.56 -30.77 -10.07
N ASP C 180 -24.77 -30.75 -11.14
CA ASP C 180 -23.40 -31.23 -11.09
C ASP C 180 -22.41 -30.08 -11.28
N GLY C 181 -21.40 -30.05 -10.41
CA GLY C 181 -20.40 -29.00 -10.39
C GLY C 181 -20.95 -27.60 -10.26
N PRO C 182 -21.51 -27.26 -9.09
CA PRO C 182 -22.06 -25.90 -8.94
C PRO C 182 -20.98 -24.88 -8.64
N VAL C 183 -19.90 -25.32 -7.99
CA VAL C 183 -18.72 -24.51 -7.78
C VAL C 183 -17.53 -25.29 -8.33
N GLN C 184 -16.71 -24.63 -9.15
CA GLN C 184 -15.52 -25.25 -9.67
C GLN C 184 -14.46 -24.17 -9.90
N VAL C 185 -13.21 -24.55 -9.72
CA VAL C 185 -12.09 -23.61 -9.71
C VAL C 185 -11.22 -23.91 -10.92
N ALA C 186 -10.47 -22.90 -11.37
CA ALA C 186 -9.47 -23.09 -12.42
C ALA C 186 -8.44 -24.13 -12.02
N GLU C 187 -7.76 -24.67 -13.03
CA GLU C 187 -7.00 -25.91 -12.84
C GLU C 187 -5.75 -25.69 -12.00
N GLY C 188 -4.84 -24.83 -12.47
CA GLY C 188 -3.54 -24.75 -11.85
C GLY C 188 -3.28 -23.51 -11.01
N LEU C 189 -4.26 -23.08 -10.23
CA LEU C 189 -4.04 -21.91 -9.37
C LEU C 189 -3.28 -22.32 -8.13
N THR C 190 -2.76 -21.32 -7.42
CA THR C 190 -2.09 -21.54 -6.15
C THR C 190 -2.22 -20.29 -5.29
N LEU C 191 -1.92 -20.45 -4.01
CA LEU C 191 -1.94 -19.34 -3.07
C LEU C 191 -0.59 -19.25 -2.38
N PRO C 192 -0.17 -18.06 -1.94
CA PRO C 192 1.11 -17.93 -1.24
C PRO C 192 1.16 -18.68 0.08
N GLN C 193 0.23 -18.39 0.99
CA GLN C 193 0.24 -19.00 2.31
C GLN C 193 -0.65 -20.24 2.38
N PHE C 194 -1.94 -20.07 2.14
CA PHE C 194 -2.88 -21.17 2.28
C PHE C 194 -2.84 -22.09 1.07
N ILE C 195 -3.60 -23.18 1.14
CA ILE C 195 -3.96 -23.99 0.00
C ILE C 195 -5.45 -24.26 0.09
N LEU C 196 -6.13 -24.26 -1.05
CA LEU C 196 -7.58 -24.37 -1.11
C LEU C 196 -7.94 -25.83 -1.27
N LYS C 197 -8.48 -26.43 -0.21
CA LYS C 197 -8.96 -27.81 -0.27
C LYS C 197 -10.15 -27.91 -1.22
N GLU C 198 -10.29 -29.09 -1.83
CA GLU C 198 -11.35 -29.33 -2.80
C GLU C 198 -12.63 -29.85 -2.15
N GLU C 199 -12.84 -29.56 -0.87
CA GLU C 199 -14.05 -29.94 -0.16
C GLU C 199 -14.78 -28.66 0.23
N LYS C 200 -15.62 -28.17 -0.68
CA LYS C 200 -16.39 -26.95 -0.48
C LYS C 200 -17.81 -27.33 -0.06
N GLU C 201 -18.27 -26.75 1.03
CA GLU C 201 -19.60 -27.08 1.55
C GLU C 201 -20.59 -26.04 1.03
N LEU C 202 -21.52 -26.48 0.19
CA LEU C 202 -22.56 -25.63 -0.35
C LEU C 202 -23.78 -25.70 0.55
N GLY C 203 -24.63 -24.69 0.50
CA GLY C 203 -25.85 -24.78 1.27
C GLY C 203 -26.66 -23.51 1.22
N TYR C 204 -27.69 -23.48 2.05
CA TYR C 204 -28.57 -22.34 2.20
C TYR C 204 -28.40 -21.75 3.59
N CYS C 205 -28.26 -20.43 3.66
CA CYS C 205 -28.36 -19.69 4.92
C CYS C 205 -29.36 -18.56 4.67
N THR C 206 -30.63 -18.88 4.80
CA THR C 206 -31.68 -17.93 4.44
C THR C 206 -31.79 -16.85 5.50
N LYS C 207 -31.57 -15.60 5.09
CA LYS C 207 -31.68 -14.49 6.02
C LYS C 207 -33.14 -14.23 6.36
N HIS C 208 -33.42 -14.05 7.65
CA HIS C 208 -34.77 -13.84 8.14
C HIS C 208 -34.87 -12.43 8.73
N TYR C 209 -35.49 -11.52 7.98
CA TYR C 209 -35.73 -10.16 8.44
C TYR C 209 -37.18 -10.01 8.86
N ASN C 210 -37.57 -8.77 9.17
CA ASN C 210 -38.93 -8.50 9.63
C ASN C 210 -39.96 -8.50 8.51
N THR C 211 -39.54 -8.27 7.26
CA THR C 211 -40.47 -8.20 6.14
C THR C 211 -40.72 -9.58 5.53
N GLY C 212 -39.66 -10.22 5.06
CA GLY C 212 -39.78 -11.56 4.50
C GLY C 212 -38.59 -12.43 4.79
N LYS C 213 -38.52 -13.59 4.15
CA LYS C 213 -37.37 -14.49 4.28
C LYS C 213 -36.63 -14.45 2.94
N PHE C 214 -35.68 -13.51 2.84
CA PHE C 214 -34.97 -13.31 1.59
C PHE C 214 -34.03 -14.47 1.33
N THR C 215 -34.10 -15.03 0.12
CA THR C 215 -33.32 -16.22 -0.22
C THR C 215 -31.84 -15.91 -0.26
N CYS C 216 -31.04 -16.90 0.12
CA CYS C 216 -29.60 -16.73 0.18
C CYS C 216 -28.94 -18.09 0.13
N ILE C 217 -27.98 -18.25 -0.77
CA ILE C 217 -27.21 -19.48 -0.90
C ILE C 217 -25.76 -19.14 -0.60
N GLU C 218 -24.98 -20.17 -0.28
CA GLU C 218 -23.61 -19.92 0.10
C GLU C 218 -22.73 -21.11 -0.24
N VAL C 219 -21.45 -20.84 -0.38
CA VAL C 219 -20.42 -21.86 -0.55
C VAL C 219 -19.28 -21.53 0.41
N LYS C 220 -18.84 -22.52 1.19
CA LYS C 220 -17.80 -22.35 2.18
C LYS C 220 -16.57 -23.13 1.75
N PHE C 221 -15.47 -22.42 1.55
CA PHE C 221 -14.17 -23.00 1.26
C PHE C 221 -13.43 -23.29 2.56
N HIS C 222 -12.62 -24.31 2.53
CA HIS C 222 -11.76 -24.65 3.66
C HIS C 222 -10.32 -24.38 3.22
N LEU C 223 -9.82 -23.19 3.56
CA LEU C 223 -8.42 -22.87 3.33
C LEU C 223 -7.58 -23.47 4.45
N GLU C 224 -6.58 -24.26 4.09
CA GLU C 224 -5.70 -24.87 5.08
C GLU C 224 -4.31 -24.28 4.94
N ARG C 225 -3.74 -23.84 6.05
CA ARG C 225 -2.43 -23.20 6.00
C ARG C 225 -1.34 -24.25 6.13
N GLN C 226 -0.34 -24.18 5.26
CA GLN C 226 0.82 -25.05 5.35
C GLN C 226 1.92 -24.33 6.15
N MET C 227 2.77 -25.13 6.79
CA MET C 227 3.64 -24.61 7.85
C MET C 227 5.10 -25.01 7.64
N GLY C 228 5.51 -25.14 6.38
CA GLY C 228 6.89 -25.50 6.11
C GLY C 228 7.88 -24.43 6.51
N TYR C 229 7.62 -23.18 6.12
CA TYR C 229 8.52 -22.08 6.45
C TYR C 229 8.57 -21.83 7.95
N TYR C 230 7.42 -21.96 8.63
CA TYR C 230 7.39 -21.76 10.07
C TYR C 230 8.13 -22.87 10.80
N LEU C 231 7.89 -24.14 10.40
CA LEU C 231 8.57 -25.25 11.01
C LEU C 231 10.07 -25.28 10.69
N ILE C 232 10.50 -24.64 9.61
CA ILE C 232 11.93 -24.57 9.34
C ILE C 232 12.59 -23.42 10.07
N GLN C 233 11.99 -22.23 10.11
CA GLN C 233 12.72 -21.05 10.55
C GLN C 233 12.27 -20.49 11.89
N MET C 234 11.27 -21.07 12.55
CA MET C 234 10.90 -20.51 13.86
C MET C 234 10.81 -21.57 14.94
N TYR C 235 10.39 -22.78 14.57
CA TYR C 235 10.18 -23.83 15.57
C TYR C 235 11.46 -24.59 15.87
N ILE C 236 12.08 -25.17 14.85
CA ILE C 236 13.31 -25.95 14.98
C ILE C 236 14.50 -25.13 15.47
N PRO C 237 14.75 -23.89 15.01
CA PRO C 237 15.87 -23.15 15.63
C PRO C 237 15.66 -22.83 17.10
N SER C 238 14.42 -22.52 17.50
CA SER C 238 14.16 -22.30 18.92
C SER C 238 14.36 -23.58 19.73
N LEU C 239 13.89 -24.72 19.19
CA LEU C 239 14.09 -26.00 19.85
C LEU C 239 15.58 -26.33 19.98
N LEU C 240 16.36 -26.02 18.96
CA LEU C 240 17.80 -26.29 19.01
C LEU C 240 18.51 -25.35 19.97
N ILE C 241 18.03 -24.11 20.11
CA ILE C 241 18.59 -23.20 21.10
C ILE C 241 18.30 -23.72 22.52
N VAL C 242 17.10 -24.25 22.74
CA VAL C 242 16.77 -24.85 24.03
C VAL C 242 17.65 -26.07 24.30
N ILE C 243 17.95 -26.86 23.26
CA ILE C 243 18.83 -28.01 23.44
C ILE C 243 20.26 -27.56 23.74
N LEU C 244 20.69 -26.46 23.15
CA LEU C 244 22.00 -25.91 23.46
C LEU C 244 22.08 -25.42 24.91
N SER C 245 21.01 -24.78 25.39
CA SER C 245 20.97 -24.37 26.79
C SER C 245 20.88 -25.57 27.73
N TRP C 246 20.31 -26.68 27.26
CA TRP C 246 20.34 -27.93 28.01
C TRP C 246 21.76 -28.43 28.20
N VAL C 247 22.49 -28.58 27.08
CA VAL C 247 23.86 -29.11 27.17
C VAL C 247 24.83 -28.10 27.76
N SER C 248 24.39 -26.85 27.94
CA SER C 248 25.20 -25.88 28.69
C SER C 248 25.40 -26.33 30.14
N PHE C 249 24.37 -26.93 30.75
CA PHE C 249 24.45 -27.32 32.15
C PHE C 249 24.39 -28.82 32.37
N TRP C 250 24.14 -29.62 31.33
CA TRP C 250 24.12 -31.07 31.51
C TRP C 250 25.51 -31.62 31.86
N ILE C 251 26.57 -30.96 31.41
CA ILE C 251 27.92 -31.47 31.52
C ILE C 251 28.78 -30.62 32.45
N ASN C 252 28.80 -29.31 32.24
CA ASN C 252 29.72 -28.44 32.95
C ASN C 252 29.35 -28.29 34.42
N MET C 253 30.35 -28.29 35.29
CA MET C 253 30.14 -28.30 36.73
C MET C 253 30.60 -27.01 37.40
N ASP C 254 31.85 -26.60 37.20
CA ASP C 254 32.41 -25.45 37.90
C ASP C 254 33.19 -24.50 37.01
N ALA C 255 32.99 -24.53 35.69
CA ALA C 255 33.68 -23.62 34.79
C ALA C 255 32.75 -22.46 34.48
N ALA C 256 32.72 -21.47 35.37
CA ALA C 256 31.86 -20.30 35.28
C ALA C 256 32.13 -19.43 34.04
N PRO C 257 33.39 -19.16 33.62
CA PRO C 257 33.55 -18.46 32.34
C PRO C 257 33.12 -19.26 31.12
N ALA C 258 33.03 -20.58 31.24
CA ALA C 258 32.47 -21.42 30.19
C ALA C 258 30.99 -21.70 30.41
N ARG C 259 30.38 -21.07 31.40
CA ARG C 259 28.97 -21.32 31.72
C ARG C 259 28.12 -20.07 31.58
N VAL C 260 28.48 -18.97 32.23
CA VAL C 260 27.53 -17.86 32.37
C VAL C 260 27.45 -17.03 31.10
N ALA C 261 28.59 -16.84 30.41
CA ALA C 261 28.54 -16.13 29.14
C ALA C 261 27.84 -16.97 28.07
N LEU C 262 28.02 -18.29 28.13
CA LEU C 262 27.31 -19.19 27.22
C LEU C 262 25.81 -19.08 27.42
N GLY C 263 25.36 -19.15 28.68
CA GLY C 263 23.93 -19.04 28.95
C GLY C 263 23.35 -17.69 28.58
N ILE C 264 24.09 -16.60 28.84
CA ILE C 264 23.56 -15.27 28.56
C ILE C 264 23.53 -15.01 27.06
N THR C 265 24.54 -15.46 26.33
CA THR C 265 24.49 -15.32 24.88
C THR C 265 23.43 -16.23 24.28
N THR C 266 23.12 -17.34 24.94
CA THR C 266 22.02 -18.19 24.48
C THR C 266 20.67 -17.50 24.66
N VAL C 267 20.46 -16.84 25.81
CA VAL C 267 19.19 -16.15 25.99
C VAL C 267 19.11 -14.92 25.10
N LEU C 268 20.25 -14.30 24.79
CA LEU C 268 20.28 -13.22 23.80
C LEU C 268 19.89 -13.73 22.43
N THR C 269 20.41 -14.90 22.04
CA THR C 269 20.10 -15.46 20.74
C THR C 269 18.63 -15.84 20.65
N MET C 270 18.06 -16.37 21.74
CA MET C 270 16.65 -16.73 21.74
C MET C 270 15.76 -15.48 21.71
N THR C 271 16.14 -14.43 22.44
CA THR C 271 15.36 -13.19 22.42
C THR C 271 15.41 -12.53 21.05
N THR C 272 16.59 -12.50 20.42
CA THR C 272 16.70 -11.92 19.08
C THR C 272 15.96 -12.74 18.04
N GLN C 273 15.99 -14.07 18.18
CA GLN C 273 15.26 -14.94 17.26
C GLN C 273 13.75 -14.74 17.41
N SER C 274 13.27 -14.58 18.65
CA SER C 274 11.85 -14.32 18.86
C SER C 274 11.45 -12.90 18.49
N SER C 275 12.39 -11.96 18.50
CA SER C 275 12.06 -10.56 18.23
C SER C 275 12.10 -10.21 16.76
N GLY C 276 13.06 -10.74 16.00
CA GLY C 276 13.14 -10.46 14.60
C GLY C 276 12.10 -11.12 13.73
N SER C 277 11.21 -11.93 14.32
CA SER C 277 10.17 -12.63 13.60
C SER C 277 8.79 -12.09 13.99
N ARG C 278 8.70 -10.79 14.24
CA ARG C 278 7.41 -10.13 14.42
C ARG C 278 6.95 -9.39 13.17
N ALA C 279 7.87 -9.09 12.25
CA ALA C 279 7.53 -8.56 10.94
C ALA C 279 7.25 -9.65 9.93
N SER C 280 7.14 -10.90 10.37
CA SER C 280 6.82 -12.03 9.51
C SER C 280 5.51 -12.69 9.90
N LEU C 281 4.70 -12.02 10.72
CA LEU C 281 3.45 -12.54 11.24
C LEU C 281 2.32 -11.56 10.96
N PRO C 282 1.08 -12.04 10.86
CA PRO C 282 -0.06 -11.12 10.83
C PRO C 282 -0.21 -10.41 12.17
N LYS C 283 -0.09 -9.09 12.14
CA LYS C 283 -0.06 -8.30 13.36
C LYS C 283 -1.46 -8.24 13.96
N VAL C 284 -1.72 -9.09 14.94
CA VAL C 284 -2.97 -9.10 15.69
C VAL C 284 -2.63 -8.90 17.15
N SER C 285 -3.65 -8.92 18.01
CA SER C 285 -3.46 -8.65 19.46
C SER C 285 -3.68 -9.91 20.32
N TYR C 286 -4.58 -10.81 19.91
CA TYR C 286 -4.81 -11.97 20.75
C TYR C 286 -3.65 -12.95 20.60
N VAL C 287 -3.47 -13.79 21.60
CA VAL C 287 -2.27 -14.61 21.71
C VAL C 287 -2.33 -15.77 20.71
N LYS C 288 -1.27 -15.93 19.94
CA LYS C 288 -1.19 -16.97 18.93
C LYS C 288 -0.37 -18.14 19.44
N ALA C 289 -0.30 -19.20 18.62
CA ALA C 289 0.47 -20.37 19.00
C ALA C 289 1.96 -20.11 18.95
N ILE C 290 2.42 -19.37 17.94
CA ILE C 290 3.84 -19.11 17.81
C ILE C 290 4.33 -18.18 18.92
N ASP C 291 3.44 -17.33 19.45
CA ASP C 291 3.82 -16.47 20.57
C ASP C 291 3.94 -17.28 21.85
N ILE C 292 3.05 -18.26 22.03
CA ILE C 292 3.15 -19.16 23.18
C ILE C 292 4.46 -19.96 23.12
N TRP C 293 4.81 -20.46 21.94
CA TRP C 293 6.06 -21.21 21.80
C TRP C 293 7.27 -20.32 22.10
N MET C 294 7.28 -19.10 21.58
CA MET C 294 8.41 -18.20 21.84
C MET C 294 8.52 -17.86 23.32
N ALA C 295 7.38 -17.59 23.96
CA ALA C 295 7.39 -17.25 25.38
C ALA C 295 7.86 -18.41 26.24
N VAL C 296 7.44 -19.64 25.92
CA VAL C 296 7.84 -20.78 26.74
C VAL C 296 9.31 -21.11 26.52
N CYS C 297 9.81 -20.96 25.29
CA CYS C 297 11.23 -21.20 25.05
C CYS C 297 12.10 -20.17 25.77
N LEU C 298 11.69 -18.90 25.74
CA LEU C 298 12.40 -17.87 26.48
C LEU C 298 12.36 -18.14 27.98
N LEU C 299 11.21 -18.61 28.48
CA LEU C 299 11.07 -18.95 29.89
C LEU C 299 11.99 -20.10 30.28
N PHE C 300 12.17 -21.08 29.39
CA PHE C 300 13.03 -22.20 29.73
C PHE C 300 14.51 -21.85 29.71
N VAL C 301 14.92 -20.98 28.78
CA VAL C 301 16.32 -20.55 28.81
C VAL C 301 16.57 -19.67 30.03
N PHE C 302 15.58 -18.85 30.42
CA PHE C 302 15.68 -18.10 31.66
C PHE C 302 15.75 -19.04 32.87
N ALA C 303 15.02 -20.15 32.82
CA ALA C 303 15.08 -21.12 33.92
C ALA C 303 16.44 -21.78 34.01
N ALA C 304 17.08 -22.01 32.86
CA ALA C 304 18.44 -22.55 32.87
C ALA C 304 19.41 -21.56 33.52
N LEU C 305 19.30 -20.28 33.16
CA LEU C 305 20.15 -19.28 33.79
C LEU C 305 19.87 -19.16 35.29
N LEU C 306 18.60 -19.24 35.68
CA LEU C 306 18.25 -19.11 37.09
C LEU C 306 18.72 -20.30 37.90
N GLU C 307 18.68 -21.52 37.32
CA GLU C 307 19.17 -22.67 38.07
C GLU C 307 20.69 -22.66 38.17
N TYR C 308 21.40 -22.15 37.14
CA TYR C 308 22.83 -21.97 37.30
C TYR C 308 23.14 -20.96 38.39
N ALA C 309 22.36 -19.88 38.47
CA ALA C 309 22.60 -18.89 39.50
C ALA C 309 22.26 -19.43 40.89
N ALA C 310 21.26 -20.32 40.97
CA ALA C 310 20.97 -20.97 42.25
C ALA C 310 22.09 -21.90 42.67
N VAL C 311 22.70 -22.61 41.71
CA VAL C 311 23.86 -23.43 42.00
C VAL C 311 25.02 -22.58 42.50
N ASN C 312 25.27 -21.45 41.83
CA ASN C 312 26.35 -20.57 42.26
C ASN C 312 26.06 -19.88 43.59
N PHE C 313 24.78 -19.68 43.92
CA PHE C 313 24.44 -19.12 45.22
C PHE C 313 24.65 -20.14 46.34
N VAL C 314 24.19 -21.38 46.12
CA VAL C 314 24.35 -22.40 47.14
C VAL C 314 25.79 -22.88 47.23
N SER C 315 26.62 -22.58 46.24
CA SER C 315 28.03 -22.97 46.29
C SER C 315 28.78 -22.16 47.34
N ARG C 316 28.81 -20.85 47.18
CA ARG C 316 29.51 -19.98 48.13
C ARG C 316 28.66 -18.77 48.50
N LYS C 322 31.69 -30.52 52.54
CA LYS C 322 30.78 -29.40 52.33
C LYS C 322 29.45 -29.88 51.77
N PHE C 323 28.76 -28.99 51.05
CA PHE C 323 27.50 -29.32 50.39
C PHE C 323 27.68 -29.55 48.90
N VAL C 324 28.85 -30.08 48.50
CA VAL C 324 29.09 -30.35 47.08
C VAL C 324 28.21 -31.49 46.59
N ASP C 325 27.93 -32.48 47.45
CA ASP C 325 27.00 -33.54 47.09
C ASP C 325 25.59 -32.99 46.90
N ARG C 326 25.19 -32.02 47.73
CA ARG C 326 23.89 -31.38 47.54
C ARG C 326 23.86 -30.56 46.27
N ALA C 327 24.97 -29.90 45.92
CA ALA C 327 25.02 -29.11 44.69
C ALA C 327 24.95 -30.02 43.47
N LYS C 328 25.62 -31.16 43.50
CA LYS C 328 25.50 -32.13 42.42
C LYS C 328 24.11 -32.75 42.38
N ARG C 329 23.44 -32.83 43.53
CA ARG C 329 22.06 -33.28 43.56
C ARG C 329 21.13 -32.28 42.87
N ILE C 330 21.35 -30.98 43.12
CA ILE C 330 20.62 -29.94 42.39
C ILE C 330 20.89 -30.04 40.89
N ASP C 331 22.16 -30.29 40.52
CA ASP C 331 22.51 -30.38 39.10
C ASP C 331 21.83 -31.56 38.43
N THR C 332 21.84 -32.73 39.07
CA THR C 332 21.19 -33.89 38.48
C THR C 332 19.67 -33.78 38.52
N ILE C 333 19.14 -33.09 39.54
CA ILE C 333 17.70 -32.88 39.61
C ILE C 333 17.23 -31.97 38.49
N SER C 334 18.00 -30.92 38.18
CA SER C 334 17.65 -30.06 37.06
C SER C 334 17.84 -30.77 35.73
N ARG C 335 18.93 -31.55 35.61
CA ARG C 335 19.20 -32.30 34.40
C ARG C 335 18.22 -33.44 34.16
N ALA C 336 17.47 -33.85 35.19
CA ALA C 336 16.39 -34.81 35.00
C ALA C 336 15.02 -34.16 34.91
N ALA C 337 14.84 -32.96 35.44
CA ALA C 337 13.56 -32.28 35.41
C ALA C 337 13.33 -31.49 34.13
N PHE C 338 14.39 -30.92 33.55
CA PHE C 338 14.23 -30.21 32.28
C PHE C 338 13.80 -31.12 31.12
N PRO C 339 14.30 -32.36 30.95
CA PRO C 339 13.72 -33.22 29.90
C PRO C 339 12.25 -33.52 30.10
N LEU C 340 11.84 -33.92 31.30
CA LEU C 340 10.44 -34.24 31.55
C LEU C 340 9.55 -33.03 31.33
N ALA C 341 9.99 -31.84 31.79
CA ALA C 341 9.17 -30.64 31.67
C ALA C 341 9.06 -30.17 30.22
N PHE C 342 10.19 -30.12 29.51
CA PHE C 342 10.13 -29.68 28.11
C PHE C 342 9.39 -30.70 27.25
N LEU C 343 9.50 -31.99 27.55
CA LEU C 343 8.80 -32.98 26.75
C LEU C 343 7.30 -32.96 27.04
N ILE C 344 6.91 -32.71 28.29
CA ILE C 344 5.47 -32.67 28.55
C ILE C 344 4.88 -31.38 28.00
N PHE C 345 5.67 -30.29 27.95
CA PHE C 345 5.21 -29.09 27.26
C PHE C 345 5.07 -29.34 25.76
N ASN C 346 6.05 -30.04 25.18
CA ASN C 346 6.03 -30.32 23.75
C ASN C 346 4.83 -31.16 23.38
N ILE C 347 4.54 -32.19 24.18
CA ILE C 347 3.39 -33.06 23.94
C ILE C 347 2.08 -32.29 24.15
N PHE C 348 1.97 -31.55 25.25
CA PHE C 348 0.73 -30.82 25.53
C PHE C 348 0.51 -29.65 24.57
N TYR C 349 1.55 -29.23 23.85
CA TYR C 349 1.41 -28.22 22.82
C TYR C 349 0.96 -28.82 21.49
N TRP C 350 1.66 -29.87 21.03
CA TRP C 350 1.33 -30.43 19.73
C TRP C 350 0.01 -31.20 19.76
N ILE C 351 -0.33 -31.86 20.87
CA ILE C 351 -1.60 -32.56 20.97
C ILE C 351 -2.75 -31.56 21.00
N THR C 352 -2.55 -30.42 21.64
CA THR C 352 -3.58 -29.39 21.69
C THR C 352 -3.79 -28.75 20.32
N TYR C 353 -2.71 -28.35 19.66
CA TYR C 353 -2.81 -27.63 18.39
C TYR C 353 -2.72 -28.53 17.18
N LYS C 354 -2.87 -29.84 17.34
CA LYS C 354 -2.88 -30.75 16.21
C LYS C 354 -4.00 -31.78 16.23
N ILE C 355 -4.57 -32.10 17.40
CA ILE C 355 -5.59 -33.12 17.53
C ILE C 355 -6.87 -32.56 18.13
N ILE C 356 -6.76 -31.81 19.23
CA ILE C 356 -7.94 -31.37 19.96
C ILE C 356 -8.65 -30.25 19.19
N ARG C 357 -7.91 -29.39 18.50
CA ARG C 357 -8.49 -28.33 17.70
C ARG C 357 -8.60 -28.71 16.22
N HIS C 358 -8.89 -29.97 15.95
CA HIS C 358 -9.08 -30.46 14.59
C HIS C 358 -10.34 -29.86 13.95
N LEU D 15 -53.75 -2.81 -14.78
CA LEU D 15 -52.64 -2.13 -15.43
C LEU D 15 -51.33 -2.33 -14.68
N SER D 16 -50.23 -1.95 -15.32
CA SER D 16 -48.91 -2.15 -14.76
C SER D 16 -48.64 -1.14 -13.64
N PRO D 17 -47.77 -1.48 -12.69
CA PRO D 17 -47.38 -0.49 -11.68
C PRO D 17 -46.51 0.62 -12.22
N SER D 18 -45.81 0.40 -13.35
CA SER D 18 -44.98 1.45 -13.92
C SER D 18 -45.82 2.56 -14.52
N ASP D 19 -46.88 2.20 -15.27
CA ASP D 19 -47.80 3.20 -15.80
C ASP D 19 -48.57 3.88 -14.68
N PHE D 20 -48.90 3.15 -13.61
CA PHE D 20 -49.57 3.76 -12.47
C PHE D 20 -48.65 4.76 -11.77
N LEU D 21 -47.37 4.44 -11.64
CA LEU D 21 -46.45 5.38 -11.01
C LEU D 21 -46.16 6.56 -11.92
N ASP D 22 -46.19 6.36 -13.24
CA ASP D 22 -46.07 7.50 -14.16
C ASP D 22 -47.29 8.39 -14.08
N LYS D 23 -48.47 7.83 -13.84
CA LYS D 23 -49.67 8.63 -13.63
C LYS D 23 -49.66 9.33 -12.29
N LEU D 24 -49.05 8.72 -11.27
CA LEU D 24 -49.04 9.31 -9.93
C LEU D 24 -47.97 10.38 -9.78
N MET D 25 -46.82 10.22 -10.42
CA MET D 25 -45.73 11.17 -10.30
C MET D 25 -44.91 11.16 -11.59
N GLY D 26 -44.62 12.34 -12.11
CA GLY D 26 -43.85 12.45 -13.33
C GLY D 26 -44.31 13.66 -14.13
N ARG D 27 -44.21 13.54 -15.45
CA ARG D 27 -44.58 14.61 -16.38
C ARG D 27 -46.07 14.60 -16.72
N THR D 28 -46.89 13.93 -15.91
CA THR D 28 -48.34 13.97 -16.08
C THR D 28 -49.04 14.54 -14.86
N SER D 29 -48.69 14.07 -13.66
CA SER D 29 -49.30 14.57 -12.44
C SER D 29 -48.60 15.85 -12.00
N GLY D 30 -48.89 16.30 -10.78
CA GLY D 30 -48.33 17.53 -10.27
C GLY D 30 -47.25 17.32 -9.23
N TYR D 31 -46.58 16.19 -9.27
CA TYR D 31 -45.52 15.88 -8.31
C TYR D 31 -44.24 16.58 -8.73
N ASP D 32 -43.66 17.37 -7.84
CA ASP D 32 -42.37 18.01 -8.06
C ASP D 32 -41.31 17.30 -7.22
N ALA D 33 -40.20 16.97 -7.85
CA ALA D 33 -39.12 16.22 -7.19
C ALA D 33 -38.14 17.11 -6.46
N ARG D 34 -38.42 18.42 -6.34
CA ARG D 34 -37.49 19.34 -5.70
C ARG D 34 -37.99 19.88 -4.37
N ILE D 35 -39.30 19.85 -4.11
CA ILE D 35 -39.88 20.41 -2.89
C ILE D 35 -40.24 19.26 -1.96
N ARG D 36 -39.94 19.44 -0.67
CA ARG D 36 -40.20 18.42 0.33
C ARG D 36 -41.70 18.24 0.53
N PRO D 37 -42.12 17.08 1.06
CA PRO D 37 -43.52 16.90 1.39
C PRO D 37 -43.97 17.83 2.51
N ASN D 38 -45.28 18.04 2.56
CA ASN D 38 -45.99 19.05 3.37
C ASN D 38 -45.20 20.36 3.44
N PHE D 39 -44.95 20.90 2.24
CA PHE D 39 -44.18 22.13 2.10
C PHE D 39 -44.91 23.31 2.73
N LYS D 40 -44.12 24.24 3.27
CA LYS D 40 -44.58 25.40 4.05
C LYS D 40 -45.42 24.95 5.25
N GLY D 41 -44.76 24.18 6.12
CA GLY D 41 -45.41 23.65 7.30
C GLY D 41 -44.42 23.08 8.29
N PRO D 42 -44.78 21.97 8.92
CA PRO D 42 -43.90 21.34 9.91
C PRO D 42 -42.77 20.61 9.21
N PRO D 43 -41.67 20.34 9.91
CA PRO D 43 -40.59 19.56 9.30
C PRO D 43 -40.96 18.09 9.20
N VAL D 44 -40.42 17.44 8.18
CA VAL D 44 -40.63 16.00 7.98
C VAL D 44 -39.61 15.25 8.83
N ASN D 45 -40.06 14.20 9.50
CA ASN D 45 -39.20 13.41 10.38
C ASN D 45 -38.81 12.12 9.66
N VAL D 46 -37.53 12.00 9.32
CA VAL D 46 -37.01 10.86 8.60
C VAL D 46 -36.47 9.87 9.64
N THR D 47 -37.15 8.74 9.77
CA THR D 47 -36.75 7.69 10.70
C THR D 47 -35.66 6.85 10.05
N CYS D 48 -34.45 6.92 10.58
CA CYS D 48 -33.27 6.34 9.95
C CYS D 48 -32.66 5.28 10.86
N ASN D 49 -32.30 4.14 10.28
CA ASN D 49 -31.51 3.14 10.98
C ASN D 49 -30.50 2.53 10.02
N ILE D 50 -29.47 1.92 10.58
CA ILE D 50 -28.41 1.29 9.80
C ILE D 50 -28.31 -0.17 10.19
N PHE D 51 -27.48 -0.89 9.45
CA PHE D 51 -27.19 -2.30 9.76
C PHE D 51 -25.82 -2.57 9.14
N ILE D 52 -24.78 -2.60 9.97
CA ILE D 52 -23.44 -2.74 9.45
C ILE D 52 -23.18 -4.19 9.07
N ASN D 53 -22.27 -4.38 8.12
CA ASN D 53 -21.85 -5.71 7.69
C ASN D 53 -20.39 -5.98 8.02
N SER D 54 -19.49 -5.10 7.60
CA SER D 54 -18.07 -5.24 7.87
C SER D 54 -17.60 -4.08 8.73
N PHE D 55 -16.55 -4.33 9.50
CA PHE D 55 -15.94 -3.29 10.34
C PHE D 55 -14.45 -3.61 10.41
N GLY D 56 -13.68 -3.01 9.53
CA GLY D 56 -12.26 -3.28 9.49
C GLY D 56 -11.44 -2.08 9.06
N SER D 57 -10.16 -2.32 8.79
CA SER D 57 -9.23 -1.31 8.26
C SER D 57 -9.10 -0.11 9.18
N VAL D 58 -9.34 -0.31 10.48
CA VAL D 58 -9.19 0.78 11.49
C VAL D 58 -7.68 0.97 11.73
N THR D 59 -7.10 2.05 11.20
CA THR D 59 -5.67 2.27 11.31
C THR D 59 -5.37 3.34 12.36
N GLU D 60 -4.07 3.59 12.56
CA GLU D 60 -3.61 4.64 13.45
C GLU D 60 -2.69 5.63 12.76
N THR D 61 -2.34 5.40 11.49
CA THR D 61 -1.54 6.34 10.73
C THR D 61 -2.36 7.26 9.83
N THR D 62 -3.62 6.91 9.59
CA THR D 62 -4.51 7.73 8.78
C THR D 62 -5.68 8.27 9.60
N MET D 63 -5.89 7.74 10.81
CA MET D 63 -7.00 8.10 11.70
C MET D 63 -8.36 7.91 11.01
N ASP D 64 -8.63 6.66 10.64
CA ASP D 64 -9.86 6.34 9.95
C ASP D 64 -10.24 4.88 10.24
N TYR D 65 -11.45 4.53 9.83
CA TYR D 65 -11.89 3.14 9.81
C TYR D 65 -12.87 3.01 8.66
N ARG D 66 -13.20 1.76 8.31
CA ARG D 66 -14.03 1.50 7.14
C ARG D 66 -15.21 0.65 7.56
N VAL D 67 -16.40 1.11 7.22
CA VAL D 67 -17.63 0.41 7.56
C VAL D 67 -18.40 0.16 6.26
N ASN D 68 -19.25 -0.87 6.27
CA ASN D 68 -19.98 -1.30 5.08
C ASN D 68 -21.42 -1.57 5.51
N ILE D 69 -22.27 -0.57 5.36
CA ILE D 69 -23.58 -0.58 6.01
C ILE D 69 -24.69 -0.73 4.99
N PHE D 70 -25.83 -1.22 5.48
CA PHE D 70 -27.13 -0.95 4.88
C PHE D 70 -27.73 0.24 5.62
N LEU D 71 -28.41 1.10 4.89
CA LEU D 71 -29.03 2.28 5.49
C LEU D 71 -30.48 2.33 5.03
N ARG D 72 -31.40 2.23 5.99
CA ARG D 72 -32.83 2.28 5.71
C ARG D 72 -33.39 3.53 6.35
N GLN D 73 -34.09 4.34 5.55
CA GLN D 73 -34.71 5.55 6.07
C GLN D 73 -36.13 5.65 5.52
N GLN D 74 -37.07 5.90 6.43
CA GLN D 74 -38.48 6.01 6.10
C GLN D 74 -38.93 7.43 6.36
N TRP D 75 -39.90 7.89 5.56
CA TRP D 75 -40.52 9.18 5.82
C TRP D 75 -41.93 9.18 5.26
N ASN D 76 -42.58 10.33 5.35
CA ASN D 76 -43.97 10.49 4.92
C ASN D 76 -44.02 11.47 3.76
N ASP D 77 -44.53 11.00 2.62
CA ASP D 77 -44.72 11.83 1.43
C ASP D 77 -46.22 11.84 1.16
N SER D 78 -46.87 12.95 1.51
CA SER D 78 -48.32 13.03 1.44
C SER D 78 -48.87 13.05 0.02
N ARG D 79 -48.02 13.30 -0.97
CA ARG D 79 -48.44 13.32 -2.37
C ARG D 79 -48.40 11.94 -3.02
N LEU D 80 -48.24 10.88 -2.23
CA LEU D 80 -48.20 9.52 -2.75
C LEU D 80 -49.32 8.66 -2.16
N ALA D 81 -50.36 9.29 -1.65
CA ALA D 81 -51.52 8.58 -1.12
C ALA D 81 -52.41 8.15 -2.29
N TYR D 82 -52.80 6.87 -2.27
CA TYR D 82 -53.58 6.32 -3.37
C TYR D 82 -54.45 5.19 -2.85
N SER D 83 -55.63 5.05 -3.44
CA SER D 83 -56.56 3.98 -3.10
C SER D 83 -57.17 3.31 -4.31
N GLU D 84 -56.80 3.74 -5.53
CA GLU D 84 -57.35 3.19 -6.76
C GLU D 84 -56.44 2.14 -7.37
N TYR D 85 -55.72 1.39 -6.54
CA TYR D 85 -54.82 0.34 -6.98
C TYR D 85 -54.68 -0.65 -5.83
N PRO D 86 -54.87 -1.95 -6.07
CA PRO D 86 -54.80 -2.92 -4.97
C PRO D 86 -53.40 -3.18 -4.46
N ASP D 87 -52.35 -2.64 -5.08
CA ASP D 87 -51.00 -2.86 -4.60
C ASP D 87 -50.75 -2.07 -3.33
N ASP D 88 -50.36 -2.78 -2.26
CA ASP D 88 -50.11 -2.12 -0.99
C ASP D 88 -48.77 -1.39 -0.98
N SER D 89 -47.71 -2.05 -1.44
CA SER D 89 -46.36 -1.49 -1.41
C SER D 89 -45.82 -1.49 -2.84
N LEU D 90 -45.91 -0.33 -3.50
CA LEU D 90 -45.38 -0.20 -4.85
C LEU D 90 -43.86 -0.16 -4.82
N ASP D 91 -43.23 -1.15 -5.44
CA ASP D 91 -41.80 -1.11 -5.64
C ASP D 91 -41.47 -0.12 -6.74
N LEU D 92 -40.22 0.34 -6.75
CA LEU D 92 -39.79 1.33 -7.71
C LEU D 92 -38.36 1.02 -8.11
N ASP D 93 -38.09 1.07 -9.42
CA ASP D 93 -36.76 0.69 -9.88
C ASP D 93 -35.76 1.81 -9.58
N PRO D 94 -34.51 1.45 -9.27
CA PRO D 94 -33.51 2.49 -8.94
C PRO D 94 -33.07 3.32 -10.13
N SER D 95 -33.45 2.95 -11.35
CA SER D 95 -33.06 3.74 -12.52
C SER D 95 -33.86 5.03 -12.58
N MET D 96 -35.18 4.94 -12.58
CA MET D 96 -36.05 6.12 -12.56
C MET D 96 -36.41 6.47 -11.11
N LEU D 97 -35.36 6.71 -10.33
CA LEU D 97 -35.48 7.03 -8.92
C LEU D 97 -35.27 8.50 -8.63
N ASP D 98 -34.75 9.27 -9.59
CA ASP D 98 -34.50 10.69 -9.41
C ASP D 98 -35.73 11.55 -9.71
N SER D 99 -36.91 10.95 -9.72
CA SER D 99 -38.16 11.68 -9.94
C SER D 99 -39.01 11.73 -8.69
N ILE D 100 -38.43 11.44 -7.53
CA ILE D 100 -39.13 11.41 -6.26
C ILE D 100 -38.22 12.06 -5.22
N TRP D 101 -38.83 12.73 -4.25
CA TRP D 101 -38.04 13.41 -3.23
C TRP D 101 -37.33 12.41 -2.33
N LYS D 102 -36.08 12.74 -1.98
CA LYS D 102 -35.26 11.95 -1.07
C LYS D 102 -34.48 12.93 -0.22
N PRO D 103 -34.31 12.65 1.07
CA PRO D 103 -33.60 13.58 1.94
C PRO D 103 -32.11 13.59 1.62
N ASP D 104 -31.50 14.78 1.64
CA ASP D 104 -30.09 14.95 1.30
C ASP D 104 -29.24 14.62 2.51
N LEU D 105 -29.25 13.34 2.89
CA LEU D 105 -28.45 12.84 3.98
C LEU D 105 -27.00 12.76 3.55
N PHE D 106 -26.07 13.01 4.46
CA PHE D 106 -24.66 12.78 4.22
C PHE D 106 -23.92 12.64 5.54
N PHE D 107 -22.78 11.97 5.49
CA PHE D 107 -22.02 11.64 6.69
C PHE D 107 -21.01 12.75 6.96
N ALA D 108 -21.06 13.31 8.16
CA ALA D 108 -20.32 14.52 8.48
C ALA D 108 -18.84 14.29 8.74
N ASN D 109 -18.36 13.05 8.66
CA ASN D 109 -16.96 12.79 8.94
C ASN D 109 -16.31 11.80 7.98
N GLU D 110 -16.96 11.49 6.86
CA GLU D 110 -16.43 10.50 5.93
C GLU D 110 -15.20 11.02 5.22
N LYS D 111 -14.53 10.12 4.49
CA LYS D 111 -13.38 10.49 3.68
C LYS D 111 -13.54 9.90 2.28
N GLY D 112 -14.34 8.86 2.17
CA GLY D 112 -14.63 8.23 0.90
C GLY D 112 -15.83 7.31 1.01
N ALA D 113 -16.78 7.44 0.09
CA ALA D 113 -18.05 6.74 0.21
C ALA D 113 -18.54 6.35 -1.17
N ASN D 114 -18.98 5.10 -1.31
CA ASN D 114 -19.48 4.66 -2.60
C ASN D 114 -20.59 3.64 -2.43
N PHE D 115 -21.48 3.60 -3.42
CA PHE D 115 -22.51 2.57 -3.48
C PHE D 115 -21.91 1.28 -4.04
N HIS D 116 -22.78 0.34 -4.38
CA HIS D 116 -22.37 -0.84 -5.11
C HIS D 116 -23.32 -1.08 -6.27
N ASP D 117 -22.78 -1.62 -7.36
CA ASP D 117 -23.59 -2.20 -8.43
C ASP D 117 -23.00 -3.59 -8.73
N VAL D 118 -23.40 -4.57 -7.93
CA VAL D 118 -22.83 -5.90 -8.05
C VAL D 118 -23.46 -6.65 -9.22
N THR D 119 -24.79 -6.76 -9.22
CA THR D 119 -25.52 -7.28 -10.37
C THR D 119 -26.48 -6.24 -10.93
N THR D 120 -27.29 -5.65 -10.08
CA THR D 120 -28.10 -4.48 -10.40
C THR D 120 -27.66 -3.35 -9.48
N ASP D 121 -28.41 -2.25 -9.51
CA ASP D 121 -28.22 -1.22 -8.51
C ASP D 121 -28.59 -1.77 -7.14
N ASN D 122 -27.85 -1.31 -6.12
CA ASN D 122 -28.05 -1.77 -4.75
C ASN D 122 -28.91 -0.82 -3.93
N LYS D 123 -29.86 -0.14 -4.56
CA LYS D 123 -30.81 0.71 -3.89
C LYS D 123 -32.20 0.13 -4.00
N LEU D 124 -33.07 0.52 -3.09
CA LEU D 124 -34.45 0.03 -3.10
C LEU D 124 -35.38 1.11 -2.56
N LEU D 125 -36.49 1.34 -3.25
CA LEU D 125 -37.49 2.29 -2.82
C LEU D 125 -38.85 1.60 -2.82
N ARG D 126 -39.58 1.74 -1.71
CA ARG D 126 -40.92 1.17 -1.59
C ARG D 126 -41.88 2.25 -1.13
N ILE D 127 -42.92 2.49 -1.92
CA ILE D 127 -43.94 3.48 -1.58
C ILE D 127 -45.13 2.72 -1.01
N SER D 128 -45.46 2.99 0.25
CA SER D 128 -46.60 2.30 0.85
C SER D 128 -47.90 2.98 0.43
N LYS D 129 -49.02 2.44 0.93
CA LYS D 129 -50.32 2.99 0.56
C LYS D 129 -50.58 4.31 1.28
N ASN D 130 -50.17 4.42 2.54
CA ASN D 130 -50.46 5.58 3.36
C ASN D 130 -49.45 6.71 3.19
N GLY D 131 -48.69 6.73 2.10
CA GLY D 131 -47.69 7.75 1.88
C GLY D 131 -46.35 7.45 2.53
N LYS D 132 -46.23 6.34 3.24
CA LYS D 132 -44.98 5.95 3.84
C LYS D 132 -44.00 5.51 2.76
N VAL D 133 -42.81 6.12 2.75
CA VAL D 133 -41.77 5.81 1.79
C VAL D 133 -40.60 5.20 2.55
N LEU D 134 -40.09 4.08 2.04
CA LEU D 134 -38.94 3.40 2.62
C LEU D 134 -37.82 3.37 1.58
N TYR D 135 -36.61 3.76 2.00
CA TYR D 135 -35.48 3.89 1.10
C TYR D 135 -34.30 3.16 1.73
N SER D 136 -33.85 2.10 1.07
CA SER D 136 -32.78 1.25 1.60
C SER D 136 -31.64 1.22 0.61
N ILE D 137 -30.50 1.79 0.99
CA ILE D 137 -29.31 1.75 0.16
C ILE D 137 -28.22 0.96 0.88
N ARG D 138 -27.14 0.68 0.17
CA ARG D 138 -26.03 -0.09 0.70
C ARG D 138 -24.75 0.66 0.40
N LEU D 139 -24.11 1.20 1.44
CA LEU D 139 -22.97 2.07 1.29
C LEU D 139 -21.70 1.42 1.83
N THR D 140 -20.57 1.84 1.29
CA THR D 140 -19.27 1.57 1.87
C THR D 140 -18.61 2.90 2.19
N LEU D 141 -18.27 3.11 3.46
CA LEU D 141 -17.80 4.39 3.95
C LEU D 141 -16.41 4.22 4.56
N THR D 142 -15.59 5.25 4.40
CA THR D 142 -14.30 5.36 5.08
C THR D 142 -14.44 6.53 6.03
N LEU D 143 -14.90 6.25 7.23
CA LEU D 143 -15.15 7.30 8.22
C LEU D 143 -13.86 7.64 8.94
N SER D 144 -13.83 8.82 9.53
CA SER D 144 -12.67 9.26 10.29
C SER D 144 -12.98 9.27 11.77
N CYS D 145 -11.98 8.95 12.57
CA CYS D 145 -12.15 9.02 14.02
C CYS D 145 -10.83 9.41 14.67
N PRO D 146 -10.80 10.51 15.41
CA PRO D 146 -9.55 10.92 16.09
C PRO D 146 -9.31 10.07 17.32
N MET D 147 -8.31 9.21 17.24
CA MET D 147 -7.95 8.31 18.32
C MET D 147 -6.61 8.72 18.90
N ASP D 148 -6.54 8.83 20.22
CA ASP D 148 -5.28 9.09 20.91
C ASP D 148 -4.69 7.79 21.42
N LEU D 149 -3.36 7.75 21.49
CA LEU D 149 -2.63 6.58 21.95
C LEU D 149 -1.73 6.94 23.12
N LYS D 150 -2.27 7.71 24.06
CA LYS D 150 -1.54 8.03 25.28
C LYS D 150 -1.24 6.78 26.08
N ASN D 151 -2.23 5.91 26.23
CA ASN D 151 -2.09 4.62 26.89
C ASN D 151 -2.38 3.55 25.85
N PHE D 152 -1.34 3.13 25.12
CA PHE D 152 -1.57 2.36 23.90
C PHE D 152 -2.16 0.97 24.14
N PRO D 153 -1.49 0.03 24.83
CA PRO D 153 -2.03 -1.33 24.87
C PRO D 153 -3.17 -1.52 25.87
N MET D 154 -3.70 -0.45 26.43
CA MET D 154 -4.86 -0.49 27.33
C MET D 154 -5.82 0.64 26.99
N ASP D 155 -6.01 0.92 25.70
CA ASP D 155 -6.80 2.06 25.26
C ASP D 155 -8.23 1.67 24.94
N VAL D 156 -9.11 2.67 25.00
CA VAL D 156 -10.47 2.56 24.49
C VAL D 156 -10.67 3.70 23.50
N GLN D 157 -11.40 3.42 22.42
CA GLN D 157 -11.69 4.42 21.42
C GLN D 157 -13.20 4.54 21.23
N THR D 158 -13.64 5.72 20.83
CA THR D 158 -15.04 5.99 20.54
C THR D 158 -15.12 6.41 19.07
N CYS D 159 -15.35 5.46 18.19
CA CYS D 159 -15.51 5.73 16.77
C CYS D 159 -16.94 6.22 16.54
N THR D 160 -17.06 7.43 15.99
CA THR D 160 -18.34 8.09 15.83
C THR D 160 -18.80 8.00 14.39
N MET D 161 -20.12 7.96 14.20
CA MET D 161 -20.73 8.01 12.89
C MET D 161 -21.86 9.03 12.95
N GLN D 162 -21.75 10.10 12.17
CA GLN D 162 -22.64 11.25 12.27
C GLN D 162 -23.35 11.47 10.94
N LEU D 163 -24.63 11.09 10.88
CA LEU D 163 -25.45 11.41 9.73
C LEU D 163 -26.07 12.79 9.94
N GLU D 164 -26.15 13.57 8.87
CA GLU D 164 -26.77 14.89 9.00
C GLU D 164 -27.24 15.36 7.63
N SER D 165 -28.15 16.34 7.66
CA SER D 165 -28.65 16.95 6.45
C SER D 165 -27.59 17.90 5.87
N PHE D 166 -27.85 18.34 4.64
CA PHE D 166 -26.95 19.25 3.93
C PHE D 166 -27.58 20.60 3.66
N GLY D 167 -28.75 20.62 3.04
CA GLY D 167 -29.35 21.89 2.66
C GLY D 167 -30.46 22.35 3.60
N TYR D 168 -31.33 21.43 4.01
CA TYR D 168 -32.44 21.79 4.87
C TYR D 168 -31.99 21.91 6.32
N THR D 169 -32.45 22.96 6.98
CA THR D 169 -32.19 23.17 8.40
C THR D 169 -33.16 22.32 9.21
N MET D 170 -33.25 22.57 10.51
CA MET D 170 -34.20 21.85 11.34
C MET D 170 -35.61 22.42 11.25
N ASN D 171 -35.87 23.33 10.31
CA ASN D 171 -37.22 23.76 10.00
C ASN D 171 -37.85 22.91 8.90
N ASP D 172 -37.07 22.10 8.20
CA ASP D 172 -37.56 21.26 7.12
C ASP D 172 -37.29 19.78 7.32
N LEU D 173 -36.12 19.40 7.80
CA LEU D 173 -35.73 18.00 7.93
C LEU D 173 -35.29 17.74 9.35
N ILE D 174 -35.73 16.61 9.92
CA ILE D 174 -35.35 16.18 11.26
C ILE D 174 -35.06 14.69 11.21
N PHE D 175 -33.84 14.30 11.55
CA PHE D 175 -33.47 12.90 11.62
C PHE D 175 -33.73 12.35 13.01
N GLU D 176 -34.27 11.13 13.06
CA GLU D 176 -34.56 10.46 14.32
C GLU D 176 -34.31 8.97 14.16
N TRP D 177 -33.75 8.36 15.20
CA TRP D 177 -33.42 6.94 15.15
C TRP D 177 -34.69 6.09 15.26
N LEU D 178 -34.55 4.82 14.93
CA LEU D 178 -35.66 3.88 15.03
C LEU D 178 -35.96 3.58 16.49
N SER D 179 -37.15 3.03 16.73
CA SER D 179 -37.59 2.68 18.08
C SER D 179 -36.74 1.55 18.65
N ASP D 180 -36.78 0.38 17.99
CA ASP D 180 -35.98 -0.76 18.42
C ASP D 180 -34.83 -1.00 17.45
N GLY D 181 -33.68 -1.36 18.01
CA GLY D 181 -32.47 -1.67 17.26
C GLY D 181 -32.07 -0.67 16.20
N PRO D 182 -31.68 0.55 16.60
CA PRO D 182 -31.30 1.53 15.57
C PRO D 182 -30.01 1.19 14.86
N VAL D 183 -29.06 0.59 15.59
CA VAL D 183 -27.82 0.10 15.00
C VAL D 183 -27.69 -1.37 15.34
N GLN D 184 -27.78 -2.22 14.33
CA GLN D 184 -27.53 -3.64 14.49
C GLN D 184 -26.20 -4.00 13.86
N VAL D 185 -25.57 -5.04 14.39
CA VAL D 185 -24.26 -5.49 13.93
C VAL D 185 -24.41 -6.90 13.38
N ALA D 186 -23.71 -7.19 12.28
CA ALA D 186 -23.73 -8.53 11.71
C ALA D 186 -23.13 -9.53 12.70
N GLU D 187 -23.86 -10.61 12.95
CA GLU D 187 -23.48 -11.58 13.97
C GLU D 187 -22.25 -12.34 13.51
N GLY D 188 -21.11 -12.04 14.13
CA GLY D 188 -19.90 -12.80 13.86
C GLY D 188 -18.72 -11.99 13.33
N LEU D 189 -18.68 -10.70 13.64
CA LEU D 189 -17.54 -9.90 13.22
C LEU D 189 -16.30 -10.21 14.04
N THR D 190 -15.15 -9.88 13.47
CA THR D 190 -13.87 -10.03 14.15
C THR D 190 -12.94 -8.97 13.61
N LEU D 191 -12.58 -8.01 14.44
CA LEU D 191 -11.61 -7.00 14.06
C LEU D 191 -10.21 -7.57 14.22
N PRO D 192 -9.23 -7.07 13.43
CA PRO D 192 -7.86 -7.59 13.53
C PRO D 192 -7.23 -7.36 14.89
N GLN D 193 -7.14 -6.11 15.32
CA GLN D 193 -6.50 -5.77 16.58
C GLN D 193 -7.43 -4.86 17.38
N PHE D 194 -8.54 -5.41 17.89
CA PHE D 194 -9.61 -4.73 18.60
C PHE D 194 -10.70 -5.69 19.07
N ILE D 195 -11.68 -5.17 19.80
CA ILE D 195 -12.92 -5.86 20.11
C ILE D 195 -14.05 -4.84 20.00
N LEU D 196 -15.07 -5.14 19.20
CA LEU D 196 -16.23 -4.25 19.04
C LEU D 196 -17.23 -4.57 20.14
N LYS D 197 -17.38 -3.66 21.10
CA LYS D 197 -18.30 -3.86 22.20
C LYS D 197 -19.75 -3.75 21.73
N GLU D 198 -20.66 -4.21 22.60
CA GLU D 198 -22.09 -4.24 22.31
C GLU D 198 -22.85 -3.15 23.06
N GLU D 199 -22.20 -2.02 23.34
CA GLU D 199 -22.86 -0.85 23.91
C GLU D 199 -22.54 0.32 22.98
N LYS D 200 -23.37 0.49 21.96
CA LYS D 200 -23.18 1.53 20.97
C LYS D 200 -24.04 2.72 21.39
N GLU D 201 -23.40 3.71 22.01
CA GLU D 201 -24.13 4.87 22.54
C GLU D 201 -24.59 5.75 21.40
N LEU D 202 -25.88 5.72 21.11
CA LEU D 202 -26.45 6.50 20.01
C LEU D 202 -27.17 7.71 20.57
N GLY D 203 -26.92 8.86 19.98
CA GLY D 203 -27.48 10.09 20.49
C GLY D 203 -27.55 11.17 19.44
N TYR D 204 -27.73 12.39 19.91
CA TYR D 204 -27.93 13.54 19.04
C TYR D 204 -26.65 14.34 18.88
N CYS D 205 -26.58 15.03 17.76
CA CYS D 205 -25.44 15.84 17.34
C CYS D 205 -25.78 17.32 17.22
N THR D 206 -26.80 17.66 16.44
CA THR D 206 -27.46 18.97 16.41
C THR D 206 -26.47 20.11 16.19
N LYS D 207 -25.90 20.12 14.99
CA LYS D 207 -24.88 21.09 14.63
C LYS D 207 -25.45 22.51 14.66
N HIS D 208 -24.75 23.41 15.34
CA HIS D 208 -25.18 24.80 15.52
C HIS D 208 -24.25 25.67 14.68
N TYR D 209 -24.62 25.87 13.41
CA TYR D 209 -23.85 26.68 12.50
C TYR D 209 -24.37 28.12 12.52
N ASN D 210 -23.88 28.94 11.58
CA ASN D 210 -24.31 30.33 11.52
C ASN D 210 -25.68 30.48 10.87
N THR D 211 -25.97 29.66 9.87
CA THR D 211 -27.21 29.79 9.11
C THR D 211 -28.39 29.09 9.77
N GLY D 212 -28.24 28.62 10.99
CA GLY D 212 -29.34 27.96 11.69
C GLY D 212 -28.79 26.78 12.49
N LYS D 213 -29.64 25.76 12.61
CA LYS D 213 -29.23 24.49 13.21
C LYS D 213 -29.66 23.37 12.27
N PHE D 214 -28.71 22.54 11.86
CA PHE D 214 -28.97 21.43 10.97
C PHE D 214 -29.09 20.14 11.78
N THR D 215 -30.09 19.33 11.43
CA THR D 215 -30.29 18.06 12.11
C THR D 215 -29.09 17.15 11.92
N CYS D 216 -28.79 16.37 12.96
CA CYS D 216 -27.55 15.61 13.01
C CYS D 216 -27.76 14.53 14.07
N ILE D 217 -27.68 13.27 13.67
CA ILE D 217 -27.75 12.15 14.61
C ILE D 217 -26.42 11.41 14.54
N GLU D 218 -26.10 10.68 15.61
CA GLU D 218 -24.82 10.01 15.63
C GLU D 218 -24.89 8.77 16.48
N VAL D 219 -23.95 7.86 16.21
CA VAL D 219 -23.77 6.65 17.00
C VAL D 219 -22.29 6.48 17.31
N LYS D 220 -21.96 6.20 18.57
CA LYS D 220 -20.59 5.99 19.00
C LYS D 220 -20.40 4.52 19.32
N PHE D 221 -19.39 3.91 18.71
CA PHE D 221 -19.05 2.52 18.99
C PHE D 221 -18.15 2.46 20.22
N HIS D 222 -17.54 1.31 20.47
CA HIS D 222 -16.60 1.16 21.58
C HIS D 222 -15.59 0.11 21.18
N LEU D 223 -14.33 0.53 21.04
CA LEU D 223 -13.26 -0.37 20.64
C LEU D 223 -12.27 -0.50 21.79
N GLU D 224 -12.22 -1.70 22.38
CA GLU D 224 -11.30 -1.99 23.48
C GLU D 224 -10.25 -2.95 22.97
N ARG D 225 -9.01 -2.48 22.89
CA ARG D 225 -7.93 -3.31 22.39
C ARG D 225 -7.50 -4.32 23.45
N GLN D 226 -7.50 -5.59 23.08
CA GLN D 226 -7.20 -6.68 24.00
C GLN D 226 -5.69 -6.89 24.08
N MET D 227 -5.19 -7.09 25.29
CA MET D 227 -3.75 -7.11 25.57
C MET D 227 -3.24 -8.56 25.70
N GLY D 228 -3.34 -9.29 24.60
CA GLY D 228 -2.74 -10.61 24.62
C GLY D 228 -1.33 -10.65 24.08
N TYR D 229 -1.17 -10.17 22.84
CA TYR D 229 0.10 -10.32 22.15
C TYR D 229 1.16 -9.40 22.72
N TYR D 230 0.79 -8.16 23.07
CA TYR D 230 1.75 -7.25 23.69
C TYR D 230 2.17 -7.74 25.06
N LEU D 231 1.21 -8.21 25.86
CA LEU D 231 1.51 -8.67 27.21
C LEU D 231 2.30 -9.96 27.22
N ILE D 232 2.23 -10.78 26.16
CA ILE D 232 2.99 -12.02 26.13
C ILE D 232 4.26 -11.92 25.30
N GLN D 233 4.43 -10.85 24.52
CA GLN D 233 5.59 -10.72 23.66
C GLN D 233 6.56 -9.64 24.08
N MET D 234 6.10 -8.59 24.76
CA MET D 234 6.99 -7.49 25.09
C MET D 234 7.14 -7.27 26.59
N TYR D 235 6.03 -7.25 27.32
CA TYR D 235 6.07 -6.96 28.75
C TYR D 235 6.79 -8.05 29.53
N ILE D 236 6.44 -9.30 29.28
CA ILE D 236 7.02 -10.43 30.03
C ILE D 236 8.47 -10.67 29.62
N PRO D 237 8.87 -10.61 28.33
CA PRO D 237 10.32 -10.63 28.05
C PRO D 237 11.10 -9.47 28.65
N SER D 238 10.56 -8.25 28.68
CA SER D 238 11.31 -7.15 29.29
C SER D 238 11.44 -7.34 30.80
N LEU D 239 10.38 -7.83 31.46
CA LEU D 239 10.49 -8.14 32.88
C LEU D 239 11.46 -9.29 33.12
N LEU D 240 11.55 -10.23 32.18
CA LEU D 240 12.50 -11.33 32.32
C LEU D 240 13.94 -10.83 32.23
N ILE D 241 14.20 -9.90 31.32
CA ILE D 241 15.53 -9.31 31.22
C ILE D 241 15.84 -8.47 32.47
N VAL D 242 14.82 -7.88 33.10
CA VAL D 242 15.03 -7.18 34.36
C VAL D 242 15.42 -8.17 35.47
N ILE D 243 14.76 -9.35 35.49
CA ILE D 243 15.12 -10.37 36.47
C ILE D 243 16.55 -10.87 36.23
N LEU D 244 16.96 -11.02 34.96
CA LEU D 244 18.35 -11.34 34.66
C LEU D 244 19.30 -10.25 35.14
N SER D 245 18.89 -8.98 35.02
CA SER D 245 19.70 -7.88 35.53
C SER D 245 19.90 -7.98 37.03
N TRP D 246 18.87 -8.38 37.77
CA TRP D 246 19.02 -8.55 39.21
C TRP D 246 19.89 -9.74 39.56
N VAL D 247 19.70 -10.86 38.87
CA VAL D 247 20.43 -12.07 39.24
C VAL D 247 21.86 -11.98 38.72
N SER D 248 22.15 -10.99 37.88
CA SER D 248 23.53 -10.67 37.50
C SER D 248 24.36 -10.31 38.73
N PHE D 249 23.97 -9.25 39.42
CA PHE D 249 24.70 -8.80 40.61
C PHE D 249 24.23 -9.50 41.89
N TRP D 250 23.30 -10.46 41.79
CA TRP D 250 23.01 -11.29 42.94
C TRP D 250 24.16 -12.26 43.24
N ILE D 251 24.89 -12.70 42.22
CA ILE D 251 25.98 -13.66 42.40
C ILE D 251 27.19 -12.95 42.99
N ASN D 252 28.18 -13.72 43.41
CA ASN D 252 29.33 -13.17 44.12
C ASN D 252 30.29 -12.47 43.16
N MET D 253 30.99 -11.46 43.68
CA MET D 253 31.77 -10.51 42.89
C MET D 253 33.22 -10.92 42.67
N ASP D 254 33.57 -12.20 42.80
CA ASP D 254 34.94 -12.62 42.51
C ASP D 254 35.23 -12.53 41.02
N ALA D 255 34.45 -13.24 40.21
CA ALA D 255 34.63 -13.23 38.76
C ALA D 255 34.04 -11.93 38.20
N ALA D 256 34.81 -10.85 38.35
CA ALA D 256 34.38 -9.55 37.84
C ALA D 256 34.25 -9.48 36.31
N PRO D 257 35.14 -10.05 35.48
CA PRO D 257 34.88 -10.01 34.03
C PRO D 257 33.66 -10.81 33.62
N ALA D 258 33.44 -11.99 34.21
CA ALA D 258 32.27 -12.78 33.86
C ALA D 258 30.98 -12.08 34.30
N ARG D 259 30.98 -11.51 35.51
CA ARG D 259 29.80 -10.81 36.01
C ARG D 259 29.52 -9.57 35.18
N VAL D 260 30.56 -8.83 34.77
CA VAL D 260 30.31 -7.63 33.98
C VAL D 260 29.91 -7.99 32.57
N ALA D 261 30.39 -9.15 32.10
CA ALA D 261 30.08 -9.67 30.75
C ALA D 261 28.58 -9.96 30.69
N LEU D 262 28.09 -10.88 31.54
CA LEU D 262 26.65 -11.22 31.59
C LEU D 262 25.87 -9.92 31.78
N GLY D 263 26.22 -9.14 32.81
CA GLY D 263 25.54 -7.86 33.10
C GLY D 263 25.41 -6.97 31.89
N ILE D 264 26.52 -6.69 31.20
CA ILE D 264 26.48 -5.81 29.99
C ILE D 264 25.59 -6.45 28.93
N THR D 265 25.88 -7.72 28.60
CA THR D 265 25.09 -8.51 27.61
C THR D 265 23.60 -8.36 27.94
N THR D 266 23.26 -8.38 29.23
CA THR D 266 21.85 -8.23 29.59
C THR D 266 21.31 -6.87 29.14
N VAL D 267 22.11 -5.80 29.31
CA VAL D 267 21.72 -4.48 28.83
C VAL D 267 21.57 -4.49 27.31
N LEU D 268 22.49 -5.17 26.61
CA LEU D 268 22.39 -5.29 25.17
C LEU D 268 21.14 -6.05 24.76
N THR D 269 20.79 -7.10 25.50
CA THR D 269 19.58 -7.85 25.22
C THR D 269 18.33 -6.99 25.40
N MET D 270 18.29 -6.20 26.48
CA MET D 270 17.15 -5.33 26.73
C MET D 270 17.00 -4.26 25.65
N THR D 271 18.10 -3.63 25.26
CA THR D 271 18.00 -2.59 24.24
C THR D 271 17.74 -3.17 22.85
N THR D 272 18.18 -4.40 22.58
CA THR D 272 17.84 -5.03 21.31
C THR D 272 16.37 -5.43 21.28
N GLN D 273 15.84 -5.87 22.43
CA GLN D 273 14.41 -6.14 22.56
C GLN D 273 13.59 -4.89 22.30
N SER D 274 14.01 -3.76 22.89
CA SER D 274 13.27 -2.50 22.68
C SER D 274 13.37 -2.03 21.23
N SER D 275 14.56 -2.14 20.62
CA SER D 275 14.75 -1.71 19.25
C SER D 275 13.91 -2.56 18.28
N GLY D 276 13.85 -3.88 18.53
CA GLY D 276 12.99 -4.72 17.71
C GLY D 276 11.51 -4.46 17.94
N SER D 277 11.13 -4.17 19.18
CA SER D 277 9.74 -3.86 19.50
C SER D 277 9.31 -2.49 19.04
N ARG D 278 10.25 -1.64 18.59
CA ARG D 278 9.88 -0.35 18.03
C ARG D 278 8.98 -0.49 16.81
N ALA D 279 9.44 -1.19 15.78
CA ALA D 279 8.81 -1.17 14.46
C ALA D 279 7.56 -2.04 14.37
N SER D 280 7.08 -2.60 15.48
CA SER D 280 5.81 -3.31 15.48
C SER D 280 4.65 -2.45 15.96
N LEU D 281 4.93 -1.43 16.76
CA LEU D 281 3.91 -0.56 17.32
C LEU D 281 3.39 0.38 16.24
N PRO D 282 2.26 1.05 16.48
CA PRO D 282 1.83 2.12 15.57
C PRO D 282 2.79 3.29 15.61
N LYS D 283 2.93 3.95 14.46
CA LYS D 283 3.95 4.99 14.28
C LYS D 283 3.35 6.35 14.61
N VAL D 284 3.21 6.60 15.91
CA VAL D 284 2.86 7.92 16.41
C VAL D 284 4.11 8.54 17.02
N SER D 285 4.02 9.82 17.37
CA SER D 285 5.15 10.58 17.85
C SER D 285 4.93 11.16 19.23
N TYR D 286 4.28 10.40 20.12
CA TYR D 286 4.16 10.79 21.51
C TYR D 286 4.30 9.55 22.38
N VAL D 287 4.38 9.76 23.68
CA VAL D 287 4.68 8.67 24.61
C VAL D 287 3.48 7.75 24.76
N LYS D 288 3.62 6.53 24.27
CA LYS D 288 2.66 5.48 24.53
C LYS D 288 2.99 4.77 25.83
N ALA D 289 1.99 4.07 26.39
CA ALA D 289 2.18 3.39 27.67
C ALA D 289 3.11 2.20 27.58
N ILE D 290 3.47 1.75 26.39
CA ILE D 290 4.48 0.70 26.27
C ILE D 290 5.88 1.28 26.12
N ASP D 291 6.00 2.54 25.69
CA ASP D 291 7.32 3.13 25.60
C ASP D 291 7.81 3.62 26.94
N ILE D 292 6.90 4.00 27.84
CA ILE D 292 7.28 4.26 29.22
C ILE D 292 7.85 3.01 29.86
N TRP D 293 7.25 1.85 29.57
CA TRP D 293 7.76 0.58 30.09
C TRP D 293 9.12 0.25 29.49
N MET D 294 9.27 0.37 28.18
CA MET D 294 10.54 0.07 27.55
C MET D 294 11.63 1.10 27.89
N ALA D 295 11.25 2.27 28.40
CA ALA D 295 12.25 3.20 28.91
C ALA D 295 12.64 2.89 30.34
N VAL D 296 11.67 2.56 31.20
CA VAL D 296 11.98 2.35 32.61
C VAL D 296 12.72 1.04 32.82
N CYS D 297 12.39 0.00 32.06
CA CYS D 297 13.11 -1.27 32.21
C CYS D 297 14.56 -1.13 31.73
N LEU D 298 14.77 -0.38 30.66
CA LEU D 298 16.13 -0.09 30.21
C LEU D 298 16.88 0.75 31.24
N LEU D 299 16.17 1.70 31.86
CA LEU D 299 16.77 2.50 32.93
C LEU D 299 17.18 1.61 34.11
N PHE D 300 16.39 0.59 34.41
CA PHE D 300 16.70 -0.27 35.54
C PHE D 300 17.86 -1.21 35.25
N VAL D 301 17.94 -1.74 34.03
CA VAL D 301 19.09 -2.58 33.70
C VAL D 301 20.37 -1.75 33.64
N PHE D 302 20.28 -0.49 33.17
CA PHE D 302 21.44 0.38 33.17
C PHE D 302 21.85 0.77 34.59
N ALA D 303 20.87 1.02 35.46
CA ALA D 303 21.19 1.37 36.84
C ALA D 303 21.80 0.19 37.59
N ALA D 304 21.36 -1.03 37.28
CA ALA D 304 21.98 -2.22 37.87
C ALA D 304 23.44 -2.33 37.45
N LEU D 305 23.72 -2.13 36.16
CA LEU D 305 25.10 -2.14 35.69
C LEU D 305 25.93 -1.06 36.37
N LEU D 306 25.37 0.15 36.48
CA LEU D 306 26.13 1.27 37.03
C LEU D 306 26.40 1.07 38.52
N GLU D 307 25.45 0.50 39.27
CA GLU D 307 25.72 0.25 40.68
C GLU D 307 26.72 -0.87 40.88
N TYR D 308 26.70 -1.89 40.01
CA TYR D 308 27.73 -2.92 40.07
C TYR D 308 29.11 -2.33 39.76
N ALA D 309 29.18 -1.44 38.76
CA ALA D 309 30.44 -0.79 38.43
C ALA D 309 30.93 0.12 39.56
N ALA D 310 30.00 0.75 40.28
CA ALA D 310 30.38 1.53 41.45
C ALA D 310 30.91 0.63 42.56
N VAL D 311 30.36 -0.58 42.68
CA VAL D 311 30.90 -1.54 43.65
C VAL D 311 32.32 -1.94 43.28
N ASN D 312 32.58 -2.18 41.98
CA ASN D 312 33.95 -2.51 41.57
C ASN D 312 34.88 -1.31 41.68
N PHE D 313 34.34 -0.09 41.61
CA PHE D 313 35.18 1.08 41.84
C PHE D 313 35.51 1.24 43.31
N VAL D 314 34.59 0.82 44.19
CA VAL D 314 34.89 0.79 45.62
C VAL D 314 35.97 -0.24 45.92
N SER D 315 35.82 -1.45 45.36
CA SER D 315 36.78 -2.52 45.56
C SER D 315 38.03 -2.23 44.73
N ARG D 316 39.00 -1.58 45.37
CA ARG D 316 40.27 -1.27 44.70
C ARG D 316 41.42 -1.28 45.69
N LYS D 322 36.07 -1.17 55.80
CA LYS D 322 35.31 -0.92 54.59
C LYS D 322 36.04 -1.43 53.35
N PHE D 323 36.95 -2.39 53.56
CA PHE D 323 37.68 -2.98 52.45
C PHE D 323 36.78 -3.89 51.62
N VAL D 324 36.10 -4.82 52.28
CA VAL D 324 35.12 -5.68 51.61
C VAL D 324 33.75 -5.67 52.28
N ASP D 325 33.66 -5.25 53.55
CA ASP D 325 32.35 -5.15 54.19
C ASP D 325 31.50 -4.07 53.55
N ARG D 326 32.14 -2.98 53.10
CA ARG D 326 31.41 -1.94 52.39
C ARG D 326 30.89 -2.45 51.04
N ALA D 327 31.68 -3.26 50.35
CA ALA D 327 31.24 -3.85 49.08
C ALA D 327 30.07 -4.80 49.30
N LYS D 328 30.16 -5.64 50.34
CA LYS D 328 29.08 -6.57 50.64
C LYS D 328 27.81 -5.82 51.05
N ARG D 329 27.96 -4.74 51.83
CA ARG D 329 26.80 -3.97 52.24
C ARG D 329 26.17 -3.24 51.05
N ILE D 330 26.99 -2.75 50.12
CA ILE D 330 26.46 -2.08 48.93
C ILE D 330 25.71 -3.07 48.05
N ASP D 331 26.28 -4.27 47.86
CA ASP D 331 25.61 -5.29 47.06
C ASP D 331 24.30 -5.74 47.70
N THR D 332 24.29 -5.95 49.02
CA THR D 332 23.08 -6.34 49.71
C THR D 332 22.02 -5.24 49.72
N ILE D 333 22.43 -3.98 49.89
CA ILE D 333 21.47 -2.88 49.86
C ILE D 333 20.87 -2.72 48.48
N SER D 334 21.67 -2.90 47.43
CA SER D 334 21.13 -2.80 46.07
C SER D 334 20.19 -3.96 45.77
N ARG D 335 20.58 -5.18 46.15
CA ARG D 335 19.73 -6.35 45.92
C ARG D 335 18.49 -6.36 46.81
N ALA D 336 18.46 -5.57 47.87
CA ALA D 336 17.25 -5.43 48.67
C ALA D 336 16.42 -4.20 48.32
N ALA D 337 17.00 -3.23 47.62
CA ALA D 337 16.28 -2.01 47.26
C ALA D 337 15.70 -2.05 45.86
N PHE D 338 16.34 -2.77 44.92
CA PHE D 338 15.78 -2.85 43.57
C PHE D 338 14.46 -3.60 43.47
N PRO D 339 14.23 -4.74 44.16
CA PRO D 339 12.89 -5.37 44.06
C PRO D 339 11.75 -4.49 44.56
N LEU D 340 11.92 -3.83 45.71
CA LEU D 340 10.85 -2.98 46.21
C LEU D 340 10.60 -1.79 45.29
N ALA D 341 11.67 -1.22 44.71
CA ALA D 341 11.50 -0.10 43.80
C ALA D 341 10.80 -0.51 42.52
N PHE D 342 11.17 -1.66 41.95
CA PHE D 342 10.53 -2.11 40.72
C PHE D 342 9.08 -2.50 40.97
N LEU D 343 8.77 -3.09 42.12
CA LEU D 343 7.39 -3.46 42.38
C LEU D 343 6.52 -2.24 42.70
N ILE D 344 7.10 -1.22 43.34
CA ILE D 344 6.37 0.04 43.52
C ILE D 344 6.12 0.71 42.18
N PHE D 345 7.09 0.64 41.26
CA PHE D 345 6.86 1.16 39.91
C PHE D 345 5.80 0.36 39.19
N ASN D 346 5.79 -0.96 39.37
CA ASN D 346 4.79 -1.82 38.74
C ASN D 346 3.40 -1.48 39.23
N ILE D 347 3.25 -1.24 40.53
CA ILE D 347 1.95 -0.82 41.07
C ILE D 347 1.56 0.56 40.53
N PHE D 348 2.46 1.54 40.63
CA PHE D 348 2.17 2.90 40.18
C PHE D 348 2.05 3.02 38.67
N TYR D 349 2.34 1.96 37.91
CA TYR D 349 2.10 1.90 36.48
C TYR D 349 0.80 1.18 36.14
N TRP D 350 0.61 -0.03 36.67
CA TRP D 350 -0.56 -0.82 36.33
C TRP D 350 -1.83 -0.21 36.91
N ILE D 351 -1.79 0.27 38.16
CA ILE D 351 -2.97 0.89 38.73
C ILE D 351 -3.24 2.23 38.05
N THR D 352 -2.21 2.88 37.52
CA THR D 352 -2.41 4.15 36.84
C THR D 352 -3.08 3.94 35.49
N TYR D 353 -2.57 3.01 34.68
CA TYR D 353 -3.06 2.89 33.31
C TYR D 353 -4.24 1.93 33.18
N LYS D 354 -4.18 0.78 33.86
CA LYS D 354 -5.22 -0.23 33.68
C LYS D 354 -6.52 0.17 34.36
N ILE D 355 -6.44 0.73 35.56
CA ILE D 355 -7.62 0.94 36.40
C ILE D 355 -8.21 2.33 36.22
N ILE D 356 -7.39 3.37 36.30
CA ILE D 356 -7.91 4.74 36.30
C ILE D 356 -8.39 5.12 34.90
N ARG D 357 -7.48 5.12 33.93
CA ARG D 357 -7.84 5.43 32.54
C ARG D 357 -8.30 4.17 31.82
N HIS D 358 -9.41 3.62 32.31
CA HIS D 358 -9.93 2.35 31.81
C HIS D 358 -10.46 2.45 30.38
N VAL E 49 -45.05 29.39 -10.42
CA VAL E 49 -45.24 29.48 -8.97
C VAL E 49 -44.50 28.46 -8.06
N PRO E 50 -44.12 27.23 -8.53
CA PRO E 50 -43.22 26.42 -7.69
C PRO E 50 -41.78 26.93 -7.68
N ALA E 51 -40.90 26.19 -7.02
CA ALA E 51 -39.52 26.64 -6.83
C ALA E 51 -38.69 26.56 -8.10
N ASN E 52 -39.08 25.73 -9.06
CA ASN E 52 -38.35 25.63 -10.32
C ASN E 52 -38.97 26.47 -11.43
N SER E 53 -40.22 26.92 -11.26
CA SER E 53 -40.84 27.75 -12.27
C SER E 53 -40.15 29.11 -12.38
N THR E 54 -39.78 29.69 -11.24
CA THR E 54 -39.07 30.96 -11.27
C THR E 54 -37.68 30.80 -11.87
N SER E 55 -37.04 29.66 -11.67
CA SER E 55 -35.76 29.42 -12.32
C SER E 55 -35.93 29.27 -13.83
N ASN E 56 -36.98 28.58 -14.26
CA ASN E 56 -37.17 28.37 -15.70
C ASN E 56 -37.65 29.63 -16.41
N ILE E 57 -38.28 30.56 -15.68
CA ILE E 57 -38.60 31.87 -16.25
C ILE E 57 -37.56 32.91 -15.87
N LEU E 58 -36.47 32.50 -15.22
CA LEU E 58 -35.36 33.37 -14.92
C LEU E 58 -34.17 33.14 -15.84
N ASN E 59 -33.91 31.89 -16.26
CA ASN E 59 -32.79 31.63 -17.15
C ASN E 59 -33.11 30.47 -18.09
N ARG E 60 -32.46 30.50 -19.26
CA ARG E 60 -32.35 29.40 -20.23
C ARG E 60 -33.63 29.09 -20.99
N LEU E 61 -34.74 29.73 -20.62
CA LEU E 61 -35.98 29.61 -21.40
C LEU E 61 -36.58 30.99 -21.57
N LEU E 62 -36.26 31.88 -20.64
CA LEU E 62 -36.69 33.27 -20.64
C LEU E 62 -35.70 34.09 -21.47
N VAL E 63 -35.72 35.42 -21.27
CA VAL E 63 -34.73 36.30 -21.86
C VAL E 63 -33.31 35.80 -21.58
N SER E 64 -32.40 36.05 -22.51
CA SER E 64 -31.17 35.28 -22.67
C SER E 64 -30.28 35.37 -21.44
N TYR E 65 -29.81 34.20 -21.00
CA TYR E 65 -28.85 34.07 -19.91
C TYR E 65 -27.78 33.10 -20.40
N ASP E 66 -26.61 33.63 -20.75
CA ASP E 66 -25.53 32.80 -21.27
C ASP E 66 -24.70 32.28 -20.11
N PRO E 67 -24.67 30.98 -19.86
CA PRO E 67 -23.96 30.44 -18.69
C PRO E 67 -22.43 30.41 -18.83
N ARG E 68 -21.86 30.99 -19.88
CA ARG E 68 -20.42 31.17 -19.96
C ARG E 68 -20.01 32.63 -20.07
N ILE E 69 -20.96 33.56 -20.06
CA ILE E 69 -20.66 34.98 -19.95
C ILE E 69 -20.70 35.37 -18.49
N ARG E 70 -19.58 35.85 -17.96
CA ARG E 70 -19.48 36.19 -16.56
C ARG E 70 -20.37 37.39 -16.23
N PRO E 71 -20.75 37.54 -14.96
CA PRO E 71 -21.48 38.76 -14.56
C PRO E 71 -20.59 39.98 -14.71
N ASN E 72 -21.23 41.12 -14.96
CA ASN E 72 -20.59 42.39 -15.27
C ASN E 72 -19.61 42.23 -16.42
N PHE E 73 -20.14 41.78 -17.55
CA PHE E 73 -19.31 41.58 -18.73
C PHE E 73 -18.91 42.92 -19.32
N LYS E 74 -17.63 43.01 -19.73
CA LYS E 74 -16.99 44.26 -20.15
C LYS E 74 -17.13 45.35 -19.08
N GLY E 75 -16.95 44.97 -17.82
CA GLY E 75 -17.05 45.92 -16.73
C GLY E 75 -16.04 45.67 -15.62
N ILE E 76 -16.50 45.76 -14.38
CA ILE E 76 -15.63 45.57 -13.22
C ILE E 76 -15.34 44.09 -13.05
N PRO E 77 -14.24 43.70 -12.40
CA PRO E 77 -13.98 42.28 -12.18
C PRO E 77 -14.89 41.71 -11.11
N VAL E 78 -15.28 40.45 -11.28
CA VAL E 78 -16.10 39.77 -10.29
C VAL E 78 -15.28 39.54 -9.02
N ASP E 79 -15.92 39.74 -7.87
CA ASP E 79 -15.29 39.53 -6.57
C ASP E 79 -15.89 38.28 -5.94
N VAL E 80 -15.18 37.17 -6.03
CA VAL E 80 -15.61 35.94 -5.38
C VAL E 80 -15.07 35.90 -3.97
N VAL E 81 -15.94 35.59 -3.02
CA VAL E 81 -15.60 35.56 -1.59
C VAL E 81 -15.63 34.11 -1.15
N VAL E 82 -14.47 33.54 -0.85
CA VAL E 82 -14.38 32.13 -0.48
C VAL E 82 -14.03 32.01 1.00
N ASN E 83 -14.45 30.89 1.58
CA ASN E 83 -13.99 30.49 2.91
C ASN E 83 -14.15 28.99 3.04
N ILE E 84 -13.06 28.29 3.33
CA ILE E 84 -13.06 26.84 3.46
C ILE E 84 -13.41 26.45 4.89
N PHE E 85 -13.71 25.18 5.10
CA PHE E 85 -14.11 24.67 6.42
C PHE E 85 -13.61 23.24 6.50
N ILE E 86 -12.45 23.05 7.14
CA ILE E 86 -11.75 21.78 7.10
C ILE E 86 -12.44 20.78 8.01
N ASN E 87 -12.71 19.59 7.48
CA ASN E 87 -13.23 18.47 8.26
C ASN E 87 -12.14 17.56 8.78
N SER E 88 -11.36 16.98 7.87
CA SER E 88 -10.32 16.01 8.22
C SER E 88 -9.04 16.40 7.52
N PHE E 89 -7.92 16.07 8.16
CA PHE E 89 -6.60 16.56 7.76
C PHE E 89 -5.62 15.45 8.14
N GLY E 90 -5.27 14.61 7.17
CA GLY E 90 -4.48 13.44 7.50
C GLY E 90 -3.57 13.00 6.37
N SER E 91 -2.81 11.94 6.65
CA SER E 91 -1.93 11.27 5.69
C SER E 91 -0.87 12.24 5.14
N ILE E 92 -0.07 12.78 6.06
CA ILE E 92 1.00 13.72 5.70
C ILE E 92 2.25 12.87 5.47
N GLN E 93 2.37 12.37 4.24
CA GLN E 93 3.44 11.43 3.91
C GLN E 93 4.73 12.17 3.62
N GLU E 94 5.82 11.72 4.23
CA GLU E 94 7.15 12.29 3.99
C GLU E 94 7.82 11.69 2.78
N THR E 95 7.23 10.68 2.15
CA THR E 95 7.80 10.03 0.98
C THR E 95 7.03 10.33 -0.29
N THR E 96 5.93 11.07 -0.20
CA THR E 96 5.18 11.49 -1.37
C THR E 96 4.82 12.97 -1.29
N MET E 97 5.08 13.62 -0.15
CA MET E 97 4.93 15.07 0.05
C MET E 97 3.49 15.54 -0.09
N ASP E 98 2.51 14.65 0.13
CA ASP E 98 1.11 15.03 0.06
C ASP E 98 0.51 15.10 1.45
N TYR E 99 -0.73 15.60 1.51
CA TYR E 99 -1.55 15.52 2.70
C TYR E 99 -3.00 15.67 2.29
N ARG E 100 -3.82 14.68 2.64
CA ARG E 100 -5.23 14.73 2.29
C ARG E 100 -5.98 15.64 3.27
N VAL E 101 -6.95 16.36 2.74
CA VAL E 101 -7.75 17.27 3.55
C VAL E 101 -9.13 17.43 2.90
N ASN E 102 -10.17 17.35 3.73
CA ASN E 102 -11.55 17.55 3.29
C ASN E 102 -12.02 18.95 3.67
N ILE E 103 -12.57 19.67 2.71
CA ILE E 103 -12.99 21.04 2.93
C ILE E 103 -14.43 21.21 2.47
N PHE E 104 -15.15 22.09 3.17
CA PHE E 104 -16.44 22.60 2.74
C PHE E 104 -16.21 23.93 2.06
N LEU E 105 -15.63 23.89 0.87
CA LEU E 105 -15.30 25.11 0.14
C LEU E 105 -16.58 25.77 -0.33
N ARG E 106 -16.87 26.96 0.19
CA ARG E 106 -18.02 27.75 -0.27
C ARG E 106 -17.54 29.07 -0.83
N GLN E 107 -18.23 29.54 -1.85
CA GLN E 107 -17.87 30.77 -2.56
C GLN E 107 -19.13 31.53 -2.92
N LYS E 108 -19.10 32.84 -2.68
CA LYS E 108 -20.30 33.67 -2.71
C LYS E 108 -20.00 34.94 -3.50
N TRP E 109 -20.65 35.10 -4.65
CA TRP E 109 -20.39 36.27 -5.47
C TRP E 109 -21.68 36.97 -5.88
N ASN E 110 -21.58 37.94 -6.78
CA ASN E 110 -22.71 38.77 -7.17
C ASN E 110 -23.07 38.50 -8.62
N ASP E 111 -24.36 38.35 -8.89
CA ASP E 111 -24.85 38.05 -10.24
C ASP E 111 -26.05 38.95 -10.52
N PRO E 112 -25.85 40.09 -11.20
CA PRO E 112 -26.98 41.01 -11.44
C PRO E 112 -27.97 40.50 -12.46
N ARG E 113 -27.68 39.43 -13.18
CA ARG E 113 -28.65 38.83 -14.09
C ARG E 113 -29.58 37.84 -13.40
N LEU E 114 -29.57 37.79 -12.08
CA LEU E 114 -30.38 36.84 -11.31
C LEU E 114 -31.07 37.55 -10.16
N LYS E 115 -31.59 38.74 -10.40
CA LYS E 115 -32.34 39.45 -9.37
C LYS E 115 -33.74 38.86 -9.26
N LEU E 116 -34.11 38.40 -8.08
CA LEU E 116 -35.43 37.81 -7.88
C LEU E 116 -36.49 38.89 -7.92
N PRO E 117 -37.51 38.75 -8.77
CA PRO E 117 -38.58 39.75 -8.82
C PRO E 117 -39.58 39.59 -7.69
N SER E 118 -40.68 40.35 -7.73
CA SER E 118 -41.68 40.36 -6.68
C SER E 118 -42.75 39.29 -6.85
N ASP E 119 -42.42 38.17 -7.51
CA ASP E 119 -43.39 37.09 -7.67
C ASP E 119 -43.64 36.34 -6.36
N PHE E 120 -42.68 36.34 -5.44
CA PHE E 120 -42.88 35.73 -4.12
C PHE E 120 -42.01 36.46 -3.12
N ARG E 121 -42.54 36.65 -1.91
CA ARG E 121 -41.84 37.38 -0.87
C ARG E 121 -41.41 36.52 0.31
N GLY E 122 -41.87 35.26 0.37
CA GLY E 122 -41.49 34.41 1.48
C GLY E 122 -40.13 33.77 1.33
N SER E 123 -39.68 33.56 0.10
CA SER E 123 -38.41 32.89 -0.18
C SER E 123 -37.36 33.93 -0.52
N ASP E 124 -36.49 34.23 0.46
CA ASP E 124 -35.35 35.09 0.19
C ASP E 124 -34.25 34.32 -0.53
N ALA E 125 -34.05 33.06 -0.17
CA ALA E 125 -33.00 32.23 -0.75
C ALA E 125 -33.65 31.17 -1.63
N LEU E 126 -33.80 31.49 -2.91
CA LEU E 126 -34.32 30.53 -3.88
C LEU E 126 -33.24 29.53 -4.22
N THR E 127 -33.47 28.26 -3.90
CA THR E 127 -32.47 27.24 -4.13
C THR E 127 -32.50 26.77 -5.58
N VAL E 128 -31.62 25.82 -5.90
CA VAL E 128 -31.59 25.16 -7.19
C VAL E 128 -30.98 23.78 -7.01
N ASP E 129 -31.51 22.80 -7.75
CA ASP E 129 -31.01 21.44 -7.67
C ASP E 129 -29.63 21.34 -8.31
N PRO E 130 -28.80 20.37 -7.88
CA PRO E 130 -27.54 20.11 -8.58
C PRO E 130 -27.69 19.47 -9.95
N THR E 131 -28.92 19.17 -10.39
CA THR E 131 -29.12 18.68 -11.75
C THR E 131 -28.83 19.77 -12.76
N MET E 132 -29.42 20.94 -12.58
CA MET E 132 -29.16 22.10 -13.43
C MET E 132 -28.03 22.96 -12.90
N TYR E 133 -27.11 22.39 -12.11
CA TYR E 133 -25.94 23.10 -11.60
C TYR E 133 -25.02 23.57 -12.71
N LYS E 134 -25.06 22.92 -13.87
CA LYS E 134 -24.32 23.34 -15.04
C LYS E 134 -25.03 24.43 -15.83
N CYS E 135 -26.18 24.91 -15.36
CA CYS E 135 -27.01 25.82 -16.15
C CYS E 135 -26.73 27.29 -15.88
N LEU E 136 -26.03 27.63 -14.79
CA LEU E 136 -25.70 29.01 -14.48
C LEU E 136 -24.21 29.12 -14.17
N TRP E 137 -23.70 30.34 -14.30
CA TRP E 137 -22.27 30.59 -14.20
C TRP E 137 -21.76 30.33 -12.79
N LYS E 138 -20.49 29.94 -12.70
CA LYS E 138 -19.80 29.70 -11.45
C LYS E 138 -18.32 29.95 -11.71
N PRO E 139 -17.60 30.52 -10.74
CA PRO E 139 -16.18 30.80 -10.97
C PRO E 139 -15.38 29.52 -11.00
N ASP E 140 -14.41 29.48 -11.93
CA ASP E 140 -13.67 28.27 -12.22
C ASP E 140 -12.34 28.29 -11.47
N LEU E 141 -12.40 27.91 -10.20
CA LEU E 141 -11.17 27.82 -9.43
C LEU E 141 -10.57 26.42 -9.57
N PHE E 142 -9.29 26.32 -9.20
CA PHE E 142 -8.59 25.07 -9.14
C PHE E 142 -7.42 25.23 -8.18
N PHE E 143 -7.08 24.14 -7.52
CA PHE E 143 -6.00 24.15 -6.53
C PHE E 143 -4.68 23.91 -7.26
N ALA E 144 -3.80 24.91 -7.22
CA ALA E 144 -2.58 24.86 -8.01
C ALA E 144 -1.54 23.90 -7.46
N ASN E 145 -1.78 23.30 -6.29
CA ASN E 145 -0.83 22.36 -5.72
C ASN E 145 -1.51 21.06 -5.32
N GLU E 146 -2.56 20.68 -6.04
CA GLU E 146 -3.28 19.45 -5.74
C GLU E 146 -2.70 18.29 -6.55
N LYS E 147 -3.19 17.10 -6.25
CA LYS E 147 -2.84 15.91 -7.03
C LYS E 147 -4.05 15.22 -7.63
N SER E 148 -5.09 14.95 -6.83
CA SER E 148 -6.29 14.30 -7.36
C SER E 148 -7.47 14.67 -6.47
N ALA E 149 -8.24 15.67 -6.89
CA ALA E 149 -9.42 16.07 -6.15
C ALA E 149 -10.64 15.29 -6.64
N ASN E 150 -11.64 15.16 -5.77
CA ASN E 150 -12.87 14.49 -6.13
C ASN E 150 -13.98 14.98 -5.24
N PHE E 151 -15.18 15.08 -5.80
CA PHE E 151 -16.37 15.42 -5.03
C PHE E 151 -16.84 14.19 -4.26
N HIS E 152 -17.89 14.38 -3.45
CA HIS E 152 -18.50 13.28 -2.71
C HIS E 152 -19.91 13.05 -3.23
N ASP E 153 -20.30 11.78 -3.31
CA ASP E 153 -21.56 11.38 -3.93
C ASP E 153 -22.25 10.34 -3.05
N VAL E 154 -22.39 10.63 -1.76
CA VAL E 154 -23.08 9.71 -0.86
C VAL E 154 -24.51 10.22 -0.62
N THR E 155 -25.48 9.37 -0.97
CA THR E 155 -26.91 9.53 -0.73
C THR E 155 -27.53 10.71 -1.50
N GLN E 156 -26.69 11.50 -2.14
CA GLN E 156 -27.03 12.72 -2.87
C GLN E 156 -25.70 13.27 -3.40
N GLU E 157 -25.79 14.23 -4.31
CA GLU E 157 -24.63 15.04 -4.62
C GLU E 157 -24.40 16.01 -3.47
N ASN E 158 -23.13 16.28 -3.16
CA ASN E 158 -22.77 17.13 -2.04
C ASN E 158 -22.51 18.57 -2.46
N ILE E 159 -23.22 19.05 -3.47
CA ILE E 159 -23.13 20.43 -3.92
C ILE E 159 -24.47 21.09 -3.64
N LEU E 160 -24.43 22.36 -3.23
CA LEU E 160 -25.64 23.11 -2.88
C LEU E 160 -25.46 24.55 -3.27
N LEU E 161 -26.38 25.06 -4.09
CA LEU E 161 -26.30 26.42 -4.60
C LEU E 161 -27.55 27.18 -4.16
N PHE E 162 -27.35 28.40 -3.68
CA PHE E 162 -28.43 29.31 -3.32
C PHE E 162 -28.35 30.57 -4.16
N ILE E 163 -29.49 31.08 -4.57
CA ILE E 163 -29.60 32.37 -5.22
C ILE E 163 -30.43 33.27 -4.33
N PHE E 164 -29.91 34.45 -4.02
CA PHE E 164 -30.55 35.34 -3.06
C PHE E 164 -31.46 36.34 -3.78
N ARG E 165 -32.21 37.11 -2.99
CA ARG E 165 -33.12 38.10 -3.56
C ARG E 165 -32.34 39.28 -4.14
N ASP E 166 -31.26 39.69 -3.49
CA ASP E 166 -30.47 40.83 -3.90
C ASP E 166 -29.36 40.47 -4.89
N GLY E 167 -29.52 39.37 -5.63
CA GLY E 167 -28.59 39.02 -6.68
C GLY E 167 -27.43 38.14 -6.26
N ASP E 168 -27.19 37.98 -4.96
CA ASP E 168 -26.05 37.21 -4.50
C ASP E 168 -26.25 35.72 -4.76
N VAL E 169 -25.15 35.03 -5.07
CA VAL E 169 -25.14 33.60 -5.34
C VAL E 169 -24.13 32.95 -4.41
N LEU E 170 -24.52 31.84 -3.80
CA LEU E 170 -23.67 31.10 -2.88
C LEU E 170 -23.55 29.65 -3.34
N VAL E 171 -22.34 29.09 -3.27
CA VAL E 171 -22.10 27.71 -3.67
C VAL E 171 -21.31 27.03 -2.56
N SER E 172 -21.84 25.92 -2.04
CA SER E 172 -21.12 25.08 -1.10
C SER E 172 -20.89 23.71 -1.73
N MET E 173 -19.70 23.17 -1.52
CA MET E 173 -19.36 21.86 -2.05
C MET E 173 -18.38 21.18 -1.11
N ARG E 174 -18.45 19.85 -1.05
CA ARG E 174 -17.65 19.06 -0.13
C ARG E 174 -16.54 18.37 -0.91
N LEU E 175 -15.35 18.93 -0.86
CA LEU E 175 -14.20 18.43 -1.61
C LEU E 175 -13.27 17.63 -0.71
N SER E 176 -12.65 16.61 -1.28
CA SER E 176 -11.66 15.79 -0.59
C SER E 176 -10.37 15.85 -1.38
N ILE E 177 -9.57 16.87 -1.16
CA ILE E 177 -8.41 17.10 -2.01
C ILE E 177 -7.18 16.45 -1.37
N THR E 178 -6.18 16.16 -2.21
CA THR E 178 -4.89 15.65 -1.75
C THR E 178 -3.79 16.56 -2.30
N LEU E 179 -3.43 17.56 -1.51
CA LEU E 179 -2.52 18.61 -1.95
C LEU E 179 -1.09 18.10 -1.98
N SER E 180 -0.15 19.01 -2.24
CA SER E 180 1.26 18.65 -2.31
C SER E 180 2.06 19.79 -1.70
N CYS E 181 2.47 19.64 -0.45
CA CYS E 181 3.35 20.61 0.18
C CYS E 181 4.69 19.95 0.47
N PRO E 182 5.80 20.53 0.01
CA PRO E 182 7.11 19.88 0.15
C PRO E 182 7.59 19.89 1.60
N LEU E 183 7.97 18.72 2.09
CA LEU E 183 8.45 18.55 3.45
C LEU E 183 9.98 18.49 3.43
N ASP E 184 10.60 19.62 3.75
CA ASP E 184 12.08 19.70 3.82
C ASP E 184 12.48 19.36 5.25
N LEU E 185 12.47 18.07 5.60
CA LEU E 185 12.82 17.63 6.98
C LEU E 185 14.34 17.54 7.13
N THR E 186 14.97 18.66 7.49
CA THR E 186 16.45 18.73 7.70
C THR E 186 16.67 18.89 9.20
N LEU E 187 15.58 19.01 9.96
CA LEU E 187 15.65 19.13 11.41
C LEU E 187 14.72 18.12 12.06
N PHE E 188 14.67 16.90 11.50
CA PHE E 188 13.58 15.92 11.57
C PHE E 188 12.88 15.77 12.91
N PRO E 189 13.54 15.46 14.03
CA PRO E 189 12.78 15.26 15.27
C PRO E 189 12.30 16.54 15.92
N MET E 190 12.77 17.70 15.45
CA MET E 190 12.39 18.99 16.01
C MET E 190 12.03 19.98 14.92
N ASP E 191 11.52 19.50 13.79
CA ASP E 191 11.31 20.35 12.63
C ASP E 191 9.92 20.97 12.65
N THR E 192 9.75 21.99 11.81
CA THR E 192 8.44 22.56 11.51
C THR E 192 8.18 22.41 10.02
N GLN E 193 6.91 22.35 9.65
CA GLN E 193 6.51 22.25 8.25
C GLN E 193 5.53 23.38 7.98
N ARG E 194 6.02 24.48 7.43
CA ARG E 194 5.13 25.53 6.99
C ARG E 194 4.72 25.26 5.56
N CYS E 195 3.53 24.71 5.37
CA CYS E 195 3.12 24.32 4.02
C CYS E 195 1.65 24.62 3.82
N LYS E 196 1.26 24.80 2.56
CA LYS E 196 0.13 25.65 2.23
C LYS E 196 -0.79 25.04 1.19
N MET E 197 -1.85 25.78 0.88
CA MET E 197 -2.88 25.38 -0.07
C MET E 197 -3.40 26.63 -0.74
N GLN E 198 -3.41 26.65 -2.07
CA GLN E 198 -3.69 27.87 -2.83
C GLN E 198 -4.74 27.61 -3.89
N LEU E 199 -5.78 28.45 -3.88
CA LEU E 199 -6.84 28.43 -4.89
C LEU E 199 -6.53 29.50 -5.93
N GLU E 200 -6.63 29.12 -7.21
CA GLU E 200 -6.36 30.06 -8.30
C GLU E 200 -7.46 29.97 -9.34
N SER E 201 -7.69 31.08 -10.04
CA SER E 201 -8.59 31.05 -11.17
C SER E 201 -7.95 30.33 -12.34
N PHE E 202 -8.75 30.05 -13.36
CA PHE E 202 -8.31 29.27 -14.52
C PHE E 202 -8.90 29.92 -15.76
N GLY E 203 -8.06 30.64 -16.51
CA GLY E 203 -8.50 31.29 -17.72
C GLY E 203 -9.03 32.69 -17.54
N TYR E 204 -9.07 33.20 -16.32
CA TYR E 204 -9.56 34.55 -16.04
C TYR E 204 -8.47 35.33 -15.34
N THR E 205 -8.05 36.43 -15.96
CA THR E 205 -7.04 37.29 -15.37
C THR E 205 -7.63 38.07 -14.19
N THR E 206 -6.77 38.85 -13.52
CA THR E 206 -7.20 39.55 -12.31
C THR E 206 -8.15 40.70 -12.62
N ASP E 207 -8.19 41.19 -13.85
CA ASP E 207 -9.19 42.18 -14.23
C ASP E 207 -10.50 41.55 -14.68
N ASP E 208 -10.63 40.24 -14.57
CA ASP E 208 -11.88 39.53 -14.84
C ASP E 208 -12.45 38.86 -13.59
N LEU E 209 -11.63 38.17 -12.83
CA LEU E 209 -12.02 37.52 -11.59
C LEU E 209 -11.07 37.93 -10.48
N ARG E 210 -11.54 37.83 -9.24
CA ARG E 210 -10.70 38.20 -8.09
C ARG E 210 -11.21 37.48 -6.85
N PHE E 211 -10.35 36.66 -6.24
CA PHE E 211 -10.68 35.97 -5.01
C PHE E 211 -10.25 36.81 -3.81
N ILE E 212 -11.15 36.97 -2.85
CA ILE E 212 -10.82 37.54 -1.56
C ILE E 212 -11.41 36.66 -0.47
N TRP E 213 -10.79 36.68 0.70
CA TRP E 213 -11.30 35.88 1.80
C TRP E 213 -12.47 36.59 2.47
N GLN E 214 -13.16 35.85 3.36
CA GLN E 214 -14.33 36.39 4.02
C GLN E 214 -13.99 37.44 5.06
N SER E 215 -12.74 37.45 5.53
CA SER E 215 -12.09 38.42 6.43
C SER E 215 -12.60 38.34 7.86
N GLY E 216 -13.65 37.56 8.12
CA GLY E 216 -13.96 37.17 9.48
C GLY E 216 -14.03 35.67 9.62
N ASP E 217 -13.02 35.09 10.26
CA ASP E 217 -12.77 33.65 10.36
C ASP E 217 -13.00 32.93 9.03
N PRO E 218 -12.14 33.13 8.02
CA PRO E 218 -12.38 32.52 6.72
C PRO E 218 -11.76 31.14 6.54
N VAL E 219 -11.17 30.57 7.57
CA VAL E 219 -10.69 29.19 7.53
C VAL E 219 -10.82 28.58 8.93
N GLN E 220 -11.54 27.47 9.03
CA GLN E 220 -11.82 26.83 10.30
C GLN E 220 -11.49 25.34 10.20
N LEU E 221 -11.47 24.67 11.35
CA LEU E 221 -11.17 23.25 11.40
C LEU E 221 -11.68 22.68 12.71
N GLU E 222 -11.92 21.37 12.71
CA GLU E 222 -12.43 20.70 13.89
C GLU E 222 -11.32 20.41 14.88
N LYS E 223 -11.71 19.84 16.01
CA LYS E 223 -10.75 19.37 17.01
C LYS E 223 -10.25 18.01 16.56
N ILE E 224 -9.13 18.01 15.82
CA ILE E 224 -8.62 16.83 15.15
C ILE E 224 -7.32 16.40 15.83
N ALA E 225 -6.78 15.27 15.35
CA ALA E 225 -5.60 14.67 15.96
C ALA E 225 -4.78 13.99 14.87
N LEU E 226 -3.67 14.62 14.50
CA LEU E 226 -2.73 14.00 13.59
C LEU E 226 -1.96 12.90 14.31
N PRO E 227 -1.46 11.90 13.57
CA PRO E 227 -0.61 10.89 14.21
C PRO E 227 0.69 11.44 14.76
N GLN E 228 1.48 12.11 13.92
CA GLN E 228 2.77 12.65 14.34
C GLN E 228 2.72 14.15 14.59
N PHE E 229 2.29 14.92 13.60
CA PHE E 229 2.32 16.37 13.69
C PHE E 229 1.27 16.90 14.65
N ASP E 230 1.26 18.22 14.82
CA ASP E 230 0.29 18.90 15.67
C ASP E 230 -0.10 20.18 14.95
N ILE E 231 -1.25 20.15 14.27
CA ILE E 231 -1.69 21.29 13.47
C ILE E 231 -1.99 22.48 14.39
N LYS E 232 -1.30 23.59 14.14
CA LYS E 232 -1.39 24.77 14.98
C LYS E 232 -2.43 25.71 14.40
N LYS E 233 -3.64 25.72 14.97
CA LYS E 233 -4.63 26.71 14.62
C LYS E 233 -4.35 28.07 15.25
N GLU E 234 -3.30 28.18 16.04
CA GLU E 234 -2.81 29.49 16.47
C GLU E 234 -2.26 30.27 15.29
N ASP E 235 -1.31 29.69 14.56
CA ASP E 235 -0.73 30.29 13.37
C ASP E 235 -1.41 29.66 12.15
N ILE E 236 -2.37 30.39 11.59
CA ILE E 236 -3.16 29.90 10.46
C ILE E 236 -3.14 31.00 9.40
N GLU E 237 -2.13 31.87 9.48
CA GLU E 237 -2.11 33.13 8.75
C GLU E 237 -2.12 32.92 7.24
N TYR E 238 -3.22 33.32 6.61
CA TYR E 238 -3.45 33.16 5.18
C TYR E 238 -2.90 34.36 4.42
N GLY E 239 -3.21 34.42 3.13
CA GLY E 239 -2.78 35.55 2.35
C GLY E 239 -2.88 35.39 0.84
N ASN E 240 -2.83 36.51 0.14
CA ASN E 240 -2.82 36.50 -1.32
C ASN E 240 -1.40 36.26 -1.83
N CYS E 241 -1.32 35.52 -2.93
CA CYS E 241 -0.07 35.42 -3.71
C CYS E 241 -0.45 35.30 -5.18
N THR E 242 -0.59 36.44 -5.84
CA THR E 242 -1.02 36.44 -7.23
C THR E 242 0.09 35.91 -8.13
N LYS E 243 -0.30 35.17 -9.16
CA LYS E 243 0.64 34.49 -10.04
C LYS E 243 0.80 35.31 -11.32
N TYR E 244 1.84 36.14 -11.36
CA TYR E 244 2.19 36.85 -12.59
C TYR E 244 2.87 35.84 -13.50
N TYR E 245 2.17 35.40 -14.54
CA TYR E 245 2.78 34.46 -15.46
C TYR E 245 3.61 35.20 -16.49
N LYS E 246 4.42 34.43 -17.21
CA LYS E 246 5.44 34.99 -18.11
C LYS E 246 4.75 35.58 -19.33
N GLY E 247 4.44 36.87 -19.26
CA GLY E 247 3.76 37.56 -20.36
C GLY E 247 2.27 37.32 -20.47
N THR E 248 1.85 36.05 -20.41
CA THR E 248 0.45 35.69 -20.63
C THR E 248 -0.34 35.90 -19.34
N GLY E 249 -0.79 37.14 -19.14
CA GLY E 249 -1.80 37.42 -18.15
C GLY E 249 -1.28 37.58 -16.73
N TYR E 250 -2.25 37.79 -15.83
CA TYR E 250 -2.02 38.08 -14.42
C TYR E 250 -3.18 37.46 -13.66
N TYR E 251 -2.97 36.23 -13.16
CA TYR E 251 -4.07 35.42 -12.63
C TYR E 251 -4.09 35.46 -11.11
N THR E 252 -5.29 35.53 -10.55
CA THR E 252 -5.48 35.70 -9.12
C THR E 252 -5.24 34.38 -8.39
N CYS E 253 -5.07 34.50 -7.07
CA CYS E 253 -4.78 33.37 -6.19
C CYS E 253 -4.91 33.82 -4.74
N VAL E 254 -5.37 32.91 -3.91
CA VAL E 254 -5.38 33.08 -2.46
C VAL E 254 -4.84 31.80 -1.85
N GLU E 255 -4.37 31.88 -0.60
CA GLU E 255 -3.78 30.69 -0.01
C GLU E 255 -3.89 30.73 1.51
N VAL E 256 -3.91 29.54 2.10
CA VAL E 256 -3.82 29.34 3.54
C VAL E 256 -2.56 28.54 3.80
N ILE E 257 -1.79 28.96 4.81
CA ILE E 257 -0.48 28.37 5.08
C ILE E 257 -0.52 27.76 6.47
N PHE E 258 -0.66 26.44 6.55
CA PHE E 258 -0.63 25.76 7.84
C PHE E 258 0.80 25.65 8.34
N THR E 259 0.95 25.65 9.66
CA THR E 259 2.24 25.56 10.32
C THR E 259 2.23 24.30 11.19
N LEU E 260 2.57 23.17 10.60
CA LEU E 260 2.65 21.92 11.34
C LEU E 260 3.90 21.89 12.19
N ARG E 261 3.80 21.31 13.38
CA ARG E 261 4.94 21.17 14.28
C ARG E 261 4.94 19.76 14.83
N ARG E 262 6.01 19.02 14.55
CA ARG E 262 6.15 17.66 15.05
C ARG E 262 6.48 17.67 16.53
N GLN E 263 5.89 16.73 17.27
CA GLN E 263 6.15 16.61 18.70
C GLN E 263 7.23 15.56 18.96
N VAL E 264 8.06 15.82 19.97
CA VAL E 264 9.37 15.19 20.09
C VAL E 264 9.40 14.09 21.16
N GLY E 265 8.30 13.89 21.90
CA GLY E 265 8.34 13.05 23.09
C GLY E 265 8.69 11.61 22.81
N PHE E 266 8.18 11.05 21.72
CA PHE E 266 8.52 9.68 21.36
C PHE E 266 9.99 9.54 21.04
N TYR E 267 10.56 10.49 20.30
CA TYR E 267 11.98 10.39 19.98
C TYR E 267 12.86 10.61 21.20
N MET E 268 12.41 11.44 22.14
CA MET E 268 13.19 11.67 23.36
C MET E 268 13.20 10.43 24.25
N MET E 269 12.05 9.79 24.43
CA MET E 269 12.05 8.51 25.14
C MET E 269 12.37 7.33 24.23
N GLY E 270 12.77 7.62 23.00
CA GLY E 270 13.14 6.66 22.00
C GLY E 270 14.62 6.56 21.78
N VAL E 271 15.15 7.33 20.84
CA VAL E 271 16.55 7.21 20.46
C VAL E 271 17.35 8.41 20.92
N TYR E 272 16.93 9.04 22.01
CA TYR E 272 17.71 10.12 22.62
C TYR E 272 18.20 9.77 24.01
N ALA E 273 17.29 9.47 24.94
CA ALA E 273 17.71 9.17 26.29
C ALA E 273 18.37 7.79 26.42
N PRO E 274 17.92 6.73 25.73
CA PRO E 274 18.74 5.50 25.71
C PRO E 274 20.12 5.68 25.11
N THR E 275 20.24 6.47 24.05
CA THR E 275 21.56 6.68 23.45
C THR E 275 22.47 7.48 24.38
N LEU E 276 21.92 8.50 25.04
CA LEU E 276 22.69 9.27 26.02
C LEU E 276 23.08 8.40 27.21
N LEU E 277 22.19 7.49 27.62
CA LEU E 277 22.54 6.53 28.68
C LEU E 277 23.67 5.62 28.25
N ILE E 278 23.65 5.15 27.00
CA ILE E 278 24.71 4.27 26.51
C ILE E 278 26.05 5.02 26.46
N VAL E 279 26.01 6.30 26.09
CA VAL E 279 27.24 7.08 26.04
C VAL E 279 27.78 7.35 27.45
N VAL E 280 26.89 7.59 28.42
CA VAL E 280 27.34 7.77 29.80
C VAL E 280 27.86 6.45 30.37
N LEU E 281 27.31 5.33 29.92
CA LEU E 281 27.85 4.03 30.29
C LEU E 281 29.23 3.81 29.70
N SER E 282 29.44 4.27 28.47
CA SER E 282 30.77 4.20 27.88
C SER E 282 31.75 5.14 28.57
N TRP E 283 31.26 6.21 29.19
CA TRP E 283 32.13 7.02 30.02
C TRP E 283 32.48 6.29 31.32
N LEU E 284 31.50 5.63 31.93
CA LEU E 284 31.72 4.85 33.13
C LEU E 284 32.55 3.60 32.90
N SER E 285 32.76 3.22 31.64
CA SER E 285 33.66 2.11 31.30
C SER E 285 35.06 2.31 31.86
N PHE E 286 35.54 3.55 31.92
CA PHE E 286 36.92 3.81 32.35
C PHE E 286 37.14 3.62 33.85
N TRP E 287 36.06 3.61 34.65
CA TRP E 287 36.23 3.67 36.09
C TRP E 287 36.68 2.34 36.70
N ILE E 288 36.63 1.25 35.94
CA ILE E 288 37.25 0.01 36.39
C ILE E 288 38.76 0.17 36.28
N ASN E 289 39.50 -0.51 37.18
CA ASN E 289 40.97 -0.41 37.29
C ASN E 289 41.66 -0.72 35.96
N PRO E 290 42.61 0.14 35.54
CA PRO E 290 43.23 -0.08 34.23
C PRO E 290 44.29 -1.17 34.23
N ASP E 291 44.81 -1.53 35.39
CA ASP E 291 45.80 -2.59 35.49
C ASP E 291 45.15 -3.94 35.21
N ALA E 292 45.61 -4.63 34.17
CA ALA E 292 45.07 -5.91 33.69
C ALA E 292 43.58 -5.80 33.42
N SER E 293 43.21 -4.96 32.44
CA SER E 293 41.82 -4.64 32.17
C SER E 293 41.05 -5.83 31.63
N ALA E 294 40.22 -6.44 32.48
CA ALA E 294 39.33 -7.52 32.07
C ALA E 294 37.90 -7.02 31.91
N ALA E 295 37.60 -5.82 32.42
CA ALA E 295 36.26 -5.26 32.33
C ALA E 295 36.18 -4.00 31.47
N ARG E 296 37.29 -3.31 31.23
CA ARG E 296 37.27 -2.15 30.34
C ARG E 296 36.98 -2.57 28.91
N VAL E 297 37.53 -3.70 28.47
CA VAL E 297 37.24 -4.20 27.11
C VAL E 297 35.76 -4.49 26.91
N PRO E 298 35.08 -5.29 27.75
CA PRO E 298 33.62 -5.44 27.54
C PRO E 298 32.83 -4.17 27.75
N LEU E 299 33.18 -3.37 28.77
CA LEU E 299 32.47 -2.15 29.07
C LEU E 299 32.60 -1.11 27.96
N GLY E 300 33.58 -1.26 27.08
CA GLY E 300 33.59 -0.47 25.87
C GLY E 300 32.85 -1.13 24.70
N ILE E 301 33.20 -2.40 24.42
CA ILE E 301 32.79 -2.98 23.15
C ILE E 301 31.30 -3.28 23.12
N PHE E 302 30.69 -3.66 24.25
CA PHE E 302 29.28 -3.97 24.19
C PHE E 302 28.43 -2.70 24.18
N SER E 303 28.92 -1.60 24.77
CA SER E 303 28.23 -0.33 24.60
C SER E 303 28.29 0.12 23.15
N VAL E 304 29.45 -0.03 22.50
CA VAL E 304 29.56 0.36 21.09
C VAL E 304 28.70 -0.53 20.20
N LEU E 305 28.67 -1.83 20.50
CA LEU E 305 27.87 -2.76 19.71
C LEU E 305 26.39 -2.49 19.90
N SER E 306 25.97 -2.17 21.13
CA SER E 306 24.58 -1.83 21.39
C SER E 306 24.17 -0.55 20.66
N LEU E 307 25.06 0.46 20.64
CA LEU E 307 24.72 1.68 19.92
C LEU E 307 24.68 1.48 18.42
N ALA E 308 25.57 0.64 17.88
CA ALA E 308 25.52 0.33 16.46
C ALA E 308 24.26 -0.44 16.10
N SER E 309 23.84 -1.37 16.96
CA SER E 309 22.59 -2.09 16.75
C SER E 309 21.38 -1.17 16.84
N GLU E 310 21.37 -0.23 17.80
CA GLU E 310 20.29 0.75 17.90
C GLU E 310 20.20 1.62 16.66
N CYS E 311 21.35 2.06 16.13
CA CYS E 311 21.35 2.86 14.91
C CYS E 311 20.82 2.06 13.72
N THR E 312 21.37 0.86 13.50
CA THR E 312 20.97 0.10 12.32
C THR E 312 19.58 -0.51 12.44
N THR E 313 18.99 -0.53 13.64
CA THR E 313 17.60 -0.97 13.76
C THR E 313 16.64 0.19 13.66
N LEU E 314 16.89 1.30 14.35
CA LEU E 314 16.01 2.46 14.25
C LEU E 314 16.35 3.35 13.08
N ALA E 315 17.09 2.84 12.09
CA ALA E 315 17.02 3.41 10.76
C ALA E 315 15.75 3.01 10.01
N ALA E 316 14.90 2.19 10.62
CA ALA E 316 13.69 1.70 9.97
C ALA E 316 12.48 2.62 10.20
N GLU E 317 12.21 2.97 11.45
CA GLU E 317 11.05 3.80 11.78
C GLU E 317 11.17 5.22 11.25
N LEU E 318 12.37 5.68 10.93
CA LEU E 318 12.55 7.01 10.39
C LEU E 318 12.03 7.07 8.96
N PRO E 319 11.63 8.26 8.49
CA PRO E 319 11.25 8.39 7.08
C PRO E 319 12.45 8.17 6.17
N LYS E 320 12.24 7.35 5.15
CA LYS E 320 13.32 7.03 4.23
C LYS E 320 13.62 8.23 3.35
N VAL E 321 14.55 9.07 3.81
CA VAL E 321 14.93 10.30 3.12
C VAL E 321 16.46 10.33 3.06
N SER E 322 17.00 10.41 1.86
CA SER E 322 18.44 10.26 1.68
C SER E 322 19.17 11.60 1.68
N TYR E 323 18.92 12.44 2.68
CA TYR E 323 19.85 13.50 3.03
C TYR E 323 19.98 13.52 4.54
N VAL E 324 21.06 14.18 5.00
CA VAL E 324 21.46 14.05 6.39
C VAL E 324 20.49 14.80 7.29
N LYS E 325 19.86 14.05 8.19
CA LYS E 325 18.88 14.61 9.12
C LYS E 325 19.58 15.03 10.41
N ALA E 326 18.81 15.33 11.44
CA ALA E 326 19.36 15.68 12.75
C ALA E 326 19.63 14.46 13.61
N LEU E 327 18.70 13.50 13.57
CA LEU E 327 18.82 12.29 14.38
C LEU E 327 20.02 11.46 13.96
N ASP E 328 20.37 11.49 12.67
CA ASP E 328 21.53 10.74 12.22
C ASP E 328 22.82 11.41 12.67
N VAL E 329 22.85 12.74 12.67
CA VAL E 329 23.99 13.48 13.21
C VAL E 329 24.19 13.13 14.67
N TRP E 330 23.09 13.11 15.45
CA TRP E 330 23.19 12.78 16.87
C TRP E 330 23.69 11.36 17.07
N LEU E 331 23.09 10.39 16.37
CA LEU E 331 23.44 8.99 16.57
C LEU E 331 24.88 8.70 16.12
N ILE E 332 25.34 9.37 15.07
CA ILE E 332 26.69 9.10 14.60
C ILE E 332 27.73 9.83 15.43
N ALA E 333 27.41 11.01 15.98
CA ALA E 333 28.31 11.63 16.95
C ALA E 333 28.42 10.79 18.22
N CYS E 334 27.31 10.16 18.63
CA CYS E 334 27.38 9.32 19.82
C CYS E 334 28.16 8.03 19.56
N LEU E 335 27.97 7.44 18.38
CA LEU E 335 28.75 6.26 18.00
C LEU E 335 30.24 6.60 17.90
N LEU E 336 30.55 7.77 17.36
CA LEU E 336 31.93 8.23 17.28
C LEU E 336 32.52 8.47 18.66
N PHE E 337 31.71 8.91 19.62
CA PHE E 337 32.22 9.08 20.98
C PHE E 337 32.46 7.73 21.67
N GLY E 338 31.60 6.74 21.40
CA GLY E 338 31.90 5.39 21.88
C GLY E 338 33.19 4.85 21.30
N PHE E 339 33.40 5.05 20.00
CA PHE E 339 34.64 4.64 19.36
C PHE E 339 35.84 5.42 19.89
N ALA E 340 35.62 6.68 20.27
CA ALA E 340 36.69 7.47 20.86
C ALA E 340 37.05 6.98 22.27
N SER E 341 36.06 6.50 23.02
CA SER E 341 36.35 5.87 24.30
C SER E 341 37.16 4.60 24.11
N LEU E 342 36.82 3.81 23.10
CA LEU E 342 37.63 2.62 22.77
C LEU E 342 39.05 3.00 22.38
N VAL E 343 39.20 4.07 21.60
CA VAL E 343 40.51 4.53 21.16
C VAL E 343 41.35 5.01 22.35
N GLU E 344 40.72 5.74 23.28
CA GLU E 344 41.44 6.21 24.45
C GLU E 344 41.86 5.07 25.36
N TYR E 345 40.99 4.06 25.52
CA TYR E 345 41.41 2.88 26.27
C TYR E 345 42.56 2.15 25.56
N ALA E 346 42.52 2.10 24.23
CA ALA E 346 43.57 1.40 23.48
C ALA E 346 44.91 2.10 23.61
N VAL E 347 44.93 3.44 23.57
CA VAL E 347 46.19 4.13 23.74
C VAL E 347 46.63 4.16 25.20
N VAL E 348 45.71 3.95 26.16
CA VAL E 348 46.13 3.66 27.52
C VAL E 348 46.82 2.31 27.60
N GLN E 349 46.28 1.31 26.92
CA GLN E 349 46.84 -0.04 26.99
C GLN E 349 48.20 -0.12 26.30
N VAL E 350 48.30 0.40 25.08
CA VAL E 350 49.52 0.25 24.30
C VAL E 350 50.63 1.17 24.81
N MET E 351 50.29 2.18 25.62
CA MET E 351 51.30 3.08 26.17
C MET E 351 51.24 3.08 27.70
N LYS E 676 47.67 3.85 32.14
CA LYS E 676 48.57 4.95 32.48
C LYS E 676 47.80 6.11 33.08
N ARG E 677 48.42 7.29 33.07
CA ARG E 677 47.81 8.50 33.61
C ARG E 677 47.00 9.27 32.58
N ILE E 678 46.76 8.69 31.40
CA ILE E 678 45.97 9.37 30.38
C ILE E 678 44.48 9.31 30.70
N ASP E 679 44.03 8.34 31.50
CA ASP E 679 42.63 8.28 31.87
C ASP E 679 42.23 9.44 32.79
N LEU E 680 43.18 9.95 33.58
CA LEU E 680 42.91 11.09 34.43
C LEU E 680 42.65 12.35 33.61
N TYR E 681 43.23 12.45 32.42
CA TYR E 681 42.88 13.52 31.50
C TYR E 681 41.63 13.18 30.69
N ALA E 682 41.40 11.89 30.43
CA ALA E 682 40.25 11.49 29.62
C ALA E 682 38.94 11.78 30.33
N ARG E 683 38.84 11.40 31.61
CA ARG E 683 37.61 11.59 32.37
C ARG E 683 37.24 13.05 32.58
N ALA E 684 38.20 13.96 32.44
CA ALA E 684 37.93 15.39 32.60
C ALA E 684 37.94 16.14 31.28
N LEU E 685 38.35 15.51 30.19
CA LEU E 685 38.36 16.16 28.88
C LEU E 685 37.27 15.69 27.95
N PHE E 686 36.98 14.39 27.88
CA PHE E 686 36.04 13.89 26.89
C PHE E 686 34.57 14.16 27.24
N PRO E 687 34.12 14.00 28.50
CA PRO E 687 32.80 14.57 28.83
C PRO E 687 32.76 16.09 28.75
N PHE E 688 33.88 16.77 28.94
CA PHE E 688 33.95 18.21 28.73
C PHE E 688 33.82 18.60 27.26
N CYS E 689 34.00 17.65 26.34
CA CYS E 689 33.66 17.85 24.95
C CYS E 689 32.27 17.34 24.60
N PHE E 690 31.78 16.33 25.33
CA PHE E 690 30.41 15.87 25.15
C PHE E 690 29.42 16.96 25.51
N LEU E 691 29.69 17.71 26.58
CA LEU E 691 28.82 18.81 26.95
C LEU E 691 28.87 19.94 25.93
N PHE E 692 30.04 20.20 25.33
CA PHE E 692 30.14 21.22 24.29
C PHE E 692 29.36 20.80 23.04
N PHE E 693 29.50 19.53 22.65
CA PHE E 693 28.71 19.01 21.54
C PHE E 693 27.22 19.10 21.81
N ASN E 694 26.81 18.78 23.05
CA ASN E 694 25.39 18.82 23.38
C ASN E 694 24.85 20.25 23.36
N VAL E 695 25.61 21.22 23.87
CA VAL E 695 25.08 22.57 23.90
C VAL E 695 25.05 23.17 22.51
N ILE E 696 26.05 22.89 21.66
CA ILE E 696 25.99 23.44 20.31
C ILE E 696 24.90 22.74 19.49
N TYR E 697 24.67 21.45 19.74
CA TYR E 697 23.68 20.70 18.98
C TYR E 697 22.27 21.13 19.36
N TRP E 698 21.94 21.09 20.64
CA TRP E 698 20.61 21.51 21.08
C TRP E 698 20.47 23.02 21.20
N SER E 699 21.49 23.79 20.80
CA SER E 699 21.29 25.21 20.56
C SER E 699 21.09 25.54 19.09
N ILE E 700 21.64 24.73 18.18
CA ILE E 700 21.36 25.01 16.77
C ILE E 700 20.04 24.38 16.35
N TYR E 701 19.61 23.29 16.99
CA TYR E 701 18.39 22.62 16.58
C TYR E 701 17.20 22.93 17.49
N LEU E 702 17.21 24.08 18.16
CA LEU E 702 16.09 24.52 18.97
C LEU E 702 15.97 26.03 18.98
C1 NAG F . 5.46 23.21 -40.61
C2 NAG F . 5.38 24.30 -41.66
C3 NAG F . 6.21 23.93 -42.89
C4 NAG F . 7.63 23.55 -42.50
C5 NAG F . 7.61 22.50 -41.39
C6 NAG F . 8.99 22.17 -40.86
C7 NAG F . 3.10 23.80 -42.58
C8 NAG F . 1.76 24.40 -42.85
N2 NAG F . 4.00 24.64 -42.02
O3 NAG F . 6.24 25.03 -43.80
O4 NAG F . 8.33 23.05 -43.61
O5 NAG F . 6.84 22.95 -40.28
O6 NAG F . 9.25 22.88 -39.65
O7 NAG F . 3.36 22.63 -42.86
C1 NAG G . 0.20 29.36 -37.95
C2 NAG G . 1.63 29.70 -37.52
C3 NAG G . 1.81 31.21 -37.42
C4 NAG G . 1.39 31.89 -38.71
C5 NAG G . -0.04 31.49 -39.07
C6 NAG G . -0.49 32.04 -40.41
C7 NAG G . 2.81 28.02 -36.18
C8 NAG G . 3.04 27.49 -34.79
N2 NAG G . 1.96 29.06 -36.27
O3 NAG G . 3.17 31.50 -37.13
O4 NAG G . 1.45 33.30 -38.57
O5 NAG G . -0.13 30.06 -39.17
O6 NAG G . -0.22 33.43 -40.50
O7 NAG G . 3.35 27.55 -37.16
CAV SY9 H . -2.76 30.02 -16.93
CAU SY9 H . -1.33 30.54 -17.03
CAT SY9 H . -0.37 29.36 -17.30
CAN SY9 H . -0.69 28.94 -18.71
CAK SY9 H . -2.15 28.46 -18.95
NAH SY9 H . -2.33 28.93 -20.34
CAA SY9 H . -3.46 29.75 -20.42
CAF SY9 H . -4.04 30.38 -21.51
CAE SY9 H . -5.17 31.16 -21.31
CAD SY9 H . -5.70 31.31 -20.05
CAC SY9 H . -5.14 30.70 -18.93
CAB SY9 H . -4.01 29.93 -19.12
CAG SY9 H . -3.22 29.18 -18.12
CAW SY9 H . -4.16 28.11 -17.51
CAX SY9 H . -4.12 28.35 -15.98
NAY SY9 H . -2.92 29.19 -15.70
CAS SY9 H . -1.81 28.26 -15.36
CAR SY9 H . -0.63 28.25 -16.29
CAQ SY9 H . 0.08 27.12 -16.40
CAP SY9 H . 1.16 26.97 -17.45
OAO SY9 H . 0.48 26.77 -18.70
CAM SY9 H . 0.28 27.99 -19.41
CAL SY9 H . -0.26 27.62 -20.82
CAI SY9 H . -1.41 28.53 -21.31
OAJ SY9 H . -1.50 28.90 -22.45
C1 NAG I . -11.43 -18.35 -41.91
C2 NAG I . -12.07 -18.02 -43.25
C3 NAG I . -12.81 -19.23 -43.81
C4 NAG I . -11.91 -20.45 -43.84
C5 NAG I . -11.28 -20.68 -42.47
C6 NAG I . -10.28 -21.82 -42.46
C7 NAG I . -12.64 -15.64 -43.53
C8 NAG I . -13.67 -14.59 -43.33
N2 NAG I . -12.96 -16.87 -43.13
O3 NAG I . -13.28 -18.93 -45.11
O4 NAG I . -12.66 -21.60 -44.21
O5 NAG I . -10.57 -19.50 -42.05
O6 NAG I . -10.93 -23.07 -42.31
O7 NAG I . -11.54 -15.38 -44.03
C1 NAG J . -8.62 -11.40 -45.76
C2 NAG J . -7.75 -12.11 -44.71
C3 NAG J . -7.34 -13.51 -45.21
C4 NAG J . -7.32 -13.63 -46.73
C5 NAG J . -8.61 -13.11 -47.38
C6 NAG J . -9.50 -14.21 -47.91
C7 NAG J . -6.20 -11.05 -43.13
C8 NAG J . -7.05 -11.61 -42.04
N2 NAG J . -6.57 -11.32 -44.37
O3 NAG J . -8.23 -14.49 -44.67
O4 NAG J . -6.21 -12.93 -47.27
O5 NAG J . -9.38 -12.36 -46.44
O6 NAG J . -8.83 -14.98 -48.90
O7 NAG J . -5.20 -10.37 -42.89
CAV SY9 K . 0.55 3.41 -34.29
CAU SY9 K . 1.99 2.96 -34.47
CAT SY9 K . 2.20 1.61 -33.76
CAN SY9 K . 1.42 0.62 -34.58
CAK SY9 K . -0.11 0.89 -34.68
NAH SY9 K . -0.38 0.37 -36.04
CAA SY9 K . -1.02 1.36 -36.79
CAF SY9 K . -1.54 1.32 -38.09
CAE SY9 K . -2.12 2.47 -38.60
CAD SY9 K . -2.20 3.62 -37.84
CAC SY9 K . -1.70 3.69 -36.55
CAB SY9 K . -1.10 2.55 -36.04
CAG SY9 K . -0.51 2.36 -34.69
CAW SY9 K . -1.65 2.54 -33.66
CAX SY9 K . -1.14 3.61 -32.67
NAY SY9 K . 0.32 3.78 -32.87
CAS SY9 K . 0.97 2.93 -31.84
CAR SY9 K . 1.69 1.72 -32.32
CAQ SY9 K . 1.60 0.60 -31.58
CAP SY9 K . 2.22 -0.70 -32.04
OAO SY9 K . 1.31 -1.25 -32.98
CAM SY9 K . 1.64 -0.86 -34.32
CAL SY9 K . 0.78 -1.72 -35.29
CAI SY9 K . 0.05 -0.92 -36.39
OAJ SY9 K . -0.13 -1.38 -37.50
C1 NAG L . -38.69 -23.27 -8.82
C2 NAG L . -39.82 -24.10 -9.50
C3 NAG L . -41.18 -23.96 -8.76
C4 NAG L . -41.01 -24.23 -7.28
C5 NAG L . -39.94 -23.30 -6.71
C6 NAG L . -39.67 -23.54 -5.24
C7 NAG L . -40.32 -22.90 -11.75
C8 NAG L . -40.65 -21.56 -11.11
N2 NAG L . -39.95 -23.94 -10.96
O3 NAG L . -42.13 -24.87 -9.31
O4 NAG L . -42.23 -24.01 -6.58
O5 NAG L . -38.69 -23.53 -7.39
O6 NAG L . -40.88 -23.76 -4.54
O7 NAG L . -40.37 -23.02 -12.98
C1 NAG M . -37.93 -23.84 -17.57
C2 NAG M . -37.39 -24.86 -16.57
C3 NAG M . -36.99 -26.16 -17.28
C4 NAG M . -38.15 -26.69 -18.10
C5 NAG M . -38.67 -25.61 -19.05
C6 NAG M . -39.91 -26.03 -19.81
C7 NAG M . -36.30 -24.00 -14.54
C8 NAG M . -35.05 -23.44 -13.95
N2 NAG M . -36.25 -24.32 -15.84
O3 NAG M . -36.58 -27.12 -16.32
O4 NAG M . -37.74 -27.82 -18.86
O5 NAG M . -39.02 -24.44 -18.30
O6 NAG M . -40.42 -27.26 -19.33
O7 NAG M . -37.32 -24.16 -13.87
CAV SY9 N . -18.10 -19.58 -21.89
CAU SY9 N . -17.79 -21.01 -21.50
CAT SY9 N . -17.77 -21.13 -19.94
CAN SY9 N . -19.22 -20.94 -19.54
CAK SY9 N . -19.86 -19.60 -19.97
NAH SY9 N . -21.25 -20.06 -20.18
CAA SY9 N . -21.66 -19.75 -21.48
CAF SY9 N . -22.87 -19.97 -22.13
CAE SY9 N . -23.00 -19.57 -23.45
CAD SY9 N . -21.94 -18.98 -24.12
CAC SY9 N . -20.72 -18.75 -23.50
CAB SY9 N . -20.58 -19.15 -22.18
CAG SY9 N . -19.40 -19.03 -21.30
CAW SY9 N . -19.13 -17.52 -21.10
CAX SY9 N . -17.62 -17.33 -21.35
NAY SY9 N . -16.98 -18.68 -21.50
CAS SY9 N . -16.28 -18.96 -20.21
CAR SY9 N . -16.85 -20.05 -19.38
CAQ SY9 N . -16.75 -19.93 -18.04
CAP SY9 N . -17.48 -20.89 -17.10
OAO SY9 N . -18.85 -20.49 -17.12
CAM SY9 N . -19.61 -21.22 -18.08
CAL SY9 N . -21.12 -20.92 -17.84
CAI SY9 N . -21.91 -20.72 -19.15
OAJ SY9 N . -23.06 -21.14 -19.28
C1 NAG O . -42.49 15.35 13.31
C2 NAG O . -43.88 14.91 13.79
C3 NAG O . -44.66 16.11 14.36
C4 NAG O . -43.83 16.83 15.42
C5 NAG O . -42.45 17.19 14.86
C6 NAG O . -41.54 17.82 15.88
C7 NAG O . -45.02 14.75 11.56
C8 NAG O . -45.79 13.84 10.66
N2 NAG O . -44.65 14.24 12.74
O3 NAG O . -45.88 15.64 14.93
O4 NAG O . -44.50 18.01 15.84
O5 NAG O . -41.79 16.00 14.39
O6 NAG O . -41.59 19.24 15.81
O7 NAG O . -44.76 15.92 11.22
C1 NAG P . -46.34 9.14 8.98
C2 NAG P . -46.13 9.50 10.46
C3 NAG P . -46.81 8.47 11.37
C4 NAG P . -48.27 8.28 10.97
C5 NAG P . -48.37 7.94 9.48
C6 NAG P . -49.79 7.83 9.00
C7 NAG P . -43.76 8.72 10.71
C8 NAG P . -42.40 9.15 11.13
N2 NAG P . -44.72 9.66 10.80
O3 NAG P . -46.74 8.92 12.73
O4 NAG P . -48.84 7.22 11.73
O5 NAG P . -47.74 8.98 8.72
O6 NAG P . -50.21 9.02 8.34
O7 NAG P . -43.99 7.57 10.32
CAV SY9 Q . -33.83 -6.24 2.80
CAU SY9 Q . -33.70 -6.85 4.19
CAT SY9 Q . -32.89 -5.91 5.10
CAN SY9 Q . -33.78 -4.72 5.32
CAK SY9 Q . -34.20 -3.95 4.04
NAH SY9 Q . -35.54 -3.48 4.43
CAA SY9 Q . -36.49 -3.88 3.48
CAF SY9 Q . -37.85 -3.64 3.39
CAE SY9 Q . -38.55 -4.19 2.33
CAD SY9 Q . -37.92 -4.96 1.37
CAC SY9 Q . -36.55 -5.22 1.42
CAB SY9 Q . -35.84 -4.68 2.50
CAG SY9 Q . -34.39 -4.80 2.78
CAW SY9 Q . -33.63 -4.11 1.63
CAX SY9 Q . -32.60 -5.15 1.12
NAY SY9 Q . -32.50 -6.22 2.14
CAS SY9 Q . -31.32 -5.90 2.97
CAR SY9 Q . -31.58 -5.54 4.40
CAQ SY9 Q . -30.79 -4.62 4.96
CAP SY9 Q . -31.07 -4.09 6.35
OAO SY9 Q . -32.11 -3.13 6.20
CAM SY9 Q . -33.40 -3.70 6.40
CAL SY9 Q . -34.43 -2.54 6.46
CAI SY9 Q . -35.71 -2.79 5.64
OAJ SY9 Q . -36.79 -2.39 6.00
CAV SY9 R . -24.14 23.54 5.95
CAU SY9 R . -23.68 24.00 7.34
CAT SY9 R . -22.21 24.43 7.29
CAN SY9 R . -22.23 25.72 6.48
CAK SY9 R . -22.77 25.59 5.03
NAH SY9 R . -23.40 26.92 4.85
CAA SY9 R . -24.72 26.75 4.42
CAF SY9 R . -25.67 27.69 4.08
CAE SY9 R . -26.94 27.25 3.70
CAD SY9 R . -27.22 25.90 3.67
CAC SY9 R . -26.30 24.93 4.02
CAB SY9 R . -25.04 25.36 4.41
CAG SY9 R . -23.87 24.56 4.82
CAW SY9 R . -23.48 23.69 3.61
CAX SY9 R . -23.48 22.23 4.11
NAY SY9 R . -23.46 22.27 5.61
CAS SY9 R . -22.04 22.13 6.01
CAR SY9 R . -21.39 23.33 6.63
CAQ SY9 R . -20.12 23.59 6.27
CAP SY9 R . -19.40 24.84 6.75
OAO SY9 R . -19.84 25.91 5.91
CAM SY9 R . -20.97 26.58 6.46
CAL SY9 R . -21.21 27.87 5.63
CAI SY9 R . -22.66 28.08 5.14
OAJ SY9 R . -23.15 29.19 5.03
C1 NAG S . -4.09 40.49 -2.62
C2 NAG S . -5.23 41.39 -2.11
C3 NAG S . -6.18 41.82 -3.24
C4 NAG S . -5.39 42.42 -4.39
C5 NAG S . -4.30 41.45 -4.84
C6 NAG S . -3.42 42.01 -5.94
C7 NAG S . -6.70 39.81 -0.66
C8 NAG S . -6.93 38.81 -1.79
N2 NAG S . -5.93 40.91 -0.91
O3 NAG S . -7.12 42.77 -2.74
O4 NAG S . -6.24 42.70 -5.49
O5 NAG S . -3.43 41.13 -3.74
O6 NAG S . -4.10 43.02 -6.67
O7 NAG S . -7.18 39.62 0.44
#